data_7USW
#
_entry.id   7USW
#
_cell.length_a   1.00
_cell.length_b   1.00
_cell.length_c   1.00
_cell.angle_alpha   90.00
_cell.angle_beta   90.00
_cell.angle_gamma   90.00
#
_symmetry.space_group_name_H-M   'P 1'
#
loop_
_entity.id
_entity.type
_entity.pdbx_description
1 polymer 'Transmembrane channel-like protein 1'
2 polymer 'CALMyrin (Calcium and Integrin Binding protein) homolog'
3 polymer 'Transmembrane inner ear expressed protein'
4 non-polymer 'CALCIUM ION'
5 non-polymer 1,2-dioleoyl-sn-glycero-3-phosphoethanolamine
6 non-polymer 1,2-Distearoyl-sn-glycerophosphoethanolamine
7 non-polymer undecan-1-ol
8 non-polymer DODECANE
9 non-polymer CHOLESTEROL
10 non-polymer HEXADECANE
11 non-polymer 2-acetamido-2-deoxy-beta-D-glucopyranose
12 non-polymer 'PALMITIC ACID'
#
loop_
_entity_poly.entity_id
_entity_poly.type
_entity_poly.pdbx_seq_one_letter_code
_entity_poly.pdbx_strand_id
1 'polypeptide(L)'
;MQEAARRASLRKEHTPTNEKFGDLSKQDSLGERASSKLTLDDELYDILYAFGETDAFINKGDKQRETDEDGNPLTRQALL
ERIRQKKEVIGKLRCQAWSMTRKRRTLKLAQKYLEQHESKVSRSHLYMEEMRKRARLMKRSFSNFKTYLIPWESKIKRIE
SHFGSVVSSYFTFLRWIVFVNIMITLIALVFVVLPETLADSVANEGRFNRTKTRKQIPANERVHADELAVVWHYDGYLRY
SPLFYGYYSDDPFLGNKIKYALPLAYFMVTLTIFAYSFFAILRKMAANARMSKLSGSKAEQYIFNWKLFTGWDYTIGNSE
TASNTVMAVVIKLRESIADIKKDAHGKFRLLQFSLRVFANIIICAMLGFSIYCIIFAVQKSQVQDDGNLFTKNQVPSVVS
TITHVFPMIFDLIGKMENYHPRTALRAHLGRVLILYTVNYITLIFALFEKMTALRDRVNSTSTSSSHRTKRQQGGWNPNM
QRPPPYASRAEVRQMSDFLAANTRRFQTVSQRTTRSVTTPFTVAPQFGPFNVNNPNAVFHNGTHSTSFESQILGPKALPI
FTPPPRKYPGFTPGNVGQQFGGPDFPRNQVYTKSTPLPRVRTKPPWVYTTTHPPLVQNRAMTTTMSKSAKKGNSKNLDDD
ILLSNETIQMSEAALRRNHDGHNNDICWETIIGQEIVKLVTMDLIFTILSILVIDLFRGLWIKYCSSWWCWDIETTFPEY
GEFKVAENVLHIINNQGMIWLGLFFAPLLPAINNIKLIILMYIRGWAVMTCNVPAREIFRASRSSNFYLGILLIWLLLCT
LPVGFVIASMSPSRSCGPFARYQHFYTVVTREIEKRVDQTVLSYIRHIASPGVVIPIILFLILIIYFLFSLVRGLREANT
DLQAQLVHERTEEKKKIFELAGGKKNKFEKDRDKKRSNDYIPLIEQRRREPWRQYHEMEADHALASDSSEESDINEDEDD
ERQPLTAYPLRAIETPPETLQVTAFHPSLGSLIENREMEDEESASGDQLPMIHKSVSFQGPSHMQMRQSISTESCSQISR
SAIQVATPEEIRALLRPYLEAKYGIPYQHGIKSFPIDVHTPPNNTPSRRSSKYNSFVSLYEHTRDDHKNFVASTIKETDE
DPGKSDKKQTSSKDVAPDFMPWPSADEARALREKMKSKTPLMLTKTTVEEKPKGGKSSESEFRPPVPIHRKYNIQTTEEE
NEEEETDSAPESSKKRFRISVSPTKTIAPASASRAQHKIVSQASSSSSIPHGRQPDPNKKASLVLPPLRAPRVQFDEDDS
PRQID
;
A,B
2 'polypeptide(L)'
;MGNNASSLSELNLFSKGGVFTREQLDEYQDCTFFTRKDIIRLYKRFYALNPHKVPTNMQGNRPAITTLTFEEVEKMPELK
ENPFKRRICEVFSEDGRGNLSFDDFLDMFSVFSEMAPLQLKLKYAFRIYDYDGDELLGHDDLSKMIRSLTRDELSDVEVE
FIIERIIEEADLDGDSSINFAEFEHVVSRSPDFIRTFHIRI
;
C,E
3 'polypeptide(L)'
;MPSGNEEINHLSALDQFVAPGLRLWMLIALVGGVLLIMIVIVCCFMRIRIPRTKRQIDLIAAKRKLRKSTKNSAEANAHN
DERAQAIVMNSMPSGGGGGAPSTSSSRHTGSRIQSQV
;
D,F
#
# COMPACT_ATOMS: atom_id res chain seq x y z
N THR A 75 44.74 10.41 -5.64
CA THR A 75 45.02 10.11 -7.04
C THR A 75 43.81 9.47 -7.71
N ARG A 76 43.58 8.19 -7.40
CA ARG A 76 42.43 7.48 -7.97
C ARG A 76 41.11 8.09 -7.51
N GLN A 77 41.02 8.43 -6.22
CA GLN A 77 39.79 9.03 -5.71
C GLN A 77 39.53 10.39 -6.35
N ALA A 78 40.58 11.20 -6.50
CA ALA A 78 40.43 12.50 -7.15
C ALA A 78 40.00 12.33 -8.60
N LEU A 79 40.58 11.36 -9.30
CA LEU A 79 40.18 11.10 -10.69
C LEU A 79 38.73 10.68 -10.77
N LEU A 80 38.29 9.81 -9.86
CA LEU A 80 36.89 9.38 -9.85
C LEU A 80 35.96 10.56 -9.58
N GLU A 81 36.34 11.42 -8.63
CA GLU A 81 35.52 12.59 -8.32
C GLU A 81 35.43 13.52 -9.51
N ARG A 82 36.55 13.76 -10.20
CA ARG A 82 36.54 14.63 -11.37
C ARG A 82 35.68 14.04 -12.48
N ILE A 83 35.80 12.72 -12.72
CA ILE A 83 34.99 12.09 -13.75
C ILE A 83 33.50 12.19 -13.41
N ARG A 84 33.15 11.94 -12.15
CA ARG A 84 31.76 12.03 -11.74
C ARG A 84 31.22 13.45 -11.89
N GLN A 85 32.01 14.45 -11.50
CA GLN A 85 31.58 15.84 -11.63
C GLN A 85 31.38 16.21 -13.10
N LYS A 86 32.32 15.82 -13.97
CA LYS A 86 32.18 16.13 -15.38
C LYS A 86 30.95 15.45 -15.98
N LYS A 87 30.73 14.17 -15.64
CA LYS A 87 29.57 13.47 -16.16
C LYS A 87 28.28 14.10 -15.69
N GLU A 88 28.20 14.47 -14.41
CA GLU A 88 27.01 15.11 -13.89
C GLU A 88 26.75 16.46 -14.55
N VAL A 89 27.81 17.26 -14.74
CA VAL A 89 27.64 18.56 -15.38
C VAL A 89 27.15 18.40 -16.81
N ILE A 90 27.75 17.46 -17.55
CA ILE A 90 27.35 17.27 -18.95
C ILE A 90 25.92 16.76 -19.03
N GLY A 91 25.53 15.86 -18.12
CA GLY A 91 24.16 15.38 -18.12
C GLY A 91 23.14 16.45 -17.76
N LYS A 92 23.46 17.29 -16.78
CA LYS A 92 22.55 18.31 -16.32
C LYS A 92 22.59 19.59 -17.16
N LEU A 93 23.51 19.67 -18.13
CA LEU A 93 23.63 20.86 -18.95
C LEU A 93 22.31 21.24 -19.62
N ARG A 94 21.55 20.25 -20.08
CA ARG A 94 20.31 20.57 -20.79
C ARG A 94 19.21 21.04 -19.86
N CYS A 95 19.13 20.49 -18.65
CA CYS A 95 18.06 20.81 -17.72
C CYS A 95 18.36 22.04 -16.87
N GLN A 96 19.26 22.91 -17.32
CA GLN A 96 19.69 24.07 -16.56
C GLN A 96 19.13 25.34 -17.18
N ALA A 97 18.70 26.27 -16.33
CA ALA A 97 18.14 27.54 -16.78
C ALA A 97 19.25 28.55 -17.09
N TRP A 98 20.13 28.15 -18.00
CA TRP A 98 21.25 28.97 -18.43
C TRP A 98 21.04 29.46 -19.86
N SER A 99 21.79 30.49 -20.22
CA SER A 99 21.77 30.99 -21.59
C SER A 99 22.51 30.02 -22.50
N MET A 100 22.31 30.20 -23.81
CA MET A 100 22.95 29.32 -24.78
C MET A 100 24.46 29.51 -24.78
N THR A 101 24.92 30.77 -24.69
CA THR A 101 26.36 31.02 -24.65
C THR A 101 27.00 30.41 -23.41
N ARG A 102 26.34 30.53 -22.26
CA ARG A 102 26.85 29.92 -21.04
C ARG A 102 26.88 28.40 -21.16
N LYS A 103 25.83 27.82 -21.74
CA LYS A 103 25.80 26.37 -21.93
C LYS A 103 26.93 25.91 -22.83
N ARG A 104 27.17 26.62 -23.93
CA ARG A 104 28.25 26.24 -24.83
C ARG A 104 29.62 26.41 -24.15
N ARG A 105 29.80 27.48 -23.39
CA ARG A 105 31.05 27.68 -22.67
C ARG A 105 31.29 26.54 -21.68
N THR A 106 30.26 26.15 -20.94
CA THR A 106 30.40 25.06 -19.98
C THR A 106 30.70 23.75 -20.69
N LEU A 107 30.06 23.52 -21.84
CA LEU A 107 30.32 22.30 -22.60
C LEU A 107 31.77 22.25 -23.07
N LYS A 108 32.28 23.36 -23.61
CA LYS A 108 33.68 23.38 -24.05
C LYS A 108 34.64 23.22 -22.88
N LEU A 109 34.34 23.85 -21.74
CA LEU A 109 35.20 23.70 -20.57
C LEU A 109 35.21 22.25 -20.09
N ALA A 110 34.05 21.60 -20.05
CA ALA A 110 34.00 20.20 -19.63
C ALA A 110 34.74 19.30 -20.61
N GLN A 111 34.60 19.57 -21.91
CA GLN A 111 35.31 18.76 -22.91
C GLN A 111 36.82 18.92 -22.77
N LYS A 112 37.28 20.16 -22.56
CA LYS A 112 38.71 20.37 -22.38
C LYS A 112 39.22 19.71 -21.12
N TYR A 113 38.45 19.79 -20.03
CA TYR A 113 38.85 19.14 -18.78
C TYR A 113 38.92 17.63 -18.95
N LEU A 114 37.95 17.04 -19.65
CA LEU A 114 37.97 15.60 -19.89
C LEU A 114 39.16 15.20 -20.77
N GLU A 115 39.47 16.01 -21.78
CA GLU A 115 40.63 15.72 -22.62
C GLU A 115 41.92 15.80 -21.82
N GLN A 116 42.04 16.78 -20.93
CA GLN A 116 43.21 16.87 -20.07
C GLN A 116 43.30 15.67 -19.13
N HIS A 117 42.16 15.24 -18.58
CA HIS A 117 42.11 14.14 -17.63
C HIS A 117 42.13 12.77 -18.31
N GLU A 118 42.15 12.72 -19.64
CA GLU A 118 42.16 11.44 -20.34
C GLU A 118 43.41 10.63 -20.00
N SER A 119 44.57 11.28 -19.94
CA SER A 119 45.83 10.61 -19.64
C SER A 119 46.07 10.68 -18.15
N LYS A 120 45.12 10.16 -17.36
CA LYS A 120 45.24 10.16 -15.92
C LYS A 120 44.90 8.78 -15.35
N VAL A 121 44.07 8.03 -16.07
CA VAL A 121 43.57 6.75 -15.60
C VAL A 121 44.17 5.64 -16.46
N SER A 122 43.89 4.40 -16.07
CA SER A 122 44.44 3.23 -16.73
C SER A 122 43.58 2.86 -17.94
N ARG A 123 43.84 1.70 -18.53
CA ARG A 123 43.14 1.28 -19.74
C ARG A 123 41.69 0.88 -19.44
N SER A 124 41.42 0.31 -18.27
CA SER A 124 40.07 -0.13 -17.95
C SER A 124 39.09 1.05 -17.91
N HIS A 125 39.51 2.16 -17.28
CA HIS A 125 38.65 3.33 -17.24
C HIS A 125 38.43 3.90 -18.64
N LEU A 126 39.46 3.89 -19.48
CA LEU A 126 39.30 4.34 -20.86
C LEU A 126 38.30 3.47 -21.61
N TYR A 127 38.38 2.16 -21.43
CA TYR A 127 37.43 1.25 -22.09
C TYR A 127 36.01 1.49 -21.58
N MET A 128 35.85 1.70 -20.28
CA MET A 128 34.53 1.99 -19.72
C MET A 128 33.97 3.29 -20.31
N GLU A 129 34.79 4.33 -20.37
CA GLU A 129 34.34 5.60 -20.94
C GLU A 129 33.99 5.44 -22.42
N GLU A 130 34.79 4.67 -23.17
CA GLU A 130 34.49 4.44 -24.57
C GLU A 130 33.17 3.71 -24.76
N MET A 131 32.91 2.69 -23.94
CA MET A 131 31.66 1.95 -24.07
C MET A 131 30.48 2.82 -23.70
N ARG A 132 30.62 3.65 -22.65
CA ARG A 132 29.54 4.57 -22.29
C ARG A 132 29.28 5.57 -23.41
N LYS A 133 30.34 6.10 -24.02
CA LYS A 133 30.18 7.04 -25.12
C LYS A 133 29.49 6.39 -26.31
N ARG A 134 29.88 5.15 -26.63
CA ARG A 134 29.24 4.43 -27.72
C ARG A 134 27.76 4.20 -27.43
N ALA A 135 27.43 3.83 -26.19
CA ALA A 135 26.03 3.63 -25.83
C ALA A 135 25.23 4.93 -25.96
N ARG A 136 25.80 6.04 -25.47
CA ARG A 136 25.10 7.32 -25.58
C ARG A 136 24.91 7.73 -27.04
N LEU A 137 25.94 7.54 -27.87
CA LEU A 137 25.83 7.90 -29.28
C LEU A 137 24.79 7.04 -29.99
N MET A 138 24.76 5.74 -29.68
CA MET A 138 23.76 4.86 -30.31
C MET A 138 22.36 5.22 -29.86
N LYS A 139 22.19 5.60 -28.59
CA LYS A 139 20.88 6.03 -28.11
C LYS A 139 20.44 7.31 -28.81
N ARG A 140 21.36 8.26 -28.99
CA ARG A 140 21.03 9.49 -29.68
C ARG A 140 20.65 9.23 -31.13
N SER A 141 21.40 8.36 -31.81
CA SER A 141 21.08 8.03 -33.20
C SER A 141 19.73 7.33 -33.31
N PHE A 142 19.44 6.42 -32.38
CA PHE A 142 18.15 5.75 -32.41
C PHE A 142 17.02 6.74 -32.18
N SER A 143 17.20 7.69 -31.26
CA SER A 143 16.17 8.71 -31.05
C SER A 143 15.98 9.56 -32.29
N ASN A 144 17.07 9.95 -32.94
CA ASN A 144 16.97 10.76 -34.15
C ASN A 144 16.22 10.02 -35.25
N PHE A 145 16.48 8.71 -35.40
CA PHE A 145 15.74 7.93 -36.38
C PHE A 145 14.28 7.77 -35.95
N LYS A 146 14.03 7.64 -34.65
CA LYS A 146 12.68 7.39 -34.17
C LYS A 146 11.77 8.60 -34.40
N THR A 147 12.30 9.81 -34.25
CA THR A 147 11.45 10.98 -34.43
C THR A 147 10.95 11.14 -35.86
N TYR A 148 11.51 10.42 -36.82
CA TYR A 148 11.04 10.48 -38.20
C TYR A 148 9.83 9.60 -38.46
N LEU A 149 9.42 8.76 -37.50
CA LEU A 149 8.31 7.83 -37.68
C LEU A 149 7.14 8.14 -36.75
N ILE A 150 7.02 9.39 -36.30
CA ILE A 150 5.92 9.80 -35.43
C ILE A 150 4.92 10.58 -36.28
N PRO A 151 3.72 10.06 -36.51
CA PRO A 151 2.76 10.73 -37.38
C PRO A 151 1.81 11.64 -36.61
N TRP A 152 0.99 12.36 -37.37
CA TRP A 152 -0.09 13.19 -36.83
C TRP A 152 0.43 14.22 -35.84
N GLU A 153 1.53 14.89 -36.20
CA GLU A 153 2.04 15.97 -35.37
C GLU A 153 1.45 17.32 -35.76
N SER A 154 1.38 17.61 -37.05
CA SER A 154 0.78 18.86 -37.51
C SER A 154 -0.71 18.90 -37.18
N LYS A 155 -1.40 17.78 -37.35
CA LYS A 155 -2.84 17.73 -37.06
C LYS A 155 -3.11 17.99 -35.58
N ILE A 156 -2.35 17.32 -34.70
CA ILE A 156 -2.54 17.51 -33.27
C ILE A 156 -2.14 18.92 -32.87
N LYS A 157 -1.10 19.47 -33.49
CA LYS A 157 -0.71 20.85 -33.21
C LYS A 157 -1.81 21.82 -33.60
N ARG A 158 -2.44 21.62 -34.75
CA ARG A 158 -3.52 22.50 -35.18
C ARG A 158 -4.73 22.38 -34.25
N ILE A 159 -5.08 21.16 -33.86
CA ILE A 159 -6.19 20.98 -32.93
C ILE A 159 -5.90 21.64 -31.60
N GLU A 160 -4.66 21.51 -31.11
CA GLU A 160 -4.28 22.14 -29.85
C GLU A 160 -4.36 23.66 -29.95
N SER A 161 -3.86 24.24 -31.05
CA SER A 161 -3.87 25.68 -31.19
C SER A 161 -5.28 26.24 -31.36
N HIS A 162 -6.17 25.47 -31.98
CA HIS A 162 -7.53 25.97 -32.21
C HIS A 162 -8.48 25.70 -31.06
N PHE A 163 -8.25 24.66 -30.26
CA PHE A 163 -9.21 24.25 -29.25
C PHE A 163 -8.66 24.16 -27.83
N GLY A 164 -7.35 24.02 -27.64
CA GLY A 164 -6.77 23.97 -26.32
C GLY A 164 -5.98 22.69 -26.10
N SER A 165 -5.42 22.59 -24.91
CA SER A 165 -4.55 21.48 -24.53
C SER A 165 -5.30 20.37 -23.81
N VAL A 166 -6.61 20.52 -23.60
CA VAL A 166 -7.39 19.49 -22.94
C VAL A 166 -8.10 18.66 -24.00
N VAL A 167 -8.48 19.31 -25.12
CA VAL A 167 -9.08 18.60 -26.24
C VAL A 167 -8.05 17.72 -26.92
N SER A 168 -6.82 18.23 -27.11
CA SER A 168 -5.77 17.47 -27.77
C SER A 168 -5.25 16.31 -26.93
N SER A 169 -5.59 16.26 -25.64
CA SER A 169 -5.22 15.11 -24.83
C SER A 169 -5.86 13.84 -25.35
N TYR A 170 -7.10 13.95 -25.83
CA TYR A 170 -7.76 12.79 -26.44
C TYR A 170 -7.01 12.31 -27.67
N PHE A 171 -6.52 13.24 -28.49
CA PHE A 171 -5.83 12.83 -29.71
C PHE A 171 -4.47 12.22 -29.41
N THR A 172 -3.75 12.76 -28.42
CA THR A 172 -2.50 12.13 -28.02
C THR A 172 -2.73 10.75 -27.42
N PHE A 173 -3.79 10.59 -26.62
CA PHE A 173 -4.16 9.29 -26.10
C PHE A 173 -4.48 8.32 -27.22
N LEU A 174 -5.21 8.77 -28.23
CA LEU A 174 -5.55 7.93 -29.37
C LEU A 174 -4.31 7.52 -30.15
N ARG A 175 -3.35 8.43 -30.31
CA ARG A 175 -2.11 8.08 -31.00
C ARG A 175 -1.32 7.04 -30.22
N TRP A 176 -1.25 7.18 -28.90
CA TRP A 176 -0.58 6.16 -28.09
C TRP A 176 -1.29 4.82 -28.19
N ILE A 177 -2.62 4.83 -28.20
CA ILE A 177 -3.40 3.60 -28.34
C ILE A 177 -3.12 2.96 -29.70
N VAL A 178 -2.99 3.77 -30.75
CA VAL A 178 -2.65 3.26 -32.07
C VAL A 178 -1.28 2.58 -32.04
N PHE A 179 -0.31 3.21 -31.37
CA PHE A 179 1.01 2.60 -31.28
C PHE A 179 0.97 1.26 -30.55
N VAL A 180 0.24 1.21 -29.43
CA VAL A 180 0.14 -0.04 -28.67
C VAL A 180 -0.53 -1.12 -29.50
N ASN A 181 -1.59 -0.76 -30.23
CA ASN A 181 -2.28 -1.74 -31.07
C ASN A 181 -1.40 -2.22 -32.20
N ILE A 182 -0.55 -1.34 -32.75
CA ILE A 182 0.37 -1.75 -33.80
C ILE A 182 1.40 -2.73 -33.25
N MET A 183 1.90 -2.47 -32.03
CA MET A 183 2.83 -3.42 -31.42
C MET A 183 2.17 -4.78 -31.19
N ILE A 184 0.93 -4.78 -30.72
CA ILE A 184 0.18 -6.03 -30.51
C ILE A 184 -0.02 -6.74 -31.84
N THR A 185 -0.34 -5.99 -32.90
CA THR A 185 -0.49 -6.58 -34.22
C THR A 185 0.79 -7.25 -34.70
N LEU A 186 1.92 -6.58 -34.51
CA LEU A 186 3.20 -7.17 -34.90
C LEU A 186 3.50 -8.43 -34.11
N ILE A 187 3.22 -8.40 -32.79
CA ILE A 187 3.46 -9.57 -31.96
C ILE A 187 2.63 -10.75 -32.45
N ALA A 188 1.34 -10.52 -32.72
CA ALA A 188 0.45 -11.59 -33.13
C ALA A 188 0.61 -11.97 -34.60
N LEU A 189 1.31 -11.17 -35.39
CA LEU A 189 1.50 -11.44 -36.81
C LEU A 189 2.83 -12.10 -37.13
N VAL A 190 3.88 -11.82 -36.36
CA VAL A 190 5.18 -12.42 -36.64
C VAL A 190 5.17 -13.91 -36.31
N PHE A 191 4.54 -14.28 -35.20
CA PHE A 191 4.67 -15.63 -34.67
C PHE A 191 3.49 -16.54 -34.96
N VAL A 192 2.36 -16.02 -35.42
CA VAL A 192 1.17 -16.85 -35.60
C VAL A 192 0.70 -16.82 -37.05
N VAL A 193 0.32 -15.62 -37.54
CA VAL A 193 -0.29 -15.53 -38.86
C VAL A 193 0.72 -15.84 -39.95
N LEU A 194 1.91 -15.21 -39.88
CA LEU A 194 2.90 -15.40 -40.94
C LEU A 194 3.41 -16.84 -41.03
N PRO A 195 3.84 -17.49 -39.93
CA PRO A 195 4.29 -18.89 -40.08
C PRO A 195 3.21 -19.82 -40.60
N GLU A 196 1.96 -19.63 -40.15
CA GLU A 196 0.88 -20.47 -40.64
C GLU A 196 0.62 -20.25 -42.12
N THR A 197 0.65 -18.99 -42.56
CA THR A 197 0.45 -18.70 -43.98
C THR A 197 1.57 -19.29 -44.82
N LEU A 198 2.82 -19.18 -44.36
CA LEU A 198 3.94 -19.78 -45.09
C LEU A 198 3.81 -21.30 -45.15
N ALA A 199 3.39 -21.93 -44.05
CA ALA A 199 3.19 -23.37 -44.06
C ALA A 199 2.08 -23.76 -45.02
N ASP A 200 1.01 -22.97 -45.06
CA ASP A 200 -0.08 -23.23 -45.99
C ASP A 200 0.38 -23.12 -47.44
N SER A 201 1.25 -22.14 -47.73
CA SER A 201 1.71 -21.95 -49.10
C SER A 201 2.53 -23.15 -49.58
N VAL A 202 3.31 -23.77 -48.68
CA VAL A 202 4.13 -24.92 -49.04
C VAL A 202 3.52 -26.23 -48.54
N ALA A 203 2.21 -26.24 -48.24
CA ALA A 203 1.56 -27.42 -47.70
C ALA A 203 1.62 -28.60 -48.67
N ASN A 204 2.07 -29.75 -48.17
CA ASN A 204 2.15 -30.96 -49.00
C ASN A 204 0.76 -31.60 -49.11
N GLU A 205 0.75 -32.80 -49.70
CA GLU A 205 -0.50 -33.54 -49.83
C GLU A 205 -1.08 -33.90 -48.46
N GLY A 206 -0.23 -34.34 -47.54
CA GLY A 206 -0.72 -34.72 -46.22
C GLY A 206 -1.31 -33.55 -45.46
N ARG A 207 -0.61 -32.42 -45.44
CA ARG A 207 -1.12 -31.25 -44.72
C ARG A 207 -2.36 -30.70 -45.40
N PHE A 208 -2.38 -30.71 -46.74
CA PHE A 208 -3.57 -30.25 -47.45
C PHE A 208 -4.78 -31.11 -47.12
N ASN A 209 -4.59 -32.43 -47.08
CA ASN A 209 -5.69 -33.32 -46.71
C ASN A 209 -6.13 -33.09 -45.27
N ARG A 210 -5.17 -32.86 -44.37
CA ARG A 210 -5.50 -32.66 -42.96
C ARG A 210 -6.19 -31.33 -42.71
N THR A 211 -5.93 -30.31 -43.52
CA THR A 211 -6.47 -28.97 -43.29
C THR A 211 -7.53 -28.55 -44.30
N LYS A 212 -7.94 -29.43 -45.21
CA LYS A 212 -8.98 -29.06 -46.15
C LYS A 212 -10.30 -28.76 -45.44
N THR A 213 -10.62 -29.52 -44.39
CA THR A 213 -11.90 -29.35 -43.71
C THR A 213 -12.01 -28.03 -42.96
N ARG A 214 -10.90 -27.29 -42.78
CA ARG A 214 -10.94 -26.02 -42.07
C ARG A 214 -10.39 -24.84 -42.85
N LYS A 215 -9.71 -25.08 -43.97
CA LYS A 215 -9.15 -23.98 -44.76
C LYS A 215 -9.82 -23.85 -46.13
N GLN A 216 -10.77 -24.71 -46.47
CA GLN A 216 -11.46 -24.67 -47.75
C GLN A 216 -12.95 -24.54 -47.51
N ILE A 217 -13.57 -23.57 -48.16
CA ILE A 217 -15.03 -23.40 -48.04
C ILE A 217 -15.73 -24.51 -48.79
N PRO A 218 -16.73 -25.18 -48.20
CA PRO A 218 -17.40 -26.28 -48.90
C PRO A 218 -18.10 -25.79 -50.17
N ALA A 219 -18.10 -26.63 -51.19
CA ALA A 219 -18.72 -26.29 -52.46
C ALA A 219 -20.23 -26.09 -52.32
N ASN A 220 -20.85 -26.70 -51.31
CA ASN A 220 -22.26 -26.47 -51.07
C ASN A 220 -22.52 -25.01 -50.70
N GLU A 221 -21.68 -24.45 -49.83
CA GLU A 221 -21.84 -23.08 -49.37
C GLU A 221 -21.08 -22.06 -50.23
N ARG A 222 -20.12 -22.52 -51.03
CA ARG A 222 -19.29 -21.61 -51.80
C ARG A 222 -20.12 -20.76 -52.77
N VAL A 223 -21.25 -21.28 -53.24
CA VAL A 223 -22.09 -20.52 -54.15
C VAL A 223 -22.69 -19.30 -53.45
N HIS A 224 -23.01 -19.44 -52.16
CA HIS A 224 -23.60 -18.36 -51.37
C HIS A 224 -22.55 -17.59 -50.57
N ALA A 225 -21.31 -17.51 -51.07
CA ALA A 225 -20.24 -16.88 -50.32
C ALA A 225 -20.41 -15.37 -50.24
N ASP A 226 -21.06 -14.77 -51.23
CA ASP A 226 -21.26 -13.32 -51.26
C ASP A 226 -22.76 -13.04 -51.45
N GLU A 227 -23.40 -12.52 -50.42
CA GLU A 227 -24.83 -12.27 -50.47
C GLU A 227 -25.26 -10.98 -49.78
N LEU A 228 -24.31 -10.11 -49.40
CA LEU A 228 -24.56 -8.84 -48.70
C LEU A 228 -24.97 -9.14 -47.27
N ALA A 229 -25.22 -10.41 -46.96
CA ALA A 229 -25.55 -10.88 -45.62
C ALA A 229 -24.59 -11.93 -45.12
N VAL A 230 -24.14 -12.83 -45.99
CA VAL A 230 -23.03 -13.71 -45.65
C VAL A 230 -21.76 -12.91 -45.46
N VAL A 231 -21.51 -11.95 -46.34
CA VAL A 231 -20.32 -11.10 -46.22
C VAL A 231 -20.42 -10.20 -44.99
N TRP A 232 -21.59 -9.58 -44.78
CA TRP A 232 -21.76 -8.68 -43.65
C TRP A 232 -21.67 -9.39 -42.31
N HIS A 233 -21.89 -10.71 -42.28
CA HIS A 233 -21.78 -11.49 -41.06
C HIS A 233 -20.45 -12.22 -40.95
N TYR A 234 -19.49 -11.89 -41.81
CA TYR A 234 -18.15 -12.49 -41.81
C TYR A 234 -18.20 -13.99 -42.02
N ASP A 235 -19.22 -14.46 -42.75
CA ASP A 235 -19.31 -15.87 -43.14
C ASP A 235 -18.69 -16.04 -44.52
N GLY A 236 -18.84 -17.23 -45.09
CA GLY A 236 -18.32 -17.46 -46.43
C GLY A 236 -16.81 -17.47 -46.44
N TYR A 237 -16.22 -16.62 -47.29
CA TYR A 237 -14.77 -16.61 -47.45
C TYR A 237 -14.06 -16.09 -46.22
N LEU A 238 -14.71 -15.23 -45.43
CA LEU A 238 -14.08 -14.68 -44.24
C LEU A 238 -13.99 -15.68 -43.10
N ARG A 239 -14.94 -16.63 -43.03
CA ARG A 239 -14.91 -17.63 -41.97
C ARG A 239 -13.72 -18.57 -42.13
N TYR A 240 -13.26 -18.79 -43.35
CA TYR A 240 -12.13 -19.67 -43.64
C TYR A 240 -10.87 -18.86 -43.94
N SER A 241 -10.67 -17.75 -43.23
CA SER A 241 -9.56 -16.84 -43.39
C SER A 241 -8.73 -16.83 -42.13
N PRO A 242 -7.45 -16.40 -42.20
CA PRO A 242 -6.61 -16.38 -41.01
C PRO A 242 -7.11 -15.45 -39.91
N LEU A 243 -8.23 -14.79 -40.15
CA LEU A 243 -8.80 -13.87 -39.17
C LEU A 243 -9.42 -14.59 -37.98
N PHE A 244 -9.72 -15.89 -38.11
CA PHE A 244 -10.47 -16.60 -37.09
C PHE A 244 -9.70 -17.81 -36.58
N TYR A 245 -10.13 -18.27 -35.40
CA TYR A 245 -9.42 -19.33 -34.68
C TYR A 245 -9.48 -20.66 -35.41
N GLY A 246 -10.60 -20.97 -36.08
CA GLY A 246 -10.77 -22.27 -36.69
C GLY A 246 -9.94 -22.51 -37.94
N TYR A 247 -9.28 -21.47 -38.46
CA TYR A 247 -8.50 -21.62 -39.68
C TYR A 247 -7.19 -22.37 -39.45
N TYR A 248 -6.66 -22.35 -38.23
CA TYR A 248 -5.33 -22.86 -37.94
C TYR A 248 -5.35 -24.37 -37.70
N SER A 249 -4.26 -25.02 -38.05
CA SER A 249 -4.19 -26.48 -38.08
C SER A 249 -3.69 -27.05 -36.76
N ASP A 250 -3.88 -28.36 -36.61
CA ASP A 250 -3.53 -29.10 -35.40
C ASP A 250 -2.15 -29.75 -35.47
N ASP A 251 -1.44 -29.60 -36.57
CA ASP A 251 -0.14 -30.25 -36.70
C ASP A 251 0.82 -29.73 -35.64
N PRO A 252 1.46 -30.60 -34.86
CA PRO A 252 2.42 -30.12 -33.86
C PRO A 252 3.58 -29.35 -34.47
N PHE A 253 4.02 -29.72 -35.67
CA PHE A 253 5.11 -29.06 -36.35
C PHE A 253 4.63 -28.51 -37.68
N LEU A 254 5.05 -27.28 -38.01
CA LEU A 254 4.68 -26.69 -39.28
C LEU A 254 5.27 -27.45 -40.46
N GLY A 255 6.50 -27.91 -40.32
CA GLY A 255 7.13 -28.66 -41.39
C GLY A 255 8.53 -29.08 -41.00
N ASN A 256 9.24 -29.64 -41.99
CA ASN A 256 10.60 -30.08 -41.77
C ASN A 256 11.58 -28.92 -41.85
N LYS A 257 12.73 -29.09 -41.21
CA LYS A 257 13.83 -28.12 -41.22
C LYS A 257 13.45 -26.82 -40.51
N ILE A 258 12.25 -26.76 -39.95
CA ILE A 258 11.80 -25.59 -39.20
C ILE A 258 11.36 -26.02 -37.81
N LYS A 259 10.47 -27.01 -37.75
CA LYS A 259 9.95 -27.56 -36.48
C LYS A 259 9.37 -26.45 -35.61
N TYR A 260 8.39 -25.74 -36.18
CA TYR A 260 7.72 -24.65 -35.49
C TYR A 260 6.40 -25.17 -34.91
N ALA A 261 6.26 -25.06 -33.59
CA ALA A 261 5.05 -25.51 -32.89
C ALA A 261 4.02 -24.40 -32.96
N LEU A 262 2.94 -24.62 -33.72
CA LEU A 262 1.94 -23.58 -33.91
C LEU A 262 0.99 -23.45 -32.71
N PRO A 263 0.45 -24.52 -32.14
CA PRO A 263 -0.40 -24.33 -30.95
C PRO A 263 0.33 -23.67 -29.79
N LEU A 264 1.60 -24.03 -29.57
CA LEU A 264 2.38 -23.39 -28.53
C LEU A 264 2.60 -21.92 -28.84
N ALA A 265 2.88 -21.59 -30.10
CA ALA A 265 3.03 -20.20 -30.51
C ALA A 265 1.73 -19.43 -30.29
N TYR A 266 0.60 -20.05 -30.60
CA TYR A 266 -0.71 -19.42 -30.40
C TYR A 266 -0.94 -19.09 -28.93
N PHE A 267 -0.75 -20.08 -28.06
CA PHE A 267 -0.95 -19.86 -26.63
C PHE A 267 0.00 -18.81 -26.08
N MET A 268 1.29 -18.91 -26.44
CA MET A 268 2.28 -17.99 -25.92
C MET A 268 2.07 -16.58 -26.44
N VAL A 269 1.61 -16.42 -27.69
CA VAL A 269 1.33 -15.09 -28.23
C VAL A 269 0.12 -14.49 -27.53
N THR A 270 -0.91 -15.30 -27.28
CA THR A 270 -2.06 -14.79 -26.54
C THR A 270 -1.67 -14.32 -25.15
N LEU A 271 -0.81 -15.08 -24.46
CA LEU A 271 -0.36 -14.65 -23.14
C LEU A 271 0.55 -13.41 -23.22
N THR A 272 1.43 -13.38 -24.23
CA THR A 272 2.39 -12.29 -24.35
C THR A 272 1.72 -10.98 -24.69
N ILE A 273 0.62 -11.02 -25.46
CA ILE A 273 -0.09 -9.77 -25.77
C ILE A 273 -0.64 -9.14 -24.50
N PHE A 274 -1.24 -9.94 -23.63
CA PHE A 274 -1.74 -9.41 -22.36
C PHE A 274 -0.60 -8.94 -21.47
N ALA A 275 0.49 -9.69 -21.41
CA ALA A 275 1.63 -9.27 -20.60
C ALA A 275 2.19 -7.95 -21.09
N TYR A 276 2.35 -7.79 -22.41
CA TYR A 276 2.87 -6.55 -22.95
C TYR A 276 1.90 -5.39 -22.75
N SER A 277 0.60 -5.65 -22.84
CA SER A 277 -0.37 -4.60 -22.58
C SER A 277 -0.28 -4.10 -21.15
N PHE A 278 -0.18 -5.04 -20.20
CA PHE A 278 0.01 -4.66 -18.80
C PHE A 278 1.29 -3.84 -18.63
N PHE A 279 2.38 -4.31 -19.23
CA PHE A 279 3.66 -3.63 -19.09
C PHE A 279 3.62 -2.24 -19.68
N ALA A 280 3.01 -2.08 -20.85
CA ALA A 280 2.96 -0.77 -21.49
C ALA A 280 2.10 0.20 -20.71
N ILE A 281 0.93 -0.25 -20.22
CA ILE A 281 0.08 0.63 -19.43
C ILE A 281 0.79 1.06 -18.15
N LEU A 282 1.43 0.11 -17.46
CA LEU A 282 2.12 0.44 -16.22
C LEU A 282 3.31 1.37 -16.46
N ARG A 283 4.05 1.13 -17.54
CA ARG A 283 5.19 2.00 -17.86
C ARG A 283 4.75 3.41 -18.20
N LYS A 284 3.66 3.54 -18.97
CA LYS A 284 3.13 4.87 -19.26
C LYS A 284 2.66 5.57 -17.99
N MET A 285 1.99 4.83 -17.11
CA MET A 285 1.55 5.42 -15.85
C MET A 285 2.73 5.91 -15.02
N ALA A 286 3.78 5.09 -14.92
CA ALA A 286 4.96 5.46 -14.15
C ALA A 286 5.65 6.68 -14.75
N ALA A 287 5.77 6.73 -16.08
CA ALA A 287 6.39 7.88 -16.73
C ALA A 287 5.57 9.14 -16.52
N ASN A 288 4.24 9.02 -16.54
CA ASN A 288 3.39 10.19 -16.39
C ASN A 288 3.38 10.70 -14.95
N ALA A 289 3.43 9.80 -13.97
CA ALA A 289 3.32 10.19 -12.57
C ALA A 289 4.67 10.22 -11.86
N ARG A 290 5.39 9.09 -11.84
CA ARG A 290 6.57 8.98 -11.00
C ARG A 290 7.71 9.87 -11.51
N MET A 291 7.85 9.99 -12.82
CA MET A 291 8.93 10.79 -13.39
C MET A 291 8.54 12.23 -13.68
N SER A 292 7.25 12.57 -13.62
CA SER A 292 6.80 13.90 -13.99
C SER A 292 6.11 14.64 -12.85
N LYS A 293 5.17 14.00 -12.15
CA LYS A 293 4.39 14.64 -11.11
C LYS A 293 4.47 13.85 -9.81
N LEU A 294 5.68 13.45 -9.43
CA LEU A 294 5.88 12.77 -8.16
C LEU A 294 5.73 13.71 -6.97
N SER A 295 5.83 15.02 -7.20
CA SER A 295 5.70 16.01 -6.14
C SER A 295 4.28 16.49 -5.93
N GLY A 296 3.33 16.06 -6.76
CA GLY A 296 1.97 16.51 -6.64
C GLY A 296 1.18 15.90 -5.51
N SER A 297 1.72 14.89 -4.84
CA SER A 297 1.02 14.25 -3.74
C SER A 297 0.92 15.19 -2.55
N LYS A 298 -0.16 15.03 -1.78
CA LYS A 298 -0.42 15.82 -0.57
C LYS A 298 -0.48 17.31 -0.89
N ALA A 299 -1.43 17.66 -1.76
CA ALA A 299 -1.68 19.03 -2.15
C ALA A 299 -2.92 19.57 -1.45
N GLU A 300 -2.92 20.87 -1.18
CA GLU A 300 -4.01 21.49 -0.43
C GLU A 300 -4.17 22.94 -0.86
N GLN A 301 -5.37 23.47 -0.62
CA GLN A 301 -5.73 24.86 -0.89
C GLN A 301 -5.16 25.38 -2.20
N TYR A 302 -4.43 26.51 -2.11
CA TYR A 302 -3.77 27.13 -3.27
C TYR A 302 -4.75 27.40 -4.41
N ILE A 303 -5.98 27.80 -4.07
CA ILE A 303 -7.03 28.00 -5.06
C ILE A 303 -6.65 29.14 -6.01
N PHE A 304 -6.33 30.30 -5.45
CA PHE A 304 -6.02 31.45 -6.28
C PHE A 304 -4.69 31.28 -7.00
N ASN A 305 -3.71 30.66 -6.33
CA ASN A 305 -2.43 30.40 -6.95
C ASN A 305 -2.59 29.46 -8.16
N TRP A 306 -3.40 28.42 -8.01
CA TRP A 306 -3.57 27.46 -9.08
C TRP A 306 -4.48 27.98 -10.19
N LYS A 307 -5.40 28.89 -9.87
CA LYS A 307 -6.28 29.46 -10.87
C LYS A 307 -5.76 30.75 -11.47
N LEU A 308 -4.59 31.22 -11.03
CA LEU A 308 -3.96 32.41 -11.61
C LEU A 308 -2.62 32.11 -12.25
N PHE A 309 -1.74 31.38 -11.55
CA PHE A 309 -0.44 31.05 -12.12
C PHE A 309 -0.53 29.99 -13.21
N THR A 310 -1.57 29.16 -13.19
CA THR A 310 -1.82 28.17 -14.22
C THR A 310 -3.15 28.44 -14.91
N GLY A 311 -3.45 29.72 -15.16
CA GLY A 311 -4.72 30.13 -15.69
C GLY A 311 -4.77 30.42 -17.17
N TRP A 312 -3.64 30.35 -17.87
CA TRP A 312 -3.59 30.61 -19.31
C TRP A 312 -2.98 29.41 -20.02
N ASP A 313 -3.64 28.95 -21.08
CA ASP A 313 -3.14 27.86 -21.90
C ASP A 313 -2.20 28.43 -22.95
N TYR A 314 -0.93 28.04 -22.88
CA TYR A 314 0.06 28.58 -23.80
C TYR A 314 -0.06 27.97 -25.19
N THR A 315 -0.78 26.85 -25.32
CA THR A 315 -0.95 26.23 -26.63
C THR A 315 -1.92 27.00 -27.52
N ILE A 316 -2.89 27.69 -26.92
CA ILE A 316 -3.94 28.35 -27.67
C ILE A 316 -3.35 29.45 -28.54
N GLY A 317 -3.73 29.47 -29.82
CA GLY A 317 -3.25 30.47 -30.74
C GLY A 317 -4.34 31.07 -31.61
N ASN A 318 -5.60 30.89 -31.21
CA ASN A 318 -6.74 31.44 -31.92
C ASN A 318 -7.32 32.62 -31.13
N SER A 319 -7.85 33.59 -31.87
CA SER A 319 -8.39 34.79 -31.23
C SER A 319 -9.65 34.48 -30.44
N GLU A 320 -10.61 33.77 -31.05
CA GLU A 320 -11.85 33.46 -30.36
C GLU A 320 -11.61 32.55 -29.16
N THR A 321 -10.73 31.57 -29.30
CA THR A 321 -10.39 30.71 -28.17
C THR A 321 -9.69 31.49 -27.07
N ALA A 322 -8.84 32.45 -27.44
CA ALA A 322 -8.20 33.29 -26.43
C ALA A 322 -9.23 34.12 -25.67
N SER A 323 -10.20 34.71 -26.38
CA SER A 323 -11.25 35.46 -25.71
C SER A 323 -12.07 34.55 -24.80
N ASN A 324 -12.37 33.34 -25.25
CA ASN A 324 -13.10 32.39 -24.41
C ASN A 324 -12.31 32.05 -23.16
N THR A 325 -10.99 31.88 -23.29
CA THR A 325 -10.15 31.58 -22.14
C THR A 325 -10.13 32.75 -21.16
N VAL A 326 -10.06 33.98 -21.68
CA VAL A 326 -10.07 35.16 -20.81
C VAL A 326 -11.39 35.22 -20.03
N MET A 327 -12.51 35.03 -20.73
CA MET A 327 -13.81 35.04 -20.06
C MET A 327 -13.91 33.92 -19.04
N ALA A 328 -13.37 32.74 -19.37
CA ALA A 328 -13.44 31.61 -18.45
C ALA A 328 -12.63 31.88 -17.19
N VAL A 329 -11.44 32.47 -17.33
CA VAL A 329 -10.63 32.76 -16.15
C VAL A 329 -11.28 33.86 -15.30
N VAL A 330 -11.90 34.84 -15.95
CA VAL A 330 -12.62 35.88 -15.21
C VAL A 330 -13.76 35.27 -14.41
N ILE A 331 -14.54 34.39 -15.06
CA ILE A 331 -15.66 33.74 -14.39
C ILE A 331 -15.16 32.87 -13.23
N LYS A 332 -14.06 32.15 -13.45
CA LYS A 332 -13.51 31.30 -12.41
C LYS A 332 -13.11 32.11 -11.19
N LEU A 333 -12.39 33.21 -11.40
CA LEU A 333 -11.98 34.04 -10.27
C LEU A 333 -13.19 34.63 -9.56
N ARG A 334 -14.17 35.12 -10.32
CA ARG A 334 -15.35 35.73 -9.71
C ARG A 334 -16.13 34.71 -8.89
N GLU A 335 -16.31 33.51 -9.41
CA GLU A 335 -17.07 32.50 -8.67
C GLU A 335 -16.31 31.99 -7.46
N SER A 336 -14.97 31.87 -7.56
CA SER A 336 -14.20 31.48 -6.39
C SER A 336 -14.32 32.52 -5.28
N ILE A 337 -14.25 33.80 -5.64
CA ILE A 337 -14.38 34.85 -4.63
C ILE A 337 -15.79 34.90 -4.07
N ALA A 338 -16.81 34.69 -4.91
CA ALA A 338 -18.18 34.68 -4.42
C ALA A 338 -18.40 33.53 -3.45
N ASP A 339 -17.84 32.36 -3.75
CA ASP A 339 -17.96 31.23 -2.84
C ASP A 339 -17.23 31.50 -1.52
N ILE A 340 -16.02 32.07 -1.59
CA ILE A 340 -15.25 32.30 -0.38
C ILE A 340 -15.80 33.46 0.44
N LYS A 341 -16.61 34.33 -0.14
CA LYS A 341 -17.11 35.50 0.59
C LYS A 341 -18.24 35.14 1.55
N LYS A 342 -19.36 34.64 1.01
CA LYS A 342 -20.54 34.42 1.85
C LYS A 342 -20.33 33.25 2.80
N ASP A 343 -19.83 32.11 2.31
CA ASP A 343 -19.60 30.92 3.11
C ASP A 343 -20.86 30.44 3.81
N ALA A 344 -22.03 30.81 3.29
CA ALA A 344 -23.30 30.43 3.88
C ALA A 344 -24.02 29.45 2.96
N HIS A 345 -24.39 28.28 3.50
CA HIS A 345 -25.07 27.24 2.75
C HIS A 345 -26.30 26.79 3.53
N GLY A 346 -27.42 27.49 3.37
CA GLY A 346 -28.67 27.07 3.95
C GLY A 346 -29.81 27.09 2.96
N LYS A 347 -30.35 25.91 2.65
CA LYS A 347 -31.45 25.78 1.70
C LYS A 347 -31.98 24.35 1.70
N PHE A 348 -33.29 24.19 1.60
CA PHE A 348 -33.90 22.86 1.51
C PHE A 348 -35.23 22.92 0.79
N ARG A 349 -35.26 22.52 -0.47
CA ARG A 349 -36.48 22.49 -1.27
C ARG A 349 -36.84 21.04 -1.58
N LEU A 350 -38.09 20.67 -1.30
CA LEU A 350 -38.53 19.31 -1.55
C LEU A 350 -38.58 19.01 -3.04
N LEU A 351 -38.86 20.02 -3.87
CA LEU A 351 -38.94 19.80 -5.32
C LEU A 351 -37.60 19.35 -5.88
N GLN A 352 -36.51 19.98 -5.45
CA GLN A 352 -35.19 19.60 -5.95
C GLN A 352 -34.83 18.18 -5.55
N PHE A 353 -35.10 17.81 -4.29
CA PHE A 353 -34.81 16.46 -3.83
C PHE A 353 -35.65 15.43 -4.59
N SER A 354 -36.93 15.75 -4.82
CA SER A 354 -37.79 14.85 -5.59
C SER A 354 -37.27 14.68 -7.01
N LEU A 355 -36.85 15.77 -7.65
CA LEU A 355 -36.31 15.68 -9.00
C LEU A 355 -35.04 14.83 -9.01
N ARG A 356 -34.15 15.02 -8.02
CA ARG A 356 -32.92 14.26 -7.98
C ARG A 356 -33.19 12.77 -7.82
N VAL A 357 -34.07 12.40 -6.90
CA VAL A 357 -34.35 10.99 -6.67
C VAL A 357 -35.08 10.39 -7.88
N PHE A 358 -35.96 11.16 -8.50
CA PHE A 358 -36.64 10.67 -9.70
C PHE A 358 -35.65 10.40 -10.83
N ALA A 359 -34.68 11.31 -11.02
CA ALA A 359 -33.68 11.11 -12.06
C ALA A 359 -32.79 9.91 -11.75
N ASN A 360 -32.36 9.76 -10.50
CA ASN A 360 -31.55 8.62 -10.12
C ASN A 360 -32.32 7.30 -10.20
N ILE A 361 -33.65 7.37 -10.15
CA ILE A 361 -34.46 6.17 -10.31
C ILE A 361 -34.62 5.81 -11.79
N ILE A 362 -34.89 6.81 -12.64
CA ILE A 362 -35.09 6.51 -14.06
C ILE A 362 -33.76 6.06 -14.68
N ILE A 363 -32.64 6.53 -14.17
CA ILE A 363 -31.35 6.03 -14.66
C ILE A 363 -31.20 4.54 -14.39
N CYS A 364 -31.55 4.10 -13.18
CA CYS A 364 -31.48 2.68 -12.87
C CYS A 364 -32.48 1.88 -13.70
N ALA A 365 -33.67 2.46 -13.93
CA ALA A 365 -34.64 1.79 -14.78
C ALA A 365 -34.11 1.61 -16.20
N MET A 366 -33.44 2.64 -16.74
CA MET A 366 -32.86 2.52 -18.07
C MET A 366 -31.70 1.53 -18.11
N LEU A 367 -30.92 1.45 -17.02
CA LEU A 367 -29.87 0.43 -16.95
C LEU A 367 -30.46 -0.97 -16.98
N GLY A 368 -31.52 -1.20 -16.20
CA GLY A 368 -32.19 -2.50 -16.25
C GLY A 368 -32.79 -2.79 -17.61
N PHE A 369 -33.34 -1.76 -18.26
CA PHE A 369 -33.88 -1.94 -19.60
C PHE A 369 -32.79 -2.29 -20.59
N SER A 370 -31.61 -1.69 -20.44
CA SER A 370 -30.47 -2.05 -21.28
C SER A 370 -30.06 -3.50 -21.07
N ILE A 371 -30.02 -3.94 -19.81
CA ILE A 371 -29.71 -5.35 -19.53
C ILE A 371 -30.72 -6.26 -20.21
N TYR A 372 -32.00 -5.93 -20.07
CA TYR A 372 -33.06 -6.77 -20.65
C TYR A 372 -32.95 -6.80 -22.17
N CYS A 373 -32.68 -5.64 -22.78
CA CYS A 373 -32.56 -5.58 -24.24
C CYS A 373 -31.37 -6.40 -24.73
N ILE A 374 -30.23 -6.31 -24.04
CA ILE A 374 -29.07 -7.09 -24.45
C ILE A 374 -29.36 -8.58 -24.34
N ILE A 375 -29.96 -9.00 -23.23
CA ILE A 375 -30.27 -10.42 -23.03
C ILE A 375 -31.25 -10.90 -24.08
N PHE A 376 -32.28 -10.11 -24.37
CA PHE A 376 -33.28 -10.49 -25.36
C PHE A 376 -32.64 -10.59 -26.75
N ALA A 377 -31.79 -9.65 -27.10
CA ALA A 377 -31.15 -9.67 -28.41
C ALA A 377 -30.23 -10.88 -28.57
N VAL A 378 -29.49 -11.22 -27.52
CA VAL A 378 -28.63 -12.40 -27.59
C VAL A 378 -29.47 -13.67 -27.68
N GLN A 379 -30.54 -13.75 -26.89
CA GLN A 379 -31.37 -14.96 -26.88
C GLN A 379 -32.06 -15.18 -28.22
N LYS A 380 -32.57 -14.11 -28.83
CA LYS A 380 -33.27 -14.25 -30.11
C LYS A 380 -32.34 -14.76 -31.22
N SER A 381 -31.03 -14.56 -31.07
CA SER A 381 -30.06 -15.10 -32.04
C SER A 381 -29.70 -16.54 -31.67
N GLN A 382 -30.73 -17.38 -31.60
CA GLN A 382 -30.59 -18.76 -31.19
C GLN A 382 -30.31 -19.71 -32.34
N VAL A 383 -30.14 -19.18 -33.56
CA VAL A 383 -29.97 -20.00 -34.76
C VAL A 383 -28.49 -20.04 -35.11
N GLN A 384 -28.00 -21.23 -35.44
CA GLN A 384 -26.66 -21.42 -36.00
C GLN A 384 -26.68 -21.63 -37.51
N ASP A 385 -27.67 -22.36 -38.01
CA ASP A 385 -27.86 -22.50 -39.44
C ASP A 385 -28.46 -21.21 -40.01
N ASP A 386 -28.40 -21.09 -41.34
CA ASP A 386 -28.87 -19.89 -42.01
C ASP A 386 -30.39 -19.85 -42.09
N GLY A 387 -31.06 -19.83 -40.93
CA GLY A 387 -32.51 -19.67 -40.94
C GLY A 387 -32.93 -18.27 -41.33
N ASN A 388 -32.27 -17.25 -40.78
CA ASN A 388 -32.53 -15.86 -41.13
C ASN A 388 -31.34 -15.04 -40.66
N LEU A 389 -31.09 -13.93 -41.36
CA LEU A 389 -29.96 -13.06 -41.03
C LEU A 389 -30.36 -11.63 -40.74
N PHE A 390 -31.55 -11.19 -41.12
CA PHE A 390 -32.01 -9.85 -40.77
C PHE A 390 -32.36 -9.70 -39.30
N THR A 391 -32.45 -10.81 -38.56
CA THR A 391 -32.70 -10.79 -37.13
C THR A 391 -31.50 -11.27 -36.31
N LYS A 392 -30.65 -12.13 -36.90
CA LYS A 392 -29.46 -12.59 -36.20
C LYS A 392 -28.48 -11.46 -35.92
N ASN A 393 -28.51 -10.40 -36.73
CA ASN A 393 -27.60 -9.26 -36.58
C ASN A 393 -28.16 -8.18 -35.68
N GLN A 394 -29.02 -8.53 -34.73
CA GLN A 394 -29.63 -7.54 -33.84
C GLN A 394 -28.82 -7.30 -32.59
N VAL A 395 -27.91 -8.20 -32.22
CA VAL A 395 -27.08 -7.98 -31.03
C VAL A 395 -25.99 -6.95 -31.29
N PRO A 396 -25.38 -6.85 -32.49
CA PRO A 396 -24.45 -5.73 -32.69
C PRO A 396 -25.16 -4.40 -32.89
N SER A 397 -26.36 -4.40 -33.46
CA SER A 397 -27.09 -3.16 -33.68
C SER A 397 -27.72 -2.62 -32.40
N VAL A 398 -28.04 -3.50 -31.45
CA VAL A 398 -28.65 -3.05 -30.20
C VAL A 398 -27.59 -2.49 -29.26
N VAL A 399 -26.57 -3.30 -28.95
CA VAL A 399 -25.57 -2.90 -27.96
C VAL A 399 -24.92 -1.59 -28.37
N SER A 400 -24.44 -1.52 -29.62
CA SER A 400 -23.85 -0.29 -30.13
C SER A 400 -24.81 0.87 -29.95
N THR A 401 -26.08 0.66 -30.29
CA THR A 401 -27.07 1.72 -30.12
C THR A 401 -27.05 2.25 -28.69
N ILE A 402 -27.16 1.35 -27.72
CA ILE A 402 -27.10 1.78 -26.32
C ILE A 402 -25.81 2.52 -26.07
N THR A 403 -24.68 1.93 -26.48
CA THR A 403 -23.37 2.53 -26.23
C THR A 403 -23.29 3.92 -26.80
N HIS A 404 -24.07 4.22 -27.83
CA HIS A 404 -24.02 5.51 -28.47
C HIS A 404 -25.23 6.41 -28.17
N VAL A 405 -26.29 5.88 -27.55
CA VAL A 405 -27.48 6.71 -27.41
C VAL A 405 -27.78 6.97 -25.93
N PHE A 406 -27.46 6.00 -25.07
CA PHE A 406 -27.72 6.18 -23.64
C PHE A 406 -26.91 7.33 -23.03
N PRO A 407 -25.62 7.52 -23.34
CA PRO A 407 -24.91 8.69 -22.79
C PRO A 407 -25.63 10.03 -22.94
N MET A 408 -26.06 10.39 -24.16
CA MET A 408 -26.71 11.68 -24.35
C MET A 408 -27.98 11.78 -23.51
N ILE A 409 -28.78 10.71 -23.48
CA ILE A 409 -29.95 10.69 -22.61
C ILE A 409 -29.53 10.94 -21.17
N PHE A 410 -28.45 10.28 -20.73
CA PHE A 410 -27.90 10.55 -19.41
C PHE A 410 -27.66 12.04 -19.21
N ASP A 411 -27.05 12.68 -20.21
CA ASP A 411 -26.78 14.12 -20.13
C ASP A 411 -28.08 14.87 -19.87
N LEU A 412 -29.14 14.52 -20.60
CA LEU A 412 -30.42 15.19 -20.40
C LEU A 412 -30.92 14.99 -18.98
N ILE A 413 -30.77 13.78 -18.45
CA ILE A 413 -31.18 13.53 -17.06
C ILE A 413 -30.34 14.37 -16.12
N GLY A 414 -29.07 14.59 -16.46
CA GLY A 414 -28.22 15.44 -15.64
C GLY A 414 -28.74 16.87 -15.54
N LYS A 415 -29.59 17.28 -16.47
CA LYS A 415 -30.20 18.61 -16.36
C LYS A 415 -31.19 18.66 -15.20
N MET A 416 -31.91 17.56 -14.95
CA MET A 416 -32.82 17.51 -13.82
C MET A 416 -32.06 17.60 -12.51
N GLU A 417 -30.92 16.93 -12.41
CA GLU A 417 -30.08 16.96 -11.22
C GLU A 417 -29.08 18.10 -11.39
N ASN A 418 -29.50 19.31 -11.00
CA ASN A 418 -28.67 20.50 -11.17
C ASN A 418 -27.80 20.70 -9.93
N TYR A 419 -26.48 20.74 -10.14
CA TYR A 419 -25.52 21.06 -9.10
C TYR A 419 -24.21 21.46 -9.78
N HIS A 420 -23.14 21.49 -8.97
CA HIS A 420 -21.81 21.87 -9.41
C HIS A 420 -21.43 21.13 -10.69
N PRO A 421 -21.00 21.85 -11.73
CA PRO A 421 -20.68 21.18 -13.00
C PRO A 421 -19.61 20.12 -12.89
N ARG A 422 -18.65 20.29 -11.98
CA ARG A 422 -17.58 19.31 -11.85
C ARG A 422 -18.12 17.99 -11.32
N THR A 423 -18.90 18.02 -10.25
CA THR A 423 -19.48 16.78 -9.74
C THR A 423 -20.55 16.24 -10.68
N ALA A 424 -21.19 17.11 -11.46
CA ALA A 424 -22.10 16.64 -12.49
C ALA A 424 -21.36 15.82 -13.54
N LEU A 425 -20.20 16.31 -13.98
CA LEU A 425 -19.38 15.57 -14.93
C LEU A 425 -18.88 14.27 -14.33
N ARG A 426 -18.48 14.30 -13.06
CA ARG A 426 -18.02 13.08 -12.41
C ARG A 426 -19.14 12.05 -12.31
N ALA A 427 -20.34 12.50 -11.96
CA ALA A 427 -21.49 11.59 -11.89
C ALA A 427 -21.82 11.02 -13.27
N HIS A 428 -21.77 11.86 -14.31
CA HIS A 428 -22.04 11.37 -15.66
C HIS A 428 -21.01 10.31 -16.06
N LEU A 429 -19.74 10.55 -15.76
CA LEU A 429 -18.71 9.56 -16.06
C LEU A 429 -18.93 8.28 -15.29
N GLY A 430 -19.32 8.39 -14.01
CA GLY A 430 -19.59 7.20 -13.24
C GLY A 430 -20.74 6.38 -13.79
N ARG A 431 -21.83 7.06 -14.18
CA ARG A 431 -22.98 6.36 -14.75
C ARG A 431 -22.62 5.70 -16.07
N VAL A 432 -21.85 6.40 -16.92
CA VAL A 432 -21.45 5.83 -18.20
C VAL A 432 -20.55 4.62 -18.00
N LEU A 433 -19.61 4.72 -17.07
CA LEU A 433 -18.73 3.58 -16.78
C LEU A 433 -19.51 2.39 -16.24
N ILE A 434 -20.47 2.65 -15.35
CA ILE A 434 -21.29 1.57 -14.82
C ILE A 434 -22.10 0.92 -15.93
N LEU A 435 -22.69 1.73 -16.81
CA LEU A 435 -23.45 1.18 -17.93
C LEU A 435 -22.57 0.33 -18.84
N TYR A 436 -21.36 0.82 -19.14
CA TYR A 436 -20.47 0.07 -20.01
C TYR A 436 -20.07 -1.27 -19.38
N THR A 437 -19.71 -1.24 -18.10
CA THR A 437 -19.32 -2.48 -17.42
C THR A 437 -20.48 -3.46 -17.32
N VAL A 438 -21.67 -2.95 -17.03
CA VAL A 438 -22.85 -3.81 -16.93
C VAL A 438 -23.17 -4.45 -18.27
N ASN A 439 -23.12 -3.66 -19.35
CA ASN A 439 -23.35 -4.20 -20.68
C ASN A 439 -22.29 -5.24 -21.05
N TYR A 440 -21.04 -4.96 -20.71
CA TYR A 440 -19.96 -5.91 -20.97
C TYR A 440 -20.22 -7.24 -20.28
N ILE A 441 -20.52 -7.21 -18.98
CA ILE A 441 -20.73 -8.43 -18.23
C ILE A 441 -21.96 -9.17 -18.74
N THR A 442 -23.06 -8.46 -18.99
CA THR A 442 -24.27 -9.09 -19.49
C THR A 442 -24.03 -9.77 -20.82
N LEU A 443 -23.34 -9.08 -21.75
CA LEU A 443 -23.07 -9.64 -23.06
C LEU A 443 -22.17 -10.87 -22.95
N ILE A 444 -21.15 -10.82 -22.10
CA ILE A 444 -20.26 -11.96 -21.96
C ILE A 444 -21.02 -13.16 -21.41
N PHE A 445 -21.82 -12.95 -20.36
CA PHE A 445 -22.59 -14.04 -19.77
C PHE A 445 -23.56 -14.64 -20.77
N ALA A 446 -24.28 -13.78 -21.49
CA ALA A 446 -25.28 -14.26 -22.45
C ALA A 446 -24.60 -15.03 -23.59
N LEU A 447 -23.48 -14.52 -24.09
CA LEU A 447 -22.78 -15.21 -25.18
C LEU A 447 -22.27 -16.57 -24.73
N PHE A 448 -21.67 -16.64 -23.54
CA PHE A 448 -21.15 -17.92 -23.05
C PHE A 448 -22.29 -18.91 -22.83
N GLU A 449 -23.40 -18.46 -22.25
CA GLU A 449 -24.53 -19.35 -22.03
C GLU A 449 -25.10 -19.84 -23.36
N LYS A 450 -25.21 -18.95 -24.35
CA LYS A 450 -25.75 -19.34 -25.64
C LYS A 450 -24.85 -20.36 -26.33
N MET A 451 -23.53 -20.14 -26.28
CA MET A 451 -22.62 -21.11 -26.89
C MET A 451 -22.67 -22.45 -26.18
N THR A 452 -22.75 -22.45 -24.85
CA THR A 452 -22.86 -23.71 -24.12
C THR A 452 -24.13 -24.45 -24.50
N ALA A 453 -25.26 -23.74 -24.56
CA ALA A 453 -26.53 -24.37 -24.91
C ALA A 453 -26.50 -24.91 -26.33
N LEU A 454 -25.94 -24.13 -27.27
CA LEU A 454 -25.87 -24.57 -28.66
C LEU A 454 -24.97 -25.80 -28.80
N ARG A 455 -23.83 -25.82 -28.11
CA ARG A 455 -22.94 -26.97 -28.17
C ARG A 455 -23.61 -28.21 -27.58
N ASP A 456 -24.34 -28.03 -26.47
CA ASP A 456 -25.06 -29.16 -25.87
C ASP A 456 -26.15 -29.68 -26.81
N ARG A 457 -26.89 -28.77 -27.46
CA ARG A 457 -27.96 -29.19 -28.35
C ARG A 457 -27.42 -29.89 -29.59
N VAL A 458 -26.34 -29.37 -30.16
CA VAL A 458 -25.79 -29.96 -31.38
C VAL A 458 -24.96 -31.21 -31.13
N ASN A 459 -24.61 -31.48 -29.87
CA ASN A 459 -23.82 -32.67 -29.54
C ASN A 459 -24.07 -33.10 -28.09
N ASN A 664 -18.88 -32.32 -38.19
CA ASN A 664 -18.63 -32.74 -36.83
C ASN A 664 -19.11 -31.68 -35.83
N ASP A 665 -18.37 -31.54 -34.74
CA ASP A 665 -18.72 -30.55 -33.73
C ASP A 665 -18.53 -29.14 -34.25
N ILE A 666 -19.35 -28.22 -33.76
CA ILE A 666 -19.31 -26.82 -34.17
C ILE A 666 -18.05 -26.17 -33.62
N CYS A 667 -17.71 -25.00 -34.14
CA CYS A 667 -16.54 -24.23 -33.71
C CYS A 667 -17.04 -23.02 -32.94
N TRP A 668 -17.10 -23.13 -31.61
CA TRP A 668 -17.61 -22.04 -30.80
C TRP A 668 -16.63 -20.88 -30.73
N GLU A 669 -15.32 -21.15 -30.83
CA GLU A 669 -14.34 -20.07 -30.80
C GLU A 669 -14.47 -19.17 -32.03
N THR A 670 -14.64 -19.78 -33.21
CA THR A 670 -14.85 -18.98 -34.41
C THR A 670 -16.13 -18.17 -34.30
N ILE A 671 -17.19 -18.74 -33.72
CA ILE A 671 -18.44 -18.02 -33.56
C ILE A 671 -18.27 -16.82 -32.63
N ILE A 672 -17.59 -17.02 -31.50
CA ILE A 672 -17.35 -15.91 -30.58
C ILE A 672 -16.51 -14.82 -31.24
N GLY A 673 -15.47 -15.22 -31.98
CA GLY A 673 -14.69 -14.24 -32.72
C GLY A 673 -15.53 -13.47 -33.71
N GLN A 674 -16.45 -14.16 -34.40
CA GLN A 674 -17.32 -13.49 -35.35
C GLN A 674 -18.22 -12.48 -34.65
N GLU A 675 -18.78 -12.84 -33.50
CA GLU A 675 -19.61 -11.88 -32.76
C GLU A 675 -18.81 -10.67 -32.35
N ILE A 676 -17.58 -10.86 -31.85
CA ILE A 676 -16.77 -9.73 -31.43
C ILE A 676 -16.41 -8.83 -32.61
N VAL A 677 -16.04 -9.43 -33.74
CA VAL A 677 -15.67 -8.64 -34.91
C VAL A 677 -16.88 -7.86 -35.45
N LYS A 678 -18.05 -8.51 -35.48
CA LYS A 678 -19.25 -7.82 -35.92
C LYS A 678 -19.60 -6.67 -34.98
N LEU A 679 -19.43 -6.88 -33.67
CA LEU A 679 -19.66 -5.81 -32.71
C LEU A 679 -18.74 -4.63 -32.96
N VAL A 680 -17.46 -4.90 -33.22
CA VAL A 680 -16.51 -3.82 -33.48
C VAL A 680 -16.87 -3.06 -34.76
N THR A 681 -17.22 -3.79 -35.81
CA THR A 681 -17.58 -3.14 -37.08
C THR A 681 -18.83 -2.29 -36.92
N MET A 682 -19.86 -2.81 -36.26
CA MET A 682 -21.06 -2.03 -36.03
C MET A 682 -20.80 -0.82 -35.15
N ASP A 683 -19.88 -0.96 -34.18
CA ASP A 683 -19.51 0.17 -33.35
C ASP A 683 -18.86 1.27 -34.19
N LEU A 684 -17.97 0.90 -35.11
CA LEU A 684 -17.38 1.90 -35.99
C LEU A 684 -18.43 2.57 -36.86
N ILE A 685 -19.36 1.77 -37.42
CA ILE A 685 -20.40 2.34 -38.27
C ILE A 685 -21.26 3.32 -37.48
N PHE A 686 -21.64 2.95 -36.26
CA PHE A 686 -22.48 3.82 -35.45
C PHE A 686 -21.73 5.07 -35.01
N THR A 687 -20.42 4.96 -34.75
CA THR A 687 -19.64 6.14 -34.43
C THR A 687 -19.58 7.10 -35.62
N ILE A 688 -19.40 6.58 -36.82
CA ILE A 688 -19.39 7.43 -38.01
C ILE A 688 -20.75 8.11 -38.18
N LEU A 689 -21.83 7.35 -38.01
CA LEU A 689 -23.17 7.93 -38.15
C LEU A 689 -23.43 9.01 -37.11
N SER A 690 -23.02 8.77 -35.86
CA SER A 690 -23.21 9.76 -34.81
C SER A 690 -22.39 11.01 -35.08
N ILE A 691 -21.17 10.85 -35.58
CA ILE A 691 -20.35 12.01 -35.94
C ILE A 691 -21.02 12.81 -37.04
N LEU A 692 -21.56 12.13 -38.06
CA LEU A 692 -22.21 12.82 -39.16
C LEU A 692 -23.47 13.55 -38.70
N VAL A 693 -24.23 12.94 -37.79
CA VAL A 693 -25.52 13.52 -37.40
C VAL A 693 -25.33 14.64 -36.39
N ILE A 694 -24.62 14.38 -35.30
CA ILE A 694 -24.53 15.33 -34.19
C ILE A 694 -23.68 16.54 -34.59
N ASP A 695 -22.60 16.32 -35.33
CA ASP A 695 -21.66 17.40 -35.61
C ASP A 695 -21.96 18.11 -36.92
N LEU A 696 -22.04 17.37 -38.02
CA LEU A 696 -22.16 17.98 -39.33
C LEU A 696 -23.57 18.48 -39.61
N PHE A 697 -24.55 17.57 -39.58
CA PHE A 697 -25.91 17.93 -39.96
C PHE A 697 -26.53 18.91 -38.98
N ARG A 698 -26.29 18.71 -37.67
CA ARG A 698 -26.81 19.64 -36.68
C ARG A 698 -26.19 21.03 -36.85
N GLY A 699 -24.88 21.08 -37.13
CA GLY A 699 -24.24 22.36 -37.35
C GLY A 699 -24.79 23.07 -38.58
N LEU A 700 -24.99 22.34 -39.67
CA LEU A 700 -25.59 22.94 -40.86
C LEU A 700 -27.00 23.43 -40.59
N TRP A 701 -27.79 22.64 -39.85
CA TRP A 701 -29.15 23.04 -39.52
C TRP A 701 -29.16 24.30 -38.68
N ILE A 702 -28.25 24.40 -37.69
CA ILE A 702 -28.18 25.60 -36.87
C ILE A 702 -27.76 26.81 -37.72
N LYS A 703 -26.78 26.61 -38.61
CA LYS A 703 -26.30 27.72 -39.42
C LYS A 703 -27.38 28.24 -40.35
N TYR A 704 -28.13 27.35 -41.00
CA TYR A 704 -29.06 27.74 -42.04
C TYR A 704 -30.51 27.78 -41.60
N CYS A 705 -30.79 27.60 -40.29
CA CYS A 705 -32.18 27.59 -39.84
C CYS A 705 -32.38 28.34 -38.53
N SER A 706 -31.40 29.08 -38.04
CA SER A 706 -31.57 29.83 -36.79
C SER A 706 -32.32 31.14 -36.97
N SER A 707 -32.46 31.62 -38.21
CA SER A 707 -33.12 32.91 -38.43
C SER A 707 -34.63 32.79 -38.26
N TRP A 708 -35.23 31.72 -38.77
CA TRP A 708 -36.68 31.60 -38.82
C TRP A 708 -37.20 30.40 -38.02
N TRP A 709 -36.45 29.98 -37.01
CA TRP A 709 -36.91 28.89 -36.17
C TRP A 709 -37.91 29.39 -35.13
N CYS A 710 -38.60 28.46 -34.49
CA CYS A 710 -39.57 28.82 -33.45
C CYS A 710 -38.87 29.51 -32.28
N TRP A 711 -37.71 29.01 -31.89
CA TRP A 711 -36.89 29.64 -30.85
C TRP A 711 -35.46 29.73 -31.35
N ASP A 712 -34.70 30.66 -30.74
CA ASP A 712 -33.34 30.90 -31.18
C ASP A 712 -32.43 29.74 -30.79
N ILE A 713 -32.26 28.78 -31.71
CA ILE A 713 -31.48 27.58 -31.42
C ILE A 713 -30.03 27.92 -31.18
N GLU A 714 -29.49 28.91 -31.88
CA GLU A 714 -28.09 29.28 -31.75
C GLU A 714 -27.75 29.78 -30.33
N THR A 715 -28.67 30.50 -29.70
CA THR A 715 -28.49 31.02 -28.35
C THR A 715 -29.18 30.17 -27.29
N THR A 716 -29.65 28.98 -27.66
CA THR A 716 -30.35 28.10 -26.73
C THR A 716 -29.59 26.79 -26.57
N PHE A 717 -30.21 25.81 -25.93
CA PHE A 717 -29.56 24.52 -25.69
C PHE A 717 -28.95 23.87 -26.93
N PRO A 718 -29.61 23.83 -28.12
CA PRO A 718 -29.01 23.13 -29.26
C PRO A 718 -27.56 23.49 -29.56
N GLU A 719 -27.27 24.76 -29.79
CA GLU A 719 -25.92 25.24 -30.07
C GLU A 719 -25.29 24.50 -31.24
N TYR A 720 -23.97 24.62 -31.38
CA TYR A 720 -23.24 23.96 -32.47
C TYR A 720 -22.61 22.64 -32.05
N GLY A 721 -22.11 22.57 -30.82
CA GLY A 721 -21.53 21.32 -30.34
C GLY A 721 -20.17 21.48 -29.72
N GLU A 722 -19.92 20.74 -28.65
CA GLU A 722 -18.63 20.76 -27.95
C GLU A 722 -18.03 19.38 -27.93
N PHE A 723 -16.70 19.34 -27.94
CA PHE A 723 -15.97 18.07 -27.91
C PHE A 723 -16.08 17.44 -26.52
N LYS A 724 -16.65 16.24 -26.45
CA LYS A 724 -16.75 15.50 -25.20
C LYS A 724 -15.51 14.62 -25.07
N VAL A 725 -14.52 15.09 -24.33
CA VAL A 725 -13.26 14.37 -24.23
C VAL A 725 -13.44 13.05 -23.49
N ALA A 726 -14.14 13.09 -22.34
CA ALA A 726 -14.28 11.91 -21.52
C ALA A 726 -15.10 10.82 -22.21
N GLU A 727 -16.20 11.20 -22.86
CA GLU A 727 -17.02 10.21 -23.56
C GLU A 727 -16.25 9.53 -24.67
N ASN A 728 -15.49 10.31 -25.45
CA ASN A 728 -14.73 9.73 -26.54
C ASN A 728 -13.60 8.84 -26.02
N VAL A 729 -12.94 9.24 -24.94
CA VAL A 729 -11.90 8.39 -24.36
C VAL A 729 -12.50 7.10 -23.84
N LEU A 730 -13.71 7.17 -23.26
CA LEU A 730 -14.37 5.96 -22.81
C LEU A 730 -14.77 5.07 -23.99
N HIS A 731 -15.16 5.68 -25.11
CA HIS A 731 -15.39 4.90 -26.33
C HIS A 731 -14.14 4.15 -26.75
N ILE A 732 -12.99 4.84 -26.73
CA ILE A 732 -11.72 4.21 -27.10
C ILE A 732 -11.40 3.06 -26.16
N ILE A 733 -11.60 3.26 -24.86
CA ILE A 733 -11.29 2.23 -23.88
C ILE A 733 -12.21 1.03 -24.05
N ASN A 734 -13.50 1.27 -24.30
CA ASN A 734 -14.44 0.18 -24.52
C ASN A 734 -14.06 -0.63 -25.77
N ASN A 735 -13.70 0.05 -26.85
CA ASN A 735 -13.29 -0.66 -28.05
C ASN A 735 -12.03 -1.48 -27.80
N GLN A 736 -11.07 -0.91 -27.07
CA GLN A 736 -9.85 -1.65 -26.76
C GLN A 736 -10.14 -2.86 -25.87
N GLY A 737 -11.11 -2.72 -24.96
CA GLY A 737 -11.50 -3.87 -24.16
C GLY A 737 -12.12 -4.98 -25.00
N MET A 738 -12.95 -4.61 -25.98
CA MET A 738 -13.47 -5.60 -26.92
C MET A 738 -12.36 -6.29 -27.68
N ILE A 739 -11.36 -5.51 -28.11
CA ILE A 739 -10.23 -6.08 -28.86
C ILE A 739 -9.45 -7.06 -27.99
N TRP A 740 -9.21 -6.69 -26.73
CA TRP A 740 -8.50 -7.57 -25.81
C TRP A 740 -9.29 -8.85 -25.56
N LEU A 741 -10.61 -8.74 -25.38
CA LEU A 741 -11.43 -9.91 -25.13
C LEU A 741 -11.46 -10.86 -26.32
N GLY A 742 -11.60 -10.32 -27.53
CA GLY A 742 -11.80 -11.16 -28.69
C GLY A 742 -10.58 -11.51 -29.51
N LEU A 743 -9.36 -11.21 -29.04
CA LEU A 743 -8.19 -11.47 -29.85
C LEU A 743 -7.72 -12.91 -29.77
N PHE A 744 -8.20 -13.68 -28.79
CA PHE A 744 -7.82 -15.10 -28.72
C PHE A 744 -8.55 -15.90 -29.79
N PHE A 745 -9.84 -15.59 -30.02
CA PHE A 745 -10.62 -16.28 -31.03
C PHE A 745 -10.45 -15.68 -32.42
N ALA A 746 -9.99 -14.43 -32.50
CA ALA A 746 -9.75 -13.75 -33.78
C ALA A 746 -8.35 -13.17 -33.76
N PRO A 747 -7.36 -13.91 -34.28
CA PRO A 747 -5.98 -13.40 -34.24
C PRO A 747 -5.77 -12.08 -34.97
N LEU A 748 -6.47 -11.86 -36.08
CA LEU A 748 -6.33 -10.64 -36.87
C LEU A 748 -7.32 -9.56 -36.45
N LEU A 749 -7.86 -9.62 -35.24
CA LEU A 749 -8.70 -8.53 -34.75
C LEU A 749 -7.94 -7.24 -34.54
N PRO A 750 -6.76 -7.23 -33.88
CA PRO A 750 -6.01 -5.97 -33.78
C PRO A 750 -5.59 -5.38 -35.12
N ALA A 751 -5.34 -6.22 -36.13
CA ALA A 751 -4.99 -5.71 -37.44
C ALA A 751 -6.14 -4.89 -38.03
N ILE A 752 -7.37 -5.35 -37.86
CA ILE A 752 -8.53 -4.58 -38.29
C ILE A 752 -8.73 -3.35 -37.41
N ASN A 753 -8.48 -3.50 -36.10
CA ASN A 753 -8.61 -2.37 -35.20
C ASN A 753 -7.65 -1.25 -35.52
N ASN A 754 -6.50 -1.56 -36.13
CA ASN A 754 -5.60 -0.51 -36.56
C ASN A 754 -6.26 0.41 -37.58
N ILE A 755 -6.90 -0.18 -38.60
CA ILE A 755 -7.62 0.60 -39.59
C ILE A 755 -8.77 1.35 -38.95
N LYS A 756 -9.47 0.71 -38.02
CA LYS A 756 -10.57 1.38 -37.33
C LYS A 756 -10.08 2.60 -36.56
N LEU A 757 -8.95 2.48 -35.86
CA LEU A 757 -8.42 3.59 -35.10
C LEU A 757 -7.93 4.72 -36.00
N ILE A 758 -7.32 4.38 -37.14
CA ILE A 758 -6.87 5.41 -38.07
C ILE A 758 -8.06 6.18 -38.63
N ILE A 759 -9.11 5.46 -39.04
CA ILE A 759 -10.33 6.11 -39.52
C ILE A 759 -10.91 6.99 -38.43
N LEU A 760 -10.94 6.49 -37.20
CA LEU A 760 -11.48 7.25 -36.08
C LEU A 760 -10.71 8.53 -35.85
N MET A 761 -9.38 8.46 -35.88
CA MET A 761 -8.56 9.65 -35.67
C MET A 761 -8.84 10.69 -36.75
N TYR A 762 -8.84 10.26 -38.02
CA TYR A 762 -9.05 11.22 -39.10
C TYR A 762 -10.44 11.85 -39.03
N ILE A 763 -11.47 11.03 -38.80
CA ILE A 763 -12.83 11.55 -38.79
C ILE A 763 -13.07 12.44 -37.58
N ARG A 764 -12.48 12.10 -36.43
CA ARG A 764 -12.62 12.93 -35.24
C ARG A 764 -11.92 14.27 -35.42
N GLY A 765 -10.72 14.25 -36.02
CA GLY A 765 -10.04 15.51 -36.29
C GLY A 765 -10.83 16.40 -37.22
N TRP A 766 -11.37 15.83 -38.30
CA TRP A 766 -12.18 16.62 -39.23
C TRP A 766 -13.42 17.18 -38.53
N ALA A 767 -14.09 16.35 -37.73
CA ALA A 767 -15.31 16.79 -37.06
C ALA A 767 -15.04 17.91 -36.06
N VAL A 768 -13.98 17.78 -35.28
CA VAL A 768 -13.67 18.82 -34.29
C VAL A 768 -13.22 20.10 -34.98
N MET A 769 -12.50 19.99 -36.11
CA MET A 769 -12.03 21.18 -36.79
C MET A 769 -13.14 21.90 -37.53
N THR A 770 -14.10 21.16 -38.09
CA THR A 770 -15.08 21.76 -38.98
C THR A 770 -16.40 22.08 -38.31
N CYS A 771 -16.83 21.29 -37.33
CA CYS A 771 -18.17 21.41 -36.78
C CYS A 771 -18.24 21.89 -35.35
N ASN A 772 -17.24 21.58 -34.52
CA ASN A 772 -17.32 21.90 -33.10
C ASN A 772 -16.81 23.31 -32.81
N VAL A 773 -17.28 23.87 -31.70
CA VAL A 773 -16.81 25.16 -31.22
C VAL A 773 -16.13 24.95 -29.87
N PRO A 774 -15.18 25.80 -29.47
CA PRO A 774 -14.56 25.64 -28.16
C PRO A 774 -15.57 25.78 -27.03
N ALA A 775 -15.40 24.97 -26.00
CA ALA A 775 -16.28 25.04 -24.84
C ALA A 775 -16.03 26.34 -24.07
N ARG A 776 -17.12 26.94 -23.58
CA ARG A 776 -16.99 28.17 -22.82
C ARG A 776 -16.24 27.94 -21.51
N GLU A 777 -16.42 26.76 -20.90
CA GLU A 777 -15.70 26.39 -19.69
C GLU A 777 -15.69 24.87 -19.61
N ILE A 778 -14.52 24.27 -19.75
CA ILE A 778 -14.37 22.81 -19.78
C ILE A 778 -13.70 22.36 -18.49
N PHE A 779 -14.32 21.40 -17.81
CA PHE A 779 -13.84 20.87 -16.55
C PHE A 779 -13.22 19.49 -16.76
N ARG A 780 -12.65 18.95 -15.69
CA ARG A 780 -12.05 17.62 -15.70
C ARG A 780 -12.56 16.81 -14.52
N ALA A 781 -12.78 15.52 -14.76
CA ALA A 781 -13.33 14.62 -13.75
C ALA A 781 -12.39 14.46 -12.56
N SER A 782 -11.09 14.30 -12.82
CA SER A 782 -10.13 14.08 -11.76
C SER A 782 -8.90 14.98 -11.82
N ARG A 783 -8.67 15.64 -12.96
CA ARG A 783 -7.51 16.52 -13.14
C ARG A 783 -6.21 15.76 -12.90
N SER A 784 -6.19 14.48 -13.26
CA SER A 784 -5.03 13.62 -13.08
C SER A 784 -4.61 13.02 -14.41
N SER A 785 -3.30 12.85 -14.59
CA SER A 785 -2.79 12.33 -15.85
C SER A 785 -3.14 10.86 -16.03
N ASN A 786 -3.08 10.08 -14.94
CA ASN A 786 -3.29 8.63 -15.00
C ASN A 786 -4.72 8.24 -14.64
N PHE A 787 -5.70 9.08 -14.99
CA PHE A 787 -7.10 8.73 -14.74
C PHE A 787 -7.61 7.77 -15.81
N TYR A 788 -7.50 8.18 -17.07
CA TYR A 788 -7.94 7.32 -18.17
C TYR A 788 -7.06 6.08 -18.29
N LEU A 789 -5.76 6.22 -17.98
CA LEU A 789 -4.89 5.05 -17.96
C LEU A 789 -5.29 4.08 -16.86
N GLY A 790 -5.71 4.59 -15.71
CA GLY A 790 -6.21 3.72 -14.66
C GLY A 790 -7.48 3.00 -15.06
N ILE A 791 -8.40 3.71 -15.72
CA ILE A 791 -9.59 3.07 -16.24
C ILE A 791 -9.24 2.00 -17.26
N LEU A 792 -8.24 2.27 -18.10
CA LEU A 792 -7.79 1.29 -19.09
C LEU A 792 -7.21 0.05 -18.42
N LEU A 793 -6.43 0.23 -17.36
CA LEU A 793 -5.88 -0.92 -16.63
C LEU A 793 -6.99 -1.75 -15.98
N ILE A 794 -7.98 -1.07 -15.40
CA ILE A 794 -9.12 -1.78 -14.82
C ILE A 794 -9.86 -2.57 -15.89
N TRP A 795 -10.04 -1.97 -17.07
CA TRP A 795 -10.70 -2.66 -18.17
C TRP A 795 -9.87 -3.84 -18.64
N LEU A 796 -8.55 -3.71 -18.65
CA LEU A 796 -7.69 -4.82 -19.04
C LEU A 796 -7.85 -6.00 -18.09
N LEU A 797 -7.90 -5.72 -16.78
CA LEU A 797 -8.15 -6.80 -15.82
C LEU A 797 -9.52 -7.43 -16.03
N LEU A 798 -10.55 -6.60 -16.23
CA LEU A 798 -11.89 -7.10 -16.44
C LEU A 798 -11.97 -7.98 -17.68
N CYS A 799 -11.19 -7.65 -18.71
CA CYS A 799 -11.18 -8.42 -19.95
C CYS A 799 -10.30 -9.65 -19.89
N THR A 800 -9.28 -9.66 -19.02
CA THR A 800 -8.49 -10.85 -18.83
C THR A 800 -9.14 -11.85 -17.89
N LEU A 801 -10.17 -11.44 -17.14
CA LEU A 801 -10.93 -12.41 -16.34
C LEU A 801 -11.58 -13.49 -17.20
N PRO A 802 -12.41 -13.16 -18.22
CA PRO A 802 -13.08 -14.24 -18.96
C PRO A 802 -12.17 -15.02 -19.88
N VAL A 803 -11.11 -14.41 -20.42
CA VAL A 803 -10.14 -15.16 -21.19
C VAL A 803 -9.45 -16.19 -20.31
N GLY A 804 -9.10 -15.80 -19.08
CA GLY A 804 -8.52 -16.75 -18.15
C GLY A 804 -9.49 -17.87 -17.80
N PHE A 805 -10.77 -17.53 -17.61
CA PHE A 805 -11.75 -18.57 -17.34
C PHE A 805 -11.87 -19.55 -18.52
N VAL A 806 -11.89 -19.02 -19.74
CA VAL A 806 -11.99 -19.87 -20.93
C VAL A 806 -10.79 -20.79 -21.02
N ILE A 807 -9.59 -20.25 -20.79
CA ILE A 807 -8.37 -21.06 -20.90
C ILE A 807 -8.35 -22.14 -19.83
N ALA A 808 -8.73 -21.79 -18.59
CA ALA A 808 -8.63 -22.72 -17.49
C ALA A 808 -9.72 -23.78 -17.48
N SER A 809 -10.93 -23.44 -17.92
CA SER A 809 -12.10 -24.30 -17.73
C SER A 809 -12.61 -24.93 -19.02
N MET A 810 -12.89 -24.14 -20.04
CA MET A 810 -13.56 -24.66 -21.23
C MET A 810 -12.62 -25.56 -22.03
N SER A 811 -13.24 -26.48 -22.79
CA SER A 811 -12.53 -27.46 -23.59
C SER A 811 -12.57 -27.09 -25.07
N PRO A 812 -11.47 -27.27 -25.79
CA PRO A 812 -11.43 -26.87 -27.19
C PRO A 812 -12.34 -27.74 -28.05
N SER A 813 -12.72 -27.18 -29.20
CA SER A 813 -13.49 -27.93 -30.18
C SER A 813 -12.64 -29.03 -30.80
N ARG A 814 -13.29 -30.12 -31.17
CA ARG A 814 -12.61 -31.28 -31.74
C ARG A 814 -12.51 -31.24 -33.26
N SER A 815 -13.08 -30.22 -33.91
CA SER A 815 -13.09 -30.16 -35.37
C SER A 815 -12.50 -28.87 -35.93
N CYS A 816 -11.96 -27.99 -35.08
CA CYS A 816 -11.42 -26.73 -35.56
C CYS A 816 -10.32 -26.26 -34.62
N GLY A 817 -9.46 -25.39 -35.14
CA GLY A 817 -8.45 -24.74 -34.33
C GLY A 817 -7.19 -25.55 -34.18
N PRO A 818 -6.20 -24.98 -33.49
CA PRO A 818 -4.93 -25.69 -33.28
C PRO A 818 -4.93 -26.54 -32.02
N PHE A 819 -5.91 -26.35 -31.13
CA PHE A 819 -5.99 -27.07 -29.88
C PHE A 819 -7.01 -28.21 -29.92
N ALA A 820 -7.30 -28.73 -31.11
CA ALA A 820 -8.32 -29.76 -31.24
C ALA A 820 -7.84 -31.13 -30.75
N ARG A 821 -6.55 -31.29 -30.48
CA ARG A 821 -6.02 -32.57 -30.03
C ARG A 821 -5.91 -32.69 -28.52
N TYR A 822 -6.33 -31.66 -27.77
CA TYR A 822 -6.20 -31.64 -26.33
C TYR A 822 -7.55 -31.45 -25.67
N GLN A 823 -7.66 -31.91 -24.42
CA GLN A 823 -8.87 -31.75 -23.64
C GLN A 823 -8.94 -30.41 -22.93
N HIS A 824 -7.88 -29.60 -23.02
CA HIS A 824 -7.85 -28.29 -22.39
C HIS A 824 -6.96 -27.37 -23.22
N PHE A 825 -7.14 -26.06 -23.02
CA PHE A 825 -6.36 -25.10 -23.78
C PHE A 825 -4.91 -25.06 -23.30
N TYR A 826 -4.68 -25.24 -22.01
CA TYR A 826 -3.34 -25.17 -21.44
C TYR A 826 -2.56 -26.47 -21.59
N THR A 827 -3.19 -27.54 -22.09
CA THR A 827 -2.53 -28.84 -22.15
C THR A 827 -1.29 -28.79 -23.04
N VAL A 828 -1.29 -27.92 -24.05
CA VAL A 828 -0.12 -27.80 -24.93
C VAL A 828 1.09 -27.31 -24.15
N VAL A 829 0.88 -26.57 -23.07
CA VAL A 829 1.99 -26.06 -22.27
C VAL A 829 2.40 -27.07 -21.22
N THR A 830 1.43 -27.63 -20.49
CA THR A 830 1.75 -28.60 -19.45
C THR A 830 2.39 -29.85 -20.02
N ARG A 831 1.91 -30.32 -21.18
CA ARG A 831 2.49 -31.50 -21.80
C ARG A 831 3.96 -31.31 -22.16
N GLU A 832 4.39 -30.07 -22.40
CA GLU A 832 5.80 -29.79 -22.60
C GLU A 832 6.55 -29.59 -21.30
N ILE A 833 5.91 -28.98 -20.30
CA ILE A 833 6.53 -28.85 -18.98
C ILE A 833 6.75 -30.22 -18.36
N GLU A 834 5.75 -31.11 -18.46
CA GLU A 834 5.88 -32.45 -17.92
C GLU A 834 6.90 -33.29 -18.68
N LYS A 835 7.26 -32.88 -19.89
CA LYS A 835 8.26 -33.60 -20.68
C LYS A 835 9.69 -33.21 -20.33
N ARG A 836 9.88 -32.21 -19.45
CA ARG A 836 11.21 -31.80 -19.03
C ARG A 836 11.35 -31.75 -17.51
N VAL A 837 10.33 -32.13 -16.76
CA VAL A 837 10.34 -32.08 -15.30
C VAL A 837 9.91 -33.44 -14.77
N ASP A 838 10.59 -33.91 -13.73
CA ASP A 838 10.31 -35.23 -13.17
C ASP A 838 8.92 -35.26 -12.55
N GLN A 839 8.35 -36.47 -12.46
CA GLN A 839 6.98 -36.62 -11.98
C GLN A 839 6.86 -36.33 -10.48
N THR A 840 7.88 -36.68 -9.69
CA THR A 840 7.80 -36.48 -8.26
C THR A 840 7.78 -34.99 -7.90
N VAL A 841 8.71 -34.22 -8.47
CA VAL A 841 8.73 -32.79 -8.22
C VAL A 841 7.48 -32.13 -8.79
N LEU A 842 6.96 -32.66 -9.90
CA LEU A 842 5.70 -32.14 -10.44
C LEU A 842 4.54 -32.35 -9.47
N SER A 843 4.45 -33.55 -8.88
CA SER A 843 3.41 -33.81 -7.89
C SER A 843 3.60 -32.95 -6.66
N TYR A 844 4.85 -32.63 -6.31
CA TYR A 844 5.09 -31.76 -5.17
C TYR A 844 4.68 -30.32 -5.45
N ILE A 845 4.91 -29.84 -6.68
CA ILE A 845 4.59 -28.45 -6.99
C ILE A 845 3.09 -28.28 -7.24
N ARG A 846 2.40 -29.32 -7.71
CA ARG A 846 0.96 -29.20 -7.93
C ARG A 846 0.19 -28.93 -6.65
N HIS A 847 0.74 -29.30 -5.49
CA HIS A 847 0.03 -29.14 -4.22
C HIS A 847 -0.01 -27.70 -3.72
N ILE A 848 0.85 -26.83 -4.24
CA ILE A 848 0.78 -25.42 -3.85
C ILE A 848 -0.50 -24.79 -4.38
N ALA A 849 -1.02 -25.28 -5.50
CA ALA A 849 -2.27 -24.80 -6.06
C ALA A 849 -3.50 -25.21 -5.25
N SER A 850 -3.33 -25.82 -4.07
CA SER A 850 -4.46 -26.22 -3.26
C SER A 850 -5.21 -25.00 -2.76
N PRO A 851 -6.54 -25.09 -2.62
CA PRO A 851 -7.30 -23.95 -2.08
C PRO A 851 -6.86 -23.55 -0.68
N GLY A 852 -6.51 -24.51 0.16
CA GLY A 852 -6.09 -24.21 1.51
C GLY A 852 -4.72 -23.58 1.62
N VAL A 853 -3.97 -23.53 0.52
CA VAL A 853 -2.68 -22.84 0.47
C VAL A 853 -2.88 -21.52 -0.25
N VAL A 854 -3.82 -21.50 -1.20
CA VAL A 854 -4.08 -20.28 -1.96
C VAL A 854 -4.75 -19.22 -1.09
N ILE A 855 -5.73 -19.63 -0.27
CA ILE A 855 -6.44 -18.66 0.56
C ILE A 855 -5.51 -17.93 1.53
N PRO A 856 -4.58 -18.57 2.23
CA PRO A 856 -3.62 -17.80 3.03
C PRO A 856 -2.79 -16.81 2.22
N ILE A 857 -2.51 -17.09 0.95
CA ILE A 857 -1.81 -16.12 0.12
C ILE A 857 -2.68 -14.88 -0.09
N ILE A 858 -3.97 -15.07 -0.33
CA ILE A 858 -4.89 -13.94 -0.44
C ILE A 858 -4.93 -13.16 0.87
N LEU A 859 -4.97 -13.88 2.00
CA LEU A 859 -4.98 -13.21 3.29
C LEU A 859 -3.71 -12.39 3.51
N PHE A 860 -2.56 -12.94 3.12
CA PHE A 860 -1.29 -12.23 3.26
C PHE A 860 -1.27 -10.98 2.38
N LEU A 861 -1.78 -11.09 1.15
CA LEU A 861 -1.84 -9.92 0.27
C LEU A 861 -2.76 -8.85 0.86
N ILE A 862 -3.90 -9.26 1.42
CA ILE A 862 -4.80 -8.31 2.06
C ILE A 862 -4.12 -7.66 3.26
N LEU A 863 -3.34 -8.43 4.01
CA LEU A 863 -2.64 -7.88 5.17
C LEU A 863 -1.61 -6.83 4.76
N ILE A 864 -0.83 -7.11 3.70
CA ILE A 864 0.16 -6.12 3.29
C ILE A 864 -0.52 -4.90 2.67
N ILE A 865 -1.67 -5.10 2.01
CA ILE A 865 -2.45 -3.96 1.53
C ILE A 865 -2.90 -3.10 2.71
N TYR A 866 -3.37 -3.73 3.78
CA TYR A 866 -3.79 -2.99 4.98
C TYR A 866 -2.61 -2.25 5.59
N PHE A 867 -1.44 -2.88 5.63
CA PHE A 867 -0.23 -2.24 6.16
C PHE A 867 0.14 -1.00 5.35
N LEU A 868 0.10 -1.12 4.02
CA LEU A 868 0.45 0.01 3.17
C LEU A 868 -0.59 1.12 3.27
N PHE A 869 -1.87 0.76 3.40
CA PHE A 869 -2.92 1.75 3.58
C PHE A 869 -2.74 2.50 4.90
N SER A 870 -2.39 1.77 5.97
CA SER A 870 -2.12 2.42 7.24
C SER A 870 -0.91 3.35 7.15
N LEU A 871 0.13 2.93 6.41
CA LEU A 871 1.27 3.81 6.19
C LEU A 871 0.86 5.08 5.46
N VAL A 872 0.03 4.95 4.43
CA VAL A 872 -0.42 6.12 3.67
C VAL A 872 -1.23 7.05 4.55
N ARG A 873 -2.15 6.49 5.34
CA ARG A 873 -2.97 7.32 6.22
C ARG A 873 -2.11 8.02 7.27
N GLY A 874 -1.12 7.33 7.83
CA GLY A 874 -0.25 7.95 8.80
C GLY A 874 0.59 9.06 8.21
N LEU A 875 1.13 8.84 7.00
CA LEU A 875 1.90 9.88 6.34
C LEU A 875 1.03 11.10 6.03
N ARG A 876 -0.20 10.87 5.56
CA ARG A 876 -1.09 11.98 5.27
C ARG A 876 -1.44 12.75 6.55
N GLU A 877 -1.71 12.03 7.64
CA GLU A 877 -2.02 12.70 8.91
C GLU A 877 -0.84 13.51 9.41
N ALA A 878 0.38 12.95 9.31
CA ALA A 878 1.56 13.67 9.73
C ALA A 878 1.77 14.93 8.89
N ASN A 879 1.58 14.81 7.58
CA ASN A 879 1.75 15.97 6.70
C ASN A 879 0.72 17.05 7.03
N THR A 880 -0.54 16.66 7.26
CA THR A 880 -1.56 17.63 7.60
C THR A 880 -1.27 18.30 8.93
N ASP A 881 -0.82 17.53 9.92
CA ASP A 881 -0.50 18.10 11.22
C ASP A 881 0.68 19.08 11.12
N LEU A 882 1.70 18.72 10.33
CA LEU A 882 2.84 19.61 10.15
C LEU A 882 2.42 20.89 9.43
N GLN A 883 1.55 20.77 8.42
CA GLN A 883 1.08 21.96 7.72
C GLN A 883 0.25 22.85 8.65
N ALA A 884 -0.61 22.26 9.47
CA ALA A 884 -1.44 23.05 10.38
C ALA A 884 -0.59 23.74 11.44
N GLN A 885 0.36 23.01 12.03
CA GLN A 885 1.25 23.62 13.03
C GLN A 885 2.14 24.67 12.39
N LEU A 886 2.69 24.38 11.22
CA LEU A 886 3.58 25.31 10.53
C LEU A 886 3.03 25.68 9.16
N THR B 75 -31.46 29.09 17.23
CA THR B 75 -32.08 28.35 18.34
C THR B 75 -31.57 26.91 18.39
N ARG B 76 -32.04 26.09 17.44
CA ARG B 76 -31.60 24.70 17.39
C ARG B 76 -30.11 24.60 17.09
N GLN B 77 -29.62 25.41 16.14
CA GLN B 77 -28.20 25.38 15.80
C GLN B 77 -27.34 25.82 16.98
N ALA B 78 -27.77 26.87 17.68
CA ALA B 78 -27.03 27.33 18.86
C ALA B 78 -27.02 26.26 19.94
N LEU B 79 -28.16 25.59 20.15
CA LEU B 79 -28.22 24.51 21.14
C LEU B 79 -27.28 23.37 20.76
N LEU B 80 -27.26 23.00 19.48
CA LEU B 80 -26.35 21.94 19.04
C LEU B 80 -24.90 22.34 19.23
N GLU B 81 -24.57 23.59 18.91
CA GLU B 81 -23.19 24.05 19.09
C GLU B 81 -22.80 24.04 20.57
N ARG B 82 -23.70 24.48 21.45
CA ARG B 82 -23.41 24.48 22.87
C ARG B 82 -23.22 23.06 23.40
N ILE B 83 -24.08 22.13 22.97
CA ILE B 83 -23.96 20.74 23.40
C ILE B 83 -22.64 20.15 22.92
N ARG B 84 -22.28 20.40 21.66
CA ARG B 84 -21.03 19.89 21.13
C ARG B 84 -19.83 20.47 21.87
N GLN B 85 -19.85 21.77 22.16
CA GLN B 85 -18.75 22.38 22.90
C GLN B 85 -18.62 21.80 24.30
N LYS B 86 -19.74 21.63 25.00
CA LYS B 86 -19.70 21.06 26.34
C LYS B 86 -19.18 19.63 26.32
N LYS B 87 -19.65 18.83 25.36
CA LYS B 87 -19.20 17.44 25.26
C LYS B 87 -17.71 17.37 24.97
N GLU B 88 -17.23 18.20 24.04
CA GLU B 88 -15.81 18.22 23.72
C GLU B 88 -14.96 18.65 24.91
N VAL B 89 -15.40 19.68 25.64
CA VAL B 89 -14.65 20.14 26.80
C VAL B 89 -14.59 19.06 27.87
N ILE B 90 -15.73 18.40 28.14
CA ILE B 90 -15.75 17.37 29.17
C ILE B 90 -14.87 16.19 28.75
N GLY B 91 -14.91 15.81 27.47
CA GLY B 91 -14.08 14.71 27.01
C GLY B 91 -12.60 15.03 27.07
N LYS B 92 -12.22 16.25 26.70
CA LYS B 92 -10.82 16.65 26.66
C LYS B 92 -10.29 17.08 28.03
N LEU B 93 -11.16 17.19 29.03
CA LEU B 93 -10.72 17.65 30.35
C LEU B 93 -9.56 16.83 30.90
N ARG B 94 -9.56 15.52 30.68
CA ARG B 94 -8.51 14.69 31.26
C ARG B 94 -7.18 14.84 30.52
N CYS B 95 -7.23 15.01 29.19
CA CYS B 95 -6.01 15.10 28.39
C CYS B 95 -5.42 16.51 28.34
N GLN B 96 -5.78 17.37 29.28
CA GLN B 96 -5.35 18.75 29.29
C GLN B 96 -4.31 18.98 30.37
N ALA B 97 -3.27 19.75 30.02
CA ALA B 97 -2.18 20.05 30.96
C ALA B 97 -2.57 21.20 31.89
N TRP B 98 -3.66 20.99 32.60
CA TRP B 98 -4.18 21.96 33.56
C TRP B 98 -3.97 21.46 34.98
N SER B 99 -4.07 22.39 35.93
CA SER B 99 -4.01 22.04 37.34
C SER B 99 -5.31 21.35 37.76
N MET B 100 -5.26 20.70 38.92
CA MET B 100 -6.44 20.00 39.42
C MET B 100 -7.56 20.98 39.76
N THR B 101 -7.22 22.11 40.38
CA THR B 101 -8.23 23.11 40.69
C THR B 101 -8.88 23.66 39.44
N ARG B 102 -8.08 23.95 38.40
CA ARG B 102 -8.63 24.43 37.14
C ARG B 102 -9.51 23.36 36.50
N LYS B 103 -9.09 22.10 36.55
CA LYS B 103 -9.91 21.03 35.99
C LYS B 103 -11.24 20.92 36.71
N ARG B 104 -11.23 20.99 38.05
CA ARG B 104 -12.47 20.90 38.80
C ARG B 104 -13.37 22.11 38.52
N ARG B 105 -12.79 23.30 38.42
CA ARG B 105 -13.57 24.49 38.10
C ARG B 105 -14.23 24.37 36.73
N THR B 106 -13.47 23.88 35.74
CA THR B 106 -14.03 23.70 34.40
C THR B 106 -15.13 22.64 34.42
N LEU B 107 -14.94 21.57 35.18
CA LEU B 107 -15.97 20.54 35.27
C LEU B 107 -17.25 21.10 35.87
N LYS B 108 -17.14 21.86 36.97
CA LYS B 108 -18.33 22.44 37.58
C LYS B 108 -19.00 23.44 36.65
N LEU B 109 -18.21 24.25 35.93
CA LEU B 109 -18.79 25.20 35.00
C LEU B 109 -19.53 24.49 33.88
N ALA B 110 -18.94 23.43 33.33
CA ALA B 110 -19.62 22.68 32.27
C ALA B 110 -20.88 22.01 32.78
N GLN B 111 -20.84 21.46 34.00
CA GLN B 111 -22.04 20.84 34.57
C GLN B 111 -23.15 21.85 34.77
N LYS B 112 -22.81 23.04 35.28
CA LYS B 112 -23.82 24.08 35.48
C LYS B 112 -24.39 24.55 34.14
N TYR B 113 -23.53 24.70 33.12
CA TYR B 113 -24.00 25.11 31.81
C TYR B 113 -24.94 24.06 31.22
N LEU B 114 -24.59 22.77 31.36
CA LEU B 114 -25.46 21.71 30.86
C LEU B 114 -26.78 21.68 31.60
N GLU B 115 -26.76 21.90 32.93
CA GLU B 115 -28.00 21.94 33.69
C GLU B 115 -28.88 23.11 33.25
N GLN B 116 -28.28 24.27 33.00
CA GLN B 116 -29.04 25.41 32.50
C GLN B 116 -29.61 25.13 31.12
N HIS B 117 -28.84 24.47 30.25
CA HIS B 117 -29.25 24.18 28.89
C HIS B 117 -30.15 22.96 28.78
N GLU B 118 -30.40 22.26 29.90
CA GLU B 118 -31.25 21.08 29.86
C GLU B 118 -32.66 21.41 29.38
N SER B 119 -33.23 22.51 29.85
CA SER B 119 -34.58 22.91 29.46
C SER B 119 -34.50 23.84 28.26
N LYS B 120 -33.87 23.35 27.19
CA LYS B 120 -33.74 24.13 25.97
C LYS B 120 -34.13 23.29 24.75
N VAL B 121 -33.98 21.98 24.86
CA VAL B 121 -34.22 21.08 23.74
C VAL B 121 -35.47 20.24 24.02
N SER B 122 -35.86 19.45 23.03
CA SER B 122 -37.08 18.65 23.11
C SER B 122 -36.78 17.33 23.83
N ARG B 123 -37.75 16.42 23.79
CA ARG B 123 -37.61 15.15 24.50
C ARG B 123 -36.61 14.22 23.81
N SER B 124 -36.51 14.28 22.48
CA SER B 124 -35.60 13.38 21.77
C SER B 124 -34.16 13.64 22.15
N HIS B 125 -33.76 14.91 22.24
CA HIS B 125 -32.40 15.25 22.64
C HIS B 125 -32.13 14.80 24.08
N LEU B 126 -33.12 14.96 24.96
CA LEU B 126 -32.97 14.49 26.34
C LEU B 126 -32.77 12.98 26.38
N TYR B 127 -33.54 12.23 25.59
CA TYR B 127 -33.38 10.78 25.55
C TYR B 127 -32.01 10.39 25.01
N MET B 128 -31.54 11.09 23.97
CA MET B 128 -30.22 10.81 23.42
C MET B 128 -29.14 11.06 24.47
N GLU B 129 -29.24 12.19 25.18
CA GLU B 129 -28.26 12.51 26.22
C GLU B 129 -28.31 11.48 27.33
N GLU B 130 -29.51 11.04 27.72
CA GLU B 130 -29.64 10.03 28.77
C GLU B 130 -29.00 8.71 28.35
N MET B 131 -29.22 8.29 27.10
CA MET B 131 -28.65 7.04 26.63
C MET B 131 -27.12 7.14 26.56
N ARG B 132 -26.60 8.28 26.10
CA ARG B 132 -25.16 8.47 26.07
C ARG B 132 -24.57 8.44 27.48
N LYS B 133 -25.24 9.09 28.44
CA LYS B 133 -24.76 9.08 29.81
C LYS B 133 -24.78 7.67 30.39
N ARG B 134 -25.84 6.90 30.12
CA ARG B 134 -25.90 5.52 30.59
C ARG B 134 -24.78 4.69 29.98
N ALA B 135 -24.51 4.87 28.69
CA ALA B 135 -23.43 4.14 28.05
C ALA B 135 -22.07 4.49 28.67
N ARG B 136 -21.83 5.77 28.90
CA ARG B 136 -20.57 6.19 29.52
C ARG B 136 -20.43 5.63 30.94
N LEU B 137 -21.51 5.67 31.71
CA LEU B 137 -21.46 5.14 33.08
C LEU B 137 -21.22 3.65 33.09
N MET B 138 -21.87 2.91 32.18
CA MET B 138 -21.66 1.47 32.12
C MET B 138 -20.24 1.13 31.68
N LYS B 139 -19.68 1.92 30.76
CA LYS B 139 -18.30 1.70 30.35
C LYS B 139 -17.34 1.96 31.51
N ARG B 140 -17.58 3.03 32.27
CA ARG B 140 -16.74 3.32 33.43
C ARG B 140 -16.83 2.22 34.47
N SER B 141 -18.04 1.72 34.74
CA SER B 141 -18.20 0.64 35.71
C SER B 141 -17.52 -0.64 35.25
N PHE B 142 -17.64 -0.95 33.95
CA PHE B 142 -16.96 -2.14 33.42
C PHE B 142 -15.46 -2.01 33.54
N SER B 143 -14.92 -0.82 33.25
CA SER B 143 -13.47 -0.62 33.41
C SER B 143 -13.04 -0.77 34.86
N ASN B 144 -13.83 -0.21 35.78
CA ASN B 144 -13.49 -0.33 37.20
C ASN B 144 -13.49 -1.78 37.65
N PHE B 145 -14.46 -2.57 37.18
CA PHE B 145 -14.45 -4.00 37.50
C PHE B 145 -13.28 -4.71 36.83
N LYS B 146 -12.94 -4.30 35.61
CA LYS B 146 -11.89 -4.98 34.85
C LYS B 146 -10.52 -4.81 35.49
N THR B 147 -10.24 -3.63 36.05
CA THR B 147 -8.92 -3.43 36.65
C THR B 147 -8.68 -4.31 37.87
N TYR B 148 -9.71 -4.95 38.42
CA TYR B 148 -9.52 -5.84 39.55
C TYR B 148 -9.07 -7.24 39.14
N LEU B 149 -9.04 -7.54 37.83
CA LEU B 149 -8.68 -8.88 37.34
C LEU B 149 -7.39 -8.87 36.52
N ILE B 150 -6.53 -7.88 36.73
CA ILE B 150 -5.26 -7.79 36.01
C ILE B 150 -4.16 -8.26 36.96
N PRO B 151 -3.51 -9.38 36.70
CA PRO B 151 -2.50 -9.91 37.62
C PRO B 151 -1.09 -9.45 37.25
N TRP B 152 -0.14 -9.81 38.12
CA TRP B 152 1.29 -9.60 37.91
C TRP B 152 1.60 -8.12 37.66
N GLU B 153 1.01 -7.25 38.47
CA GLU B 153 1.35 -5.83 38.39
C GLU B 153 2.51 -5.47 39.30
N SER B 154 2.52 -5.96 40.54
CA SER B 154 3.64 -5.70 41.44
C SER B 154 4.92 -6.34 40.93
N LYS B 155 4.83 -7.56 40.38
CA LYS B 155 6.00 -8.24 39.86
C LYS B 155 6.62 -7.48 38.69
N ILE B 156 5.78 -7.07 37.74
CA ILE B 156 6.28 -6.32 36.59
C ILE B 156 6.81 -4.97 37.02
N LYS B 157 6.17 -4.33 38.01
CA LYS B 157 6.66 -3.06 38.52
C LYS B 157 8.04 -3.22 39.15
N ARG B 158 8.24 -4.28 39.93
CA ARG B 158 9.54 -4.52 40.54
C ARG B 158 10.61 -4.79 39.49
N ILE B 159 10.28 -5.61 38.48
CA ILE B 159 11.23 -5.89 37.41
C ILE B 159 11.59 -4.61 36.66
N GLU B 160 10.59 -3.77 36.39
CA GLU B 160 10.84 -2.50 35.71
C GLU B 160 11.74 -1.59 36.53
N SER B 161 11.47 -1.48 37.84
CA SER B 161 12.25 -0.59 38.67
C SER B 161 13.68 -1.09 38.85
N HIS B 162 13.89 -2.40 38.86
CA HIS B 162 15.22 -2.93 39.08
C HIS B 162 16.04 -3.07 37.80
N PHE B 163 15.40 -3.24 36.64
CA PHE B 163 16.12 -3.57 35.42
C PHE B 163 15.86 -2.62 34.25
N GLY B 164 14.76 -1.87 34.25
CA GLY B 164 14.48 -0.93 33.19
C GLY B 164 13.15 -1.22 32.51
N SER B 165 12.83 -0.38 31.53
CA SER B 165 11.58 -0.46 30.80
C SER B 165 11.69 -1.25 29.50
N VAL B 166 12.86 -1.78 29.19
CA VAL B 166 13.05 -2.57 27.98
C VAL B 166 12.98 -4.05 28.37
N VAL B 167 13.47 -4.37 29.57
CA VAL B 167 13.38 -5.73 30.07
C VAL B 167 11.93 -6.09 30.38
N SER B 168 11.19 -5.17 31.00
CA SER B 168 9.79 -5.41 31.37
C SER B 168 8.87 -5.48 30.17
N SER B 169 9.33 -5.06 28.98
CA SER B 169 8.52 -5.21 27.77
C SER B 169 8.25 -6.67 27.49
N TYR B 170 9.23 -7.54 27.74
CA TYR B 170 9.03 -8.96 27.57
C TYR B 170 7.94 -9.48 28.51
N PHE B 171 7.93 -9.01 29.75
CA PHE B 171 6.94 -9.50 30.71
C PHE B 171 5.54 -9.00 30.37
N THR B 172 5.42 -7.75 29.92
CA THR B 172 4.12 -7.26 29.46
C THR B 172 3.64 -8.02 28.23
N PHE B 173 4.55 -8.32 27.30
CA PHE B 173 4.20 -9.13 26.14
C PHE B 173 3.74 -10.51 26.56
N LEU B 174 4.42 -11.12 27.53
CA LEU B 174 4.04 -12.43 28.02
C LEU B 174 2.67 -12.40 28.69
N ARG B 175 2.37 -11.34 29.44
CA ARG B 175 1.05 -11.23 30.06
C ARG B 175 -0.04 -11.09 29.00
N TRP B 176 0.20 -10.30 27.96
CA TRP B 176 -0.78 -10.20 26.88
C TRP B 176 -0.97 -11.54 26.18
N ILE B 177 0.12 -12.28 25.97
CA ILE B 177 0.04 -13.60 25.35
C ILE B 177 -0.77 -14.55 26.23
N VAL B 178 -0.59 -14.45 27.55
CA VAL B 178 -1.38 -15.27 28.48
C VAL B 178 -2.86 -14.94 28.35
N PHE B 179 -3.19 -13.65 28.25
CA PHE B 179 -4.59 -13.28 28.09
C PHE B 179 -5.18 -13.82 26.79
N VAL B 180 -4.43 -13.71 25.69
CA VAL B 180 -4.91 -14.22 24.40
C VAL B 180 -5.11 -15.72 24.46
N ASN B 181 -4.17 -16.43 25.09
CA ASN B 181 -4.28 -17.88 25.21
C ASN B 181 -5.46 -18.27 26.08
N ILE B 182 -5.75 -17.49 27.12
CA ILE B 182 -6.92 -17.78 27.96
C ILE B 182 -8.21 -17.58 27.17
N MET B 183 -8.26 -16.53 26.35
CA MET B 183 -9.45 -16.33 25.52
C MET B 183 -9.63 -17.48 24.53
N ILE B 184 -8.53 -17.94 23.92
CA ILE B 184 -8.60 -19.08 23.01
C ILE B 184 -9.06 -20.34 23.75
N THR B 185 -8.55 -20.54 24.96
CA THR B 185 -8.96 -21.68 25.78
C THR B 185 -10.46 -21.64 26.06
N LEU B 186 -10.99 -20.47 26.42
CA LEU B 186 -12.41 -20.35 26.67
C LEU B 186 -13.22 -20.62 25.42
N ILE B 187 -12.77 -20.11 24.27
CA ILE B 187 -13.48 -20.34 23.01
C ILE B 187 -13.54 -21.83 22.71
N ALA B 188 -12.41 -22.52 22.85
CA ALA B 188 -12.36 -23.94 22.51
C ALA B 188 -12.93 -24.84 23.59
N LEU B 189 -13.19 -24.30 24.79
CA LEU B 189 -13.73 -25.08 25.90
C LEU B 189 -15.24 -24.95 26.06
N VAL B 190 -15.80 -23.78 25.72
CA VAL B 190 -17.24 -23.60 25.88
C VAL B 190 -18.01 -24.43 24.85
N PHE B 191 -17.52 -24.48 23.61
CA PHE B 191 -18.29 -25.03 22.51
C PHE B 191 -17.89 -26.44 22.11
N VAL B 192 -16.74 -26.95 22.58
CA VAL B 192 -16.28 -28.26 22.14
C VAL B 192 -16.12 -29.22 23.31
N VAL B 193 -15.24 -28.89 24.25
CA VAL B 193 -14.90 -29.82 25.31
C VAL B 193 -16.07 -30.00 26.26
N LEU B 194 -16.67 -28.88 26.71
CA LEU B 194 -17.75 -28.98 27.70
C LEU B 194 -18.99 -29.68 27.14
N PRO B 195 -19.52 -29.35 25.95
CA PRO B 195 -20.69 -30.09 25.46
C PRO B 195 -20.41 -31.57 25.27
N GLU B 196 -19.22 -31.92 24.78
CA GLU B 196 -18.90 -33.33 24.58
C GLU B 196 -18.80 -34.06 25.92
N THR B 197 -18.20 -33.43 26.92
CA THR B 197 -18.11 -34.05 28.24
C THR B 197 -19.50 -34.23 28.85
N LEU B 198 -20.37 -33.23 28.70
CA LEU B 198 -21.74 -33.36 29.22
C LEU B 198 -22.50 -34.47 28.50
N ALA B 199 -22.32 -34.57 27.18
CA ALA B 199 -22.97 -35.66 26.44
C ALA B 199 -22.45 -37.02 26.88
N ASP B 200 -21.14 -37.11 27.14
CA ASP B 200 -20.56 -38.35 27.63
C ASP B 200 -21.13 -38.73 29.00
N SER B 201 -21.32 -37.74 29.86
CA SER B 201 -21.83 -38.01 31.20
C SER B 201 -23.24 -38.60 31.15
N VAL B 202 -24.07 -38.11 30.23
CA VAL B 202 -25.44 -38.60 30.09
C VAL B 202 -25.61 -39.54 28.91
N ALA B 203 -24.51 -40.12 28.41
CA ALA B 203 -24.55 -41.00 27.25
C ALA B 203 -25.40 -42.23 27.51
N ASN B 204 -26.33 -42.51 26.61
CA ASN B 204 -27.18 -43.69 26.73
C ASN B 204 -26.43 -44.94 26.29
N GLU B 205 -27.15 -46.06 26.23
CA GLU B 205 -26.55 -47.30 25.80
C GLU B 205 -26.08 -47.21 24.35
N GLY B 206 -26.88 -46.60 23.47
CA GLY B 206 -26.49 -46.50 22.08
C GLY B 206 -25.23 -45.67 21.88
N ARG B 207 -25.17 -44.50 22.51
CA ARG B 207 -23.98 -43.66 22.37
C ARG B 207 -22.77 -44.31 23.03
N PHE B 208 -22.98 -44.98 24.16
CA PHE B 208 -21.88 -45.68 24.81
C PHE B 208 -21.32 -46.76 23.90
N ASN B 209 -22.19 -47.54 23.24
CA ASN B 209 -21.73 -48.55 22.31
C ASN B 209 -21.02 -47.92 21.12
N ARG B 210 -21.54 -46.79 20.62
CA ARG B 210 -20.93 -46.15 19.47
C ARG B 210 -19.57 -45.52 19.78
N THR B 211 -19.35 -45.10 21.02
CA THR B 211 -18.12 -44.39 21.38
C THR B 211 -17.19 -45.19 22.28
N LYS B 212 -17.50 -46.46 22.56
CA LYS B 212 -16.60 -47.27 23.37
C LYS B 212 -15.25 -47.45 22.70
N THR B 213 -15.23 -47.62 21.38
CA THR B 213 -13.99 -47.88 20.67
C THR B 213 -13.02 -46.70 20.68
N ARG B 214 -13.48 -45.51 21.06
CA ARG B 214 -12.62 -44.33 21.07
C ARG B 214 -12.55 -43.62 22.42
N LYS B 215 -13.42 -43.94 23.37
CA LYS B 215 -13.40 -43.31 24.67
C LYS B 215 -13.02 -44.25 25.80
N GLN B 216 -12.80 -45.52 25.51
CA GLN B 216 -12.42 -46.51 26.52
C GLN B 216 -11.10 -47.15 26.12
N ILE B 217 -10.16 -47.17 27.06
CA ILE B 217 -8.85 -47.81 26.80
C ILE B 217 -9.04 -49.32 26.78
N PRO B 218 -8.51 -50.02 25.79
CA PRO B 218 -8.68 -51.48 25.73
C PRO B 218 -8.07 -52.16 26.95
N ALA B 219 -8.73 -53.23 27.41
CA ALA B 219 -8.24 -53.97 28.56
C ALA B 219 -6.89 -54.62 28.31
N ASN B 220 -6.55 -54.87 27.05
CA ASN B 220 -5.22 -55.40 26.73
C ASN B 220 -4.14 -54.39 27.09
N GLU B 221 -4.35 -53.13 26.75
CA GLU B 221 -3.36 -52.08 27.01
C GLU B 221 -3.57 -51.40 28.36
N ARG B 222 -4.74 -51.56 28.97
CA ARG B 222 -5.04 -50.85 30.22
C ARG B 222 -4.06 -51.23 31.33
N VAL B 223 -3.51 -52.44 31.29
CA VAL B 223 -2.55 -52.85 32.31
C VAL B 223 -1.26 -52.04 32.20
N HIS B 224 -0.87 -51.68 30.98
CA HIS B 224 0.35 -50.90 30.74
C HIS B 224 0.06 -49.41 30.60
N ALA B 225 -0.98 -48.91 31.28
CA ALA B 225 -1.36 -47.51 31.13
C ALA B 225 -0.36 -46.57 31.77
N ASP B 226 0.35 -47.02 32.81
CA ASP B 226 1.33 -46.21 33.52
C ASP B 226 2.66 -46.96 33.55
N GLU B 227 3.65 -46.43 32.83
CA GLU B 227 4.95 -47.10 32.76
C GLU B 227 6.13 -46.13 32.76
N LEU B 228 5.90 -44.83 33.00
CA LEU B 228 6.91 -43.78 33.00
C LEU B 228 7.33 -43.50 31.56
N ALA B 229 6.89 -44.33 30.63
CA ALA B 229 7.12 -44.17 29.22
C ALA B 229 5.84 -44.09 28.41
N VAL B 230 4.83 -44.87 28.78
CA VAL B 230 3.49 -44.67 28.22
C VAL B 230 2.94 -43.33 28.67
N VAL B 231 3.12 -42.98 29.95
CA VAL B 231 2.64 -41.70 30.45
C VAL B 231 3.43 -40.54 29.85
N TRP B 232 4.75 -40.67 29.78
CA TRP B 232 5.59 -39.61 29.24
C TRP B 232 5.33 -39.36 27.76
N HIS B 233 4.79 -40.34 27.04
CA HIS B 233 4.47 -40.21 25.63
C HIS B 233 3.00 -39.88 25.40
N TYR B 234 2.26 -39.55 26.46
CA TYR B 234 0.84 -39.21 26.37
C TYR B 234 0.00 -40.34 25.79
N ASP B 235 0.44 -41.58 26.02
CA ASP B 235 -0.33 -42.75 25.64
C ASP B 235 -1.17 -43.21 26.84
N GLY B 236 -1.79 -44.37 26.72
CA GLY B 236 -2.57 -44.89 27.83
C GLY B 236 -3.82 -44.06 28.07
N TYR B 237 -3.97 -43.59 29.32
CA TYR B 237 -5.17 -42.86 29.70
C TYR B 237 -5.24 -41.49 29.02
N LEU B 238 -4.10 -40.92 28.67
CA LEU B 238 -4.10 -39.60 28.03
C LEU B 238 -4.54 -39.65 26.58
N ARG B 239 -4.29 -40.78 25.89
CA ARG B 239 -4.70 -40.90 24.49
C ARG B 239 -6.22 -40.93 24.35
N TYR B 240 -6.92 -41.44 25.37
CA TYR B 240 -8.38 -41.53 25.36
C TYR B 240 -9.02 -40.45 26.22
N SER B 241 -8.43 -39.26 26.21
CA SER B 241 -8.86 -38.11 26.99
C SER B 241 -9.32 -36.99 26.04
N PRO B 242 -10.11 -36.04 26.53
CA PRO B 242 -10.59 -34.96 25.65
C PRO B 242 -9.48 -34.08 25.10
N LEU B 243 -8.23 -34.40 25.45
CA LEU B 243 -7.10 -33.62 24.99
C LEU B 243 -6.79 -33.86 23.51
N PHE B 244 -7.30 -34.94 22.92
CA PHE B 244 -6.91 -35.33 21.57
C PHE B 244 -8.12 -35.45 20.66
N TYR B 245 -7.83 -35.41 19.36
CA TYR B 245 -8.88 -35.36 18.34
C TYR B 245 -9.69 -36.65 18.28
N GLY B 246 -9.08 -37.80 18.55
CA GLY B 246 -9.76 -39.07 18.39
C GLY B 246 -10.78 -39.39 19.47
N TYR B 247 -10.83 -38.59 20.53
CA TYR B 247 -11.76 -38.85 21.63
C TYR B 247 -13.20 -38.50 21.27
N TYR B 248 -13.42 -37.58 20.32
CA TYR B 248 -14.74 -37.05 20.04
C TYR B 248 -15.51 -37.94 19.08
N SER B 249 -16.83 -37.94 19.24
CA SER B 249 -17.70 -38.89 18.56
C SER B 249 -18.21 -38.33 17.23
N ASP B 250 -18.76 -39.23 16.42
CA ASP B 250 -19.26 -38.92 15.09
C ASP B 250 -20.75 -38.63 15.05
N ASP B 251 -21.43 -38.68 16.20
CA ASP B 251 -22.87 -38.46 16.21
C ASP B 251 -23.18 -37.05 15.74
N PRO B 252 -24.06 -36.88 14.74
CA PRO B 252 -24.39 -35.52 14.29
C PRO B 252 -25.01 -34.66 15.37
N PHE B 253 -25.77 -35.25 16.29
CA PHE B 253 -26.41 -34.54 17.38
C PHE B 253 -25.94 -35.10 18.71
N LEU B 254 -25.67 -34.22 19.66
CA LEU B 254 -25.24 -34.66 20.99
C LEU B 254 -26.35 -35.42 21.70
N GLY B 255 -27.59 -34.96 21.58
CA GLY B 255 -28.69 -35.64 22.22
C GLY B 255 -30.01 -34.95 21.92
N ASN B 256 -31.05 -35.38 22.61
CA ASN B 256 -32.37 -34.81 22.44
C ASN B 256 -32.52 -33.52 23.24
N LYS B 257 -33.45 -32.68 22.79
CA LYS B 257 -33.80 -31.42 23.46
C LYS B 257 -32.64 -30.43 23.43
N ILE B 258 -31.53 -30.79 22.77
CA ILE B 258 -30.39 -29.89 22.64
C ILE B 258 -30.05 -29.73 21.17
N LYS B 259 -29.88 -30.85 20.46
CA LYS B 259 -29.56 -30.87 19.04
C LYS B 259 -28.31 -30.05 18.74
N TYR B 260 -27.23 -30.42 19.40
CA TYR B 260 -25.94 -29.75 19.24
C TYR B 260 -25.09 -30.54 18.25
N ALA B 261 -24.68 -29.88 17.17
CA ALA B 261 -23.83 -30.51 16.16
C ALA B 261 -22.38 -30.38 16.59
N LEU B 262 -21.76 -31.50 16.94
CA LEU B 262 -20.39 -31.47 17.46
C LEU B 262 -19.33 -31.31 16.36
N PRO B 263 -19.40 -32.05 15.25
CA PRO B 263 -18.40 -31.80 14.19
C PRO B 263 -18.42 -30.39 13.65
N LEU B 264 -19.62 -29.80 13.48
CA LEU B 264 -19.73 -28.42 13.04
C LEU B 264 -19.14 -27.48 14.08
N ALA B 265 -19.39 -27.73 15.36
CA ALA B 265 -18.81 -26.92 16.42
C ALA B 265 -17.28 -27.02 16.41
N TYR B 266 -16.76 -28.22 16.18
CA TYR B 266 -15.32 -28.43 16.11
C TYR B 266 -14.70 -27.61 14.98
N PHE B 267 -15.26 -27.73 13.77
CA PHE B 267 -14.73 -26.99 12.63
C PHE B 267 -14.84 -25.48 12.84
N MET B 268 -16.00 -25.02 13.32
CA MET B 268 -16.19 -23.59 13.49
C MET B 268 -15.33 -23.03 14.62
N VAL B 269 -15.08 -23.80 15.67
CA VAL B 269 -14.21 -23.34 16.74
C VAL B 269 -12.77 -23.27 16.25
N THR B 270 -12.34 -24.25 15.46
CA THR B 270 -10.99 -24.19 14.90
C THR B 270 -10.82 -22.97 14.02
N LEU B 271 -11.82 -22.65 13.20
CA LEU B 271 -11.73 -21.45 12.36
C LEU B 271 -11.80 -20.17 13.18
N THR B 272 -12.66 -20.15 14.20
CA THR B 272 -12.86 -18.95 15.01
C THR B 272 -11.64 -18.63 15.84
N ILE B 273 -10.89 -19.65 16.29
CA ILE B 273 -9.68 -19.37 17.06
C ILE B 273 -8.66 -18.62 16.20
N PHE B 274 -8.47 -19.06 14.96
CA PHE B 274 -7.55 -18.36 14.06
C PHE B 274 -8.07 -16.96 13.72
N ALA B 275 -9.38 -16.83 13.49
CA ALA B 275 -9.94 -15.52 13.19
C ALA B 275 -9.72 -14.56 14.36
N TYR B 276 -9.98 -15.02 15.58
CA TYR B 276 -9.81 -14.17 16.75
C TYR B 276 -8.34 -13.85 17.00
N SER B 277 -7.45 -14.80 16.72
CA SER B 277 -6.02 -14.51 16.86
C SER B 277 -5.59 -13.41 15.91
N PHE B 278 -6.03 -13.50 14.65
CA PHE B 278 -5.73 -12.46 13.67
C PHE B 278 -6.29 -11.12 14.15
N PHE B 279 -7.55 -11.12 14.60
CA PHE B 279 -8.19 -9.88 15.03
C PHE B 279 -7.47 -9.26 16.22
N ALA B 280 -7.08 -10.08 17.21
CA ALA B 280 -6.41 -9.56 18.40
C ALA B 280 -5.04 -9.00 18.06
N ILE B 281 -4.26 -9.70 17.23
CA ILE B 281 -2.94 -9.20 16.86
C ILE B 281 -3.07 -7.89 16.09
N LEU B 282 -4.01 -7.82 15.14
CA LEU B 282 -4.18 -6.60 14.36
C LEU B 282 -4.67 -5.44 15.23
N ARG B 283 -5.59 -5.72 16.16
CA ARG B 283 -6.09 -4.67 17.04
C ARG B 283 -4.99 -4.14 17.96
N LYS B 284 -4.15 -5.04 18.50
CA LYS B 284 -3.03 -4.60 19.32
C LYS B 284 -2.05 -3.77 18.51
N MET B 285 -1.77 -4.19 17.28
CA MET B 285 -0.87 -3.43 16.42
C MET B 285 -1.42 -2.04 16.14
N ALA B 286 -2.72 -1.94 15.83
CA ALA B 286 -3.33 -0.66 15.55
C ALA B 286 -3.32 0.24 16.78
N ALA B 287 -3.61 -0.32 17.95
CA ALA B 287 -3.59 0.48 19.17
C ALA B 287 -2.19 0.96 19.49
N ASN B 288 -1.17 0.13 19.23
CA ASN B 288 0.20 0.52 19.55
C ASN B 288 0.73 1.56 18.58
N ALA B 289 0.37 1.46 17.30
CA ALA B 289 0.91 2.35 16.28
C ALA B 289 -0.05 3.48 15.90
N ARG B 290 -1.25 3.13 15.43
CA ARG B 290 -2.14 4.13 14.85
C ARG B 290 -2.64 5.11 15.90
N MET B 291 -2.93 4.63 17.11
CA MET B 291 -3.46 5.48 18.16
C MET B 291 -2.40 6.07 19.08
N SER B 292 -1.16 5.62 18.98
CA SER B 292 -0.10 6.08 19.87
C SER B 292 1.06 6.75 19.15
N LYS B 293 1.57 6.14 18.08
CA LYS B 293 2.76 6.64 17.39
C LYS B 293 2.47 6.80 15.90
N LEU B 294 1.32 7.40 15.58
CA LEU B 294 1.00 7.69 14.19
C LEU B 294 1.85 8.81 13.61
N SER B 295 2.47 9.63 14.47
CA SER B 295 3.30 10.74 14.03
C SER B 295 4.76 10.37 13.87
N GLY B 296 5.15 9.14 14.21
CA GLY B 296 6.54 8.74 14.11
C GLY B 296 7.02 8.45 12.70
N SER B 297 6.12 8.40 11.73
CA SER B 297 6.51 8.14 10.35
C SER B 297 7.32 9.30 9.79
N LYS B 298 8.23 8.97 8.87
CA LYS B 298 9.08 9.94 8.19
C LYS B 298 9.93 10.74 9.19
N ALA B 299 10.74 10.01 9.94
CA ALA B 299 11.64 10.59 10.93
C ALA B 299 13.07 10.61 10.39
N GLU B 300 13.84 11.61 10.82
CA GLU B 300 15.19 11.79 10.31
C GLU B 300 16.04 12.46 11.38
N GLN B 301 17.36 12.27 11.25
CA GLN B 301 18.38 12.85 12.11
C GLN B 301 17.97 12.88 13.59
N TYR B 302 18.02 14.07 14.19
CA TYR B 302 17.62 14.27 15.58
C TYR B 302 18.39 13.34 16.52
N ILE B 303 19.67 13.12 16.24
CA ILE B 303 20.49 12.19 17.02
C ILE B 303 20.64 12.68 18.45
N PHE B 304 21.17 13.88 18.62
CA PHE B 304 21.41 14.41 19.95
C PHE B 304 20.11 14.67 20.69
N ASN B 305 19.09 15.15 19.97
CA ASN B 305 17.79 15.38 20.58
C ASN B 305 17.19 14.08 21.11
N TRP B 306 17.27 13.01 20.33
CA TRP B 306 16.69 11.74 20.75
C TRP B 306 17.53 11.05 21.81
N LYS B 307 18.83 11.29 21.83
CA LYS B 307 19.71 10.67 22.82
C LYS B 307 19.91 11.53 24.06
N LEU B 308 19.30 12.70 24.12
CA LEU B 308 19.35 13.56 25.31
C LEU B 308 17.99 13.78 25.92
N PHE B 309 16.98 14.14 25.11
CA PHE B 309 15.65 14.37 25.65
C PHE B 309 14.95 13.08 26.04
N THR B 310 15.32 11.96 25.44
CA THR B 310 14.80 10.64 25.79
C THR B 310 15.92 9.73 26.28
N GLY B 311 16.83 10.29 27.08
CA GLY B 311 18.01 9.58 27.53
C GLY B 311 17.96 9.02 28.92
N TRP B 312 16.89 9.25 29.68
CA TRP B 312 16.76 8.74 31.04
C TRP B 312 15.48 7.93 31.15
N ASP B 313 15.59 6.74 31.73
CA ASP B 313 14.44 5.88 31.96
C ASP B 313 13.80 6.26 33.30
N TYR B 314 12.56 6.75 33.25
CA TYR B 314 11.90 7.20 34.48
C TYR B 314 11.43 6.04 35.33
N THR B 315 11.38 4.82 34.78
CA THR B 315 10.94 3.67 35.54
C THR B 315 12.01 3.20 36.52
N ILE B 316 13.29 3.42 36.19
CA ILE B 316 14.38 2.88 36.99
C ILE B 316 14.38 3.52 38.37
N GLY B 317 14.48 2.67 39.40
CA GLY B 317 14.50 3.16 40.77
C GLY B 317 15.57 2.49 41.61
N ASN B 318 16.59 1.94 40.98
CA ASN B 318 17.70 1.31 41.66
C ASN B 318 18.96 2.14 41.49
N SER B 319 19.82 2.13 42.50
CA SER B 319 21.03 2.94 42.46
C SER B 319 22.02 2.43 41.43
N GLU B 320 22.29 1.12 41.44
CA GLU B 320 23.23 0.55 40.49
C GLU B 320 22.73 0.69 39.05
N THR B 321 21.43 0.45 38.83
CA THR B 321 20.88 0.62 37.50
C THR B 321 20.92 2.08 37.07
N ALA B 322 20.71 3.02 38.00
CA ALA B 322 20.82 4.43 37.66
C ALA B 322 22.24 4.79 37.25
N SER B 323 23.24 4.28 37.98
CA SER B 323 24.63 4.52 37.59
C SER B 323 24.94 3.92 36.23
N ASN B 324 24.43 2.72 35.98
CA ASN B 324 24.62 2.10 34.67
C ASN B 324 23.99 2.93 33.57
N THR B 325 22.80 3.48 33.82
CA THR B 325 22.14 4.33 32.82
C THR B 325 22.93 5.60 32.56
N VAL B 326 23.47 6.21 33.61
CA VAL B 326 24.28 7.41 33.45
C VAL B 326 25.53 7.11 32.62
N MET B 327 26.22 6.01 32.94
CA MET B 327 27.39 5.63 32.16
C MET B 327 27.02 5.33 30.71
N ALA B 328 25.88 4.67 30.50
CA ALA B 328 25.45 4.34 29.15
C ALA B 328 25.17 5.60 28.33
N VAL B 329 24.50 6.58 28.94
CA VAL B 329 24.21 7.82 28.21
C VAL B 329 25.50 8.59 27.93
N VAL B 330 26.45 8.57 28.87
CA VAL B 330 27.73 9.23 28.64
C VAL B 330 28.45 8.59 27.47
N ILE B 331 28.50 7.26 27.45
CA ILE B 331 29.16 6.55 26.36
C ILE B 331 28.44 6.82 25.05
N LYS B 332 27.11 6.84 25.06
CA LYS B 332 26.35 7.09 23.84
C LYS B 332 26.71 8.46 23.27
N LEU B 333 26.69 9.50 24.11
CA LEU B 333 27.02 10.84 23.62
C LEU B 333 28.45 10.91 23.11
N ARG B 334 29.38 10.31 23.85
CA ARG B 334 30.79 10.36 23.44
C ARG B 334 31.01 9.67 22.10
N GLU B 335 30.42 8.49 21.91
CA GLU B 335 30.61 7.78 20.65
C GLU B 335 29.89 8.47 19.50
N SER B 336 28.73 9.07 19.76
CA SER B 336 28.06 9.83 18.71
C SER B 336 28.92 11.01 18.26
N ILE B 337 29.51 11.73 19.20
CA ILE B 337 30.37 12.85 18.84
C ILE B 337 31.63 12.36 18.12
N ALA B 338 32.21 11.26 18.58
CA ALA B 338 33.40 10.71 17.92
C ALA B 338 33.09 10.30 16.49
N ASP B 339 31.93 9.67 16.27
CA ASP B 339 31.54 9.28 14.91
C ASP B 339 31.30 10.51 14.04
N ILE B 340 30.65 11.54 14.59
CA ILE B 340 30.34 12.72 13.78
C ILE B 340 31.57 13.59 13.54
N LYS B 341 32.63 13.42 14.34
CA LYS B 341 33.81 14.28 14.20
C LYS B 341 34.68 13.88 13.02
N LYS B 342 35.23 12.66 13.04
CA LYS B 342 36.20 12.27 12.03
C LYS B 342 35.55 12.08 10.67
N ASP B 343 34.44 11.34 10.61
CA ASP B 343 33.71 11.07 9.37
C ASP B 343 34.61 10.40 8.33
N ALA B 344 35.67 9.75 8.76
CA ALA B 344 36.60 9.08 7.86
C ALA B 344 36.48 7.56 8.04
N HIS B 345 36.22 6.85 6.93
CA HIS B 345 36.08 5.40 6.94
C HIS B 345 36.95 4.81 5.84
N GLY B 346 38.22 4.57 6.16
CA GLY B 346 39.10 3.87 5.24
C GLY B 346 39.86 2.76 5.91
N LYS B 347 39.60 1.51 5.51
CA LYS B 347 40.25 0.35 6.07
C LYS B 347 39.88 -0.90 5.27
N PHE B 348 40.85 -1.80 5.07
CA PHE B 348 40.58 -3.06 4.38
C PHE B 348 41.59 -4.12 4.81
N ARG B 349 41.17 -5.02 5.69
CA ARG B 349 42.00 -6.12 6.16
C ARG B 349 41.45 -7.44 5.65
N LEU B 350 42.31 -8.23 5.01
CA LEU B 350 41.87 -9.52 4.49
C LEU B 350 41.50 -10.49 5.61
N LEU B 351 42.14 -10.37 6.77
CA LEU B 351 41.85 -11.27 7.88
C LEU B 351 40.41 -11.10 8.36
N GLN B 352 39.95 -9.85 8.48
CA GLN B 352 38.58 -9.62 8.94
C GLN B 352 37.56 -10.16 7.94
N PHE B 353 37.78 -9.94 6.65
CA PHE B 353 36.87 -10.46 5.63
C PHE B 353 36.86 -11.98 5.64
N SER B 354 38.03 -12.59 5.78
CA SER B 354 38.10 -14.05 5.85
C SER B 354 37.35 -14.58 7.06
N LEU B 355 37.51 -13.92 8.21
CA LEU B 355 36.79 -14.36 9.41
C LEU B 355 35.28 -14.21 9.21
N ARG B 356 34.84 -13.11 8.61
CA ARG B 356 33.41 -12.90 8.39
C ARG B 356 32.82 -13.96 7.47
N VAL B 357 33.50 -14.25 6.36
CA VAL B 357 32.97 -15.24 5.43
C VAL B 357 33.02 -16.64 6.04
N PHE B 358 34.08 -16.93 6.82
CA PHE B 358 34.14 -18.22 7.49
C PHE B 358 33.00 -18.40 8.47
N ALA B 359 32.69 -17.35 9.24
CA ALA B 359 31.59 -17.43 10.20
C ALA B 359 30.25 -17.59 9.48
N ASN B 360 30.03 -16.83 8.41
CA ASN B 360 28.79 -16.95 7.66
C ASN B 360 28.68 -18.30 6.94
N ILE B 361 29.81 -18.98 6.72
CA ILE B 361 29.76 -20.31 6.13
C ILE B 361 29.45 -21.36 7.18
N ILE B 362 30.08 -21.26 8.36
CA ILE B 362 29.83 -22.27 9.39
C ILE B 362 28.40 -22.14 9.91
N ILE B 363 27.83 -20.94 9.89
CA ILE B 363 26.43 -20.80 10.28
C ILE B 363 25.52 -21.57 9.34
N CYS B 364 25.76 -21.45 8.02
CA CYS B 364 24.96 -22.21 7.06
C CYS B 364 25.20 -23.71 7.21
N ALA B 365 26.43 -24.11 7.50
CA ALA B 365 26.72 -25.52 7.74
C ALA B 365 25.94 -26.04 8.94
N MET B 366 25.88 -25.25 10.02
CA MET B 366 25.12 -25.65 11.20
C MET B 366 23.62 -25.68 10.92
N LEU B 367 23.12 -24.77 10.08
CA LEU B 367 21.72 -24.82 9.69
C LEU B 367 21.41 -26.11 8.91
N GLY B 368 22.28 -26.47 7.97
CA GLY B 368 22.10 -27.73 7.26
C GLY B 368 22.19 -28.93 8.18
N PHE B 369 23.10 -28.88 9.15
CA PHE B 369 23.22 -29.96 10.13
C PHE B 369 21.96 -30.07 10.97
N SER B 370 21.36 -28.94 11.32
CA SER B 370 20.09 -28.95 12.06
C SER B 370 18.99 -29.59 11.22
N ILE B 371 18.92 -29.25 9.93
CA ILE B 371 17.94 -29.86 9.04
C ILE B 371 18.14 -31.37 9.00
N TYR B 372 19.39 -31.81 8.83
CA TYR B 372 19.68 -33.23 8.75
C TYR B 372 19.32 -33.95 10.05
N CYS B 373 19.65 -33.33 11.18
CA CYS B 373 19.33 -33.95 12.48
C CYS B 373 17.83 -34.07 12.68
N ILE B 374 17.07 -33.04 12.32
CA ILE B 374 15.62 -33.10 12.48
C ILE B 374 15.04 -34.20 11.60
N ILE B 375 15.49 -34.27 10.34
CA ILE B 375 14.97 -35.28 9.42
C ILE B 375 15.33 -36.68 9.91
N PHE B 376 16.57 -36.87 10.38
CA PHE B 376 17.00 -38.17 10.88
C PHE B 376 16.18 -38.57 12.11
N ALA B 377 15.96 -37.62 13.03
CA ALA B 377 15.20 -37.93 14.24
C ALA B 377 13.76 -38.30 13.91
N VAL B 378 13.14 -37.60 12.97
CA VAL B 378 11.77 -37.94 12.58
C VAL B 378 11.73 -39.30 11.90
N GLN B 379 12.70 -39.58 11.01
CA GLN B 379 12.70 -40.84 10.27
C GLN B 379 12.91 -42.03 11.20
N LYS B 380 13.82 -41.90 12.17
CA LYS B 380 14.08 -43.02 13.08
C LYS B 380 12.86 -43.38 13.92
N SER B 381 11.93 -42.45 14.11
CA SER B 381 10.68 -42.73 14.82
C SER B 381 9.64 -43.30 13.86
N GLN B 382 10.02 -44.41 13.23
CA GLN B 382 9.20 -45.06 12.21
C GLN B 382 8.24 -46.10 12.79
N VAL B 383 8.20 -46.26 14.11
CA VAL B 383 7.41 -47.29 14.75
C VAL B 383 6.13 -46.68 15.28
N GLN B 384 5.01 -47.37 15.07
CA GLN B 384 3.72 -47.02 15.66
C GLN B 384 3.36 -47.92 16.84
N ASP B 385 3.68 -49.21 16.75
CA ASP B 385 3.52 -50.12 17.87
C ASP B 385 4.62 -49.88 18.90
N ASP B 386 4.42 -50.42 20.09
CA ASP B 386 5.36 -50.22 21.19
C ASP B 386 6.60 -51.09 21.02
N GLY B 387 7.35 -50.88 19.93
CA GLY B 387 8.61 -51.58 19.77
C GLY B 387 9.67 -51.08 20.73
N ASN B 388 9.80 -49.77 20.87
CA ASN B 388 10.71 -49.15 21.82
C ASN B 388 10.29 -47.70 22.01
N LEU B 389 10.58 -47.16 23.20
CA LEU B 389 10.20 -45.80 23.53
C LEU B 389 11.36 -44.91 23.93
N PHE B 390 12.52 -45.48 24.28
CA PHE B 390 13.69 -44.68 24.60
C PHE B 390 14.31 -44.05 23.34
N THR B 391 13.90 -44.47 22.16
CA THR B 391 14.36 -43.88 20.90
C THR B 391 13.27 -43.13 20.16
N LYS B 392 12.00 -43.51 20.35
CA LYS B 392 10.90 -42.81 19.71
C LYS B 392 10.78 -41.37 20.20
N ASN B 393 11.26 -41.07 21.41
CA ASN B 393 11.17 -39.73 21.99
C ASN B 393 12.38 -38.88 21.65
N GLN B 394 13.05 -39.13 20.53
CA GLN B 394 14.24 -38.37 20.17
C GLN B 394 13.94 -37.14 19.34
N VAL B 395 12.76 -37.05 18.73
CA VAL B 395 12.40 -35.86 17.95
C VAL B 395 12.03 -34.69 18.86
N PRO B 396 11.40 -34.88 20.04
CA PRO B 396 11.24 -33.72 20.92
C PRO B 396 12.52 -33.31 21.62
N SER B 397 13.40 -34.26 21.92
CA SER B 397 14.65 -33.94 22.60
C SER B 397 15.68 -33.31 21.67
N VAL B 398 15.62 -33.60 20.38
CA VAL B 398 16.57 -33.03 19.44
C VAL B 398 16.18 -31.60 19.09
N VAL B 399 14.95 -31.42 18.58
CA VAL B 399 14.53 -30.10 18.11
C VAL B 399 14.67 -29.07 19.22
N SER B 400 14.10 -29.38 20.39
CA SER B 400 14.22 -28.48 21.53
C SER B 400 15.68 -28.15 21.80
N THR B 401 16.54 -29.17 21.77
CA THR B 401 17.96 -28.93 22.00
C THR B 401 18.47 -27.85 21.05
N ILE B 402 18.22 -28.03 19.75
CA ILE B 402 18.66 -27.02 18.79
C ILE B 402 18.06 -25.67 19.16
N THR B 403 16.74 -25.65 19.41
CA THR B 403 16.06 -24.41 19.70
C THR B 403 16.68 -23.70 20.90
N HIS B 404 17.30 -24.46 21.79
CA HIS B 404 17.87 -23.88 23.00
C HIS B 404 19.39 -23.82 22.98
N VAL B 405 20.06 -24.44 22.02
CA VAL B 405 21.52 -24.49 22.10
C VAL B 405 22.16 -23.74 20.93
N PHE B 406 21.50 -23.77 19.77
CA PHE B 406 22.05 -23.09 18.61
C PHE B 406 22.14 -21.58 18.79
N PRO B 407 21.14 -20.87 19.36
CA PRO B 407 21.31 -19.43 19.58
C PRO B 407 22.62 -19.03 20.26
N MET B 408 22.95 -19.63 21.41
CA MET B 408 24.18 -19.23 22.10
C MET B 408 25.40 -19.45 21.23
N ILE B 409 25.46 -20.60 20.55
CA ILE B 409 26.54 -20.84 19.59
C ILE B 409 26.58 -19.72 18.55
N PHE B 410 25.41 -19.34 18.04
CA PHE B 410 25.33 -18.20 17.13
C PHE B 410 26.00 -16.98 17.73
N ASP B 411 25.70 -16.71 19.00
CA ASP B 411 26.30 -15.57 19.70
C ASP B 411 27.82 -15.66 19.63
N LEU B 412 28.37 -16.85 19.91
CA LEU B 412 29.81 -17.02 19.85
C LEU B 412 30.34 -16.72 18.45
N ILE B 413 29.63 -17.18 17.41
CA ILE B 413 30.04 -16.89 16.05
C ILE B 413 29.99 -15.38 15.80
N GLY B 414 29.02 -14.71 16.42
CA GLY B 414 28.96 -13.26 16.30
C GLY B 414 30.18 -12.55 16.85
N LYS B 415 30.96 -13.23 17.69
CA LYS B 415 32.22 -12.65 18.15
C LYS B 415 33.23 -12.58 17.03
N MET B 416 33.25 -13.59 16.15
CA MET B 416 34.15 -13.57 15.01
C MET B 416 33.80 -12.43 14.07
N GLU B 417 32.52 -12.19 13.85
CA GLU B 417 32.04 -11.11 12.99
C GLU B 417 31.84 -9.88 13.85
N ASN B 418 32.92 -9.11 14.06
CA ASN B 418 32.88 -7.94 14.92
C ASN B 418 32.48 -6.71 14.12
N TYR B 419 31.41 -6.06 14.54
CA TYR B 419 30.97 -4.79 13.97
C TYR B 419 30.01 -4.12 14.95
N HIS B 420 29.32 -3.09 14.47
CA HIS B 420 28.35 -2.31 15.23
C HIS B 420 27.42 -3.22 16.01
N PRO B 421 27.33 -3.05 17.34
CA PRO B 421 26.49 -3.95 18.14
C PRO B 421 25.02 -3.99 17.70
N ARG B 422 24.51 -2.88 17.18
CA ARG B 422 23.11 -2.86 16.75
C ARG B 422 22.89 -3.79 15.56
N THR B 423 23.72 -3.67 14.52
CA THR B 423 23.58 -4.56 13.39
C THR B 423 23.99 -5.99 13.73
N ALA B 424 24.87 -6.15 14.73
CA ALA B 424 25.17 -7.49 15.22
C ALA B 424 23.93 -8.13 15.84
N LEU B 425 23.19 -7.37 16.65
CA LEU B 425 21.95 -7.88 17.22
C LEU B 425 20.93 -8.18 16.14
N ARG B 426 20.82 -7.29 15.15
CA ARG B 426 19.88 -7.53 14.06
C ARG B 426 20.24 -8.78 13.28
N ALA B 427 21.53 -8.99 13.01
CA ALA B 427 21.96 -10.20 12.31
C ALA B 427 21.69 -11.44 13.15
N HIS B 428 21.94 -11.38 14.45
CA HIS B 428 21.64 -12.51 15.32
C HIS B 428 20.16 -12.85 15.31
N LEU B 429 19.30 -11.82 15.37
CA LEU B 429 17.86 -12.06 15.31
C LEU B 429 17.46 -12.65 13.97
N GLY B 430 18.05 -12.18 12.88
CA GLY B 430 17.73 -12.73 11.58
C GLY B 430 18.13 -14.20 11.46
N ARG B 431 19.33 -14.53 11.94
CA ARG B 431 19.77 -15.93 11.89
C ARG B 431 18.89 -16.81 12.76
N VAL B 432 18.52 -16.35 13.95
CA VAL B 432 17.67 -17.14 14.83
C VAL B 432 16.29 -17.34 14.20
N LEU B 433 15.73 -16.28 13.61
CA LEU B 433 14.43 -16.40 12.94
C LEU B 433 14.49 -17.37 11.77
N ILE B 434 15.57 -17.30 10.98
CA ILE B 434 15.73 -18.21 9.85
C ILE B 434 15.83 -19.65 10.33
N LEU B 435 16.62 -19.88 11.40
CA LEU B 435 16.75 -21.21 11.95
C LEU B 435 15.41 -21.74 12.45
N TYR B 436 14.64 -20.90 13.14
CA TYR B 436 13.34 -21.32 13.66
C TYR B 436 12.39 -21.67 12.53
N THR B 437 12.33 -20.83 11.50
CA THR B 437 11.43 -21.09 10.38
C THR B 437 11.84 -22.34 9.63
N VAL B 438 13.14 -22.53 9.42
CA VAL B 438 13.64 -23.70 8.72
C VAL B 438 13.32 -24.98 9.49
N ASN B 439 13.54 -24.95 10.81
CA ASN B 439 13.21 -26.12 11.64
C ASN B 439 11.71 -26.39 11.61
N TYR B 440 10.90 -25.34 11.66
CA TYR B 440 9.45 -25.49 11.59
C TYR B 440 9.04 -26.18 10.30
N ILE B 441 9.51 -25.69 9.16
CA ILE B 441 9.13 -26.25 7.88
C ILE B 441 9.63 -27.68 7.73
N THR B 442 10.88 -27.94 8.13
CA THR B 442 11.42 -29.29 8.03
C THR B 442 10.63 -30.26 8.88
N LEU B 443 10.31 -29.86 10.11
CA LEU B 443 9.55 -30.74 11.01
C LEU B 443 8.15 -31.01 10.46
N ILE B 444 7.49 -29.99 9.93
CA ILE B 444 6.15 -30.17 9.38
C ILE B 444 6.19 -31.14 8.20
N PHE B 445 7.14 -30.93 7.28
CA PHE B 445 7.24 -31.79 6.11
C PHE B 445 7.54 -33.22 6.51
N ALA B 446 8.49 -33.42 7.43
CA ALA B 446 8.86 -34.76 7.83
C ALA B 446 7.70 -35.46 8.54
N LEU B 447 6.99 -34.75 9.41
CA LEU B 447 5.86 -35.35 10.11
C LEU B 447 4.76 -35.75 9.14
N PHE B 448 4.43 -34.88 8.20
CA PHE B 448 3.38 -35.20 7.23
C PHE B 448 3.78 -36.38 6.36
N GLU B 449 5.03 -36.41 5.90
CA GLU B 449 5.49 -37.54 5.09
C GLU B 449 5.45 -38.84 5.89
N LYS B 450 5.87 -38.79 7.16
CA LYS B 450 5.87 -40.00 7.98
C LYS B 450 4.46 -40.50 8.21
N MET B 451 3.53 -39.60 8.49
CA MET B 451 2.14 -40.02 8.69
C MET B 451 1.54 -40.60 7.40
N THR B 452 1.84 -39.99 6.26
CA THR B 452 1.36 -40.53 4.99
C THR B 452 1.91 -41.94 4.75
N ALA B 453 3.22 -42.12 4.96
CA ALA B 453 3.82 -43.42 4.75
C ALA B 453 3.27 -44.46 5.70
N LEU B 454 3.08 -44.09 6.97
CA LEU B 454 2.54 -45.03 7.95
C LEU B 454 1.11 -45.42 7.62
N ARG B 455 0.29 -44.44 7.21
CA ARG B 455 -1.09 -44.75 6.83
C ARG B 455 -1.13 -45.66 5.60
N ASP B 456 -0.26 -45.40 4.62
CA ASP B 456 -0.21 -46.27 3.44
C ASP B 456 0.22 -47.68 3.81
N ARG B 457 1.23 -47.81 4.70
CA ARG B 457 1.71 -49.12 5.08
C ARG B 457 0.67 -49.90 5.87
N VAL B 458 0.00 -49.24 6.81
CA VAL B 458 -0.97 -49.91 7.66
C VAL B 458 -2.30 -50.17 6.97
N ASN B 459 -2.55 -49.54 5.81
CA ASN B 459 -3.80 -49.74 5.09
C ASN B 459 -3.61 -49.46 3.60
N ASN B 664 -9.06 -51.02 13.40
CA ASN B 664 -9.27 -50.50 12.06
C ASN B 664 -8.12 -49.58 11.65
N ASP B 665 -8.45 -48.52 10.92
CA ASP B 665 -7.45 -47.56 10.47
C ASP B 665 -6.90 -46.77 11.65
N ILE B 666 -5.63 -46.37 11.52
CA ILE B 666 -4.95 -45.61 12.57
C ILE B 666 -5.53 -44.20 12.62
N CYS B 667 -5.22 -43.48 13.70
CA CYS B 667 -5.67 -42.10 13.90
C CYS B 667 -4.46 -41.19 13.77
N TRP B 668 -4.25 -40.65 12.57
CA TRP B 668 -3.08 -39.81 12.34
C TRP B 668 -3.22 -38.45 13.01
N GLU B 669 -4.45 -37.96 13.18
CA GLU B 669 -4.64 -36.68 13.84
C GLU B 669 -4.25 -36.75 15.32
N THR B 670 -4.64 -37.84 15.99
CA THR B 670 -4.22 -38.02 17.39
C THR B 670 -2.71 -38.14 17.49
N ILE B 671 -2.08 -38.82 16.54
CA ILE B 671 -0.63 -38.96 16.55
C ILE B 671 0.05 -37.61 16.38
N ILE B 672 -0.44 -36.79 15.43
CA ILE B 672 0.15 -35.47 15.23
C ILE B 672 -0.03 -34.61 16.47
N GLY B 673 -1.23 -34.66 17.08
CA GLY B 673 -1.44 -33.94 18.32
C GLY B 673 -0.50 -34.39 19.42
N GLN B 674 -0.25 -35.70 19.52
CA GLN B 674 0.67 -36.21 20.51
C GLN B 674 2.08 -35.69 20.26
N GLU B 675 2.52 -35.67 19.00
CA GLU B 675 3.85 -35.14 18.70
C GLU B 675 3.96 -33.67 19.09
N ILE B 676 2.94 -32.87 18.79
CA ILE B 676 2.98 -31.45 19.12
C ILE B 676 3.00 -31.25 20.64
N VAL B 677 2.17 -32.00 21.37
CA VAL B 677 2.12 -31.84 22.82
C VAL B 677 3.43 -32.27 23.45
N LYS B 678 4.02 -33.37 22.97
CA LYS B 678 5.32 -33.80 23.49
C LYS B 678 6.40 -32.77 23.20
N LEU B 679 6.35 -32.16 22.01
CA LEU B 679 7.30 -31.10 21.68
C LEU B 679 7.17 -29.93 22.64
N VAL B 680 5.93 -29.52 22.94
CA VAL B 680 5.72 -28.39 23.85
C VAL B 680 6.22 -28.73 25.25
N THR B 681 5.92 -29.94 25.74
CA THR B 681 6.36 -30.33 27.07
C THR B 681 7.88 -30.39 27.16
N MET B 682 8.54 -30.98 26.16
CA MET B 682 10.00 -31.02 26.17
C MET B 682 10.60 -29.62 26.05
N ASP B 683 9.93 -28.73 25.32
CA ASP B 683 10.41 -27.35 25.24
C ASP B 683 10.34 -26.67 26.59
N LEU B 684 9.27 -26.89 27.35
CA LEU B 684 9.19 -26.33 28.70
C LEU B 684 10.28 -26.90 29.60
N ILE B 685 10.50 -28.22 29.52
CA ILE B 685 11.52 -28.85 30.36
C ILE B 685 12.89 -28.29 30.03
N PHE B 686 13.20 -28.14 28.74
CA PHE B 686 14.50 -27.62 28.34
C PHE B 686 14.66 -26.15 28.72
N THR B 687 13.58 -25.38 28.66
CA THR B 687 13.65 -23.99 29.11
C THR B 687 13.95 -23.91 30.60
N ILE B 688 13.30 -24.76 31.40
CA ILE B 688 13.58 -24.77 32.83
C ILE B 688 15.03 -25.16 33.10
N LEU B 689 15.52 -26.19 32.39
CA LEU B 689 16.90 -26.62 32.58
C LEU B 689 17.89 -25.53 32.18
N SER B 690 17.63 -24.85 31.07
CA SER B 690 18.51 -23.76 30.64
C SER B 690 18.50 -22.60 31.62
N ILE B 691 17.33 -22.28 32.17
CA ILE B 691 17.26 -21.23 33.18
C ILE B 691 18.06 -21.62 34.42
N LEU B 692 17.93 -22.88 34.85
CA LEU B 692 18.67 -23.33 36.03
C LEU B 692 20.17 -23.31 35.78
N VAL B 693 20.61 -23.69 34.58
CA VAL B 693 22.04 -23.83 34.33
C VAL B 693 22.69 -22.48 34.06
N ILE B 694 22.15 -21.71 33.10
CA ILE B 694 22.79 -20.48 32.66
C ILE B 694 22.72 -19.41 33.74
N ASP B 695 21.58 -19.32 34.44
CA ASP B 695 21.38 -18.20 35.37
C ASP B 695 21.81 -18.55 36.80
N LEU B 696 21.26 -19.64 37.35
CA LEU B 696 21.49 -19.95 38.76
C LEU B 696 22.87 -20.54 38.99
N PHE B 697 23.16 -21.67 38.36
CA PHE B 697 24.41 -22.38 38.64
C PHE B 697 25.63 -21.59 38.17
N ARG B 698 25.53 -20.94 37.01
CA ARG B 698 26.65 -20.12 36.55
C ARG B 698 26.87 -18.93 37.48
N GLY B 699 25.79 -18.30 37.96
CA GLY B 699 25.95 -17.21 38.89
C GLY B 699 26.59 -17.64 40.20
N LEU B 700 26.17 -18.80 40.73
CA LEU B 700 26.78 -19.31 41.95
C LEU B 700 28.25 -19.65 41.72
N TRP B 701 28.58 -20.24 40.57
CA TRP B 701 29.97 -20.56 40.26
C TRP B 701 30.82 -19.31 40.17
N ILE B 702 30.30 -18.26 39.53
CA ILE B 702 31.04 -17.00 39.44
C ILE B 702 31.23 -16.40 40.83
N LYS B 703 30.17 -16.42 41.66
CA LYS B 703 30.27 -15.81 42.98
C LYS B 703 31.28 -16.53 43.86
N TYR B 704 31.28 -17.87 43.83
CA TYR B 704 32.09 -18.65 44.76
C TYR B 704 33.37 -19.21 44.15
N CYS B 705 33.71 -18.84 42.91
CA CYS B 705 34.90 -19.39 42.29
C CYS B 705 35.72 -18.36 41.51
N SER B 706 35.41 -17.07 41.62
CA SER B 706 36.16 -16.05 40.90
C SER B 706 37.47 -15.68 41.58
N SER B 707 37.65 -16.05 42.85
CA SER B 707 38.87 -15.67 43.57
C SER B 707 40.07 -16.50 43.13
N TRP B 708 39.87 -17.80 42.93
CA TRP B 708 40.97 -18.73 42.67
C TRP B 708 40.87 -19.40 41.31
N TRP B 709 40.18 -18.78 40.36
CA TRP B 709 40.08 -19.35 39.03
C TRP B 709 41.36 -19.06 38.24
N CYS B 710 41.50 -19.75 37.11
CA CYS B 710 42.66 -19.53 36.25
C CYS B 710 42.68 -18.12 35.70
N TRP B 711 41.52 -17.59 35.31
CA TRP B 711 41.39 -16.22 34.87
C TRP B 711 40.19 -15.59 35.57
N ASP B 712 40.19 -14.26 35.63
CA ASP B 712 39.14 -13.54 36.36
C ASP B 712 37.83 -13.63 35.59
N ILE B 713 37.00 -14.63 35.92
CA ILE B 713 35.75 -14.85 35.21
C ILE B 713 34.79 -13.67 35.40
N GLU B 714 34.80 -13.06 36.58
CA GLU B 714 33.90 -11.95 36.87
C GLU B 714 34.15 -10.75 35.97
N THR B 715 35.41 -10.46 35.65
CA THR B 715 35.77 -9.35 34.79
C THR B 715 36.02 -9.77 33.35
N THR B 716 35.68 -11.01 33.00
CA THR B 716 35.90 -11.53 31.65
C THR B 716 34.58 -11.90 31.01
N PHE B 717 34.64 -12.58 29.86
CA PHE B 717 33.43 -12.95 29.13
C PHE B 717 32.36 -13.65 29.97
N PRO B 718 32.69 -14.65 30.85
CA PRO B 718 31.61 -15.35 31.57
C PRO B 718 30.58 -14.44 32.23
N GLU B 719 31.03 -13.56 33.12
CA GLU B 719 30.15 -12.62 33.82
C GLU B 719 29.02 -13.34 34.56
N TYR B 720 27.99 -12.60 34.96
CA TYR B 720 26.85 -13.15 35.68
C TYR B 720 25.67 -13.47 34.77
N GLY B 721 25.41 -12.63 33.77
CA GLY B 721 24.34 -12.90 32.84
C GLY B 721 23.42 -11.72 32.61
N GLU B 722 22.98 -11.54 31.37
CA GLU B 722 22.07 -10.46 31.01
C GLU B 722 20.79 -11.04 30.40
N PHE B 723 19.70 -10.33 30.62
CA PHE B 723 18.40 -10.77 30.08
C PHE B 723 18.37 -10.55 28.58
N LYS B 724 18.17 -11.63 27.82
CA LYS B 724 18.06 -11.56 26.37
C LYS B 724 16.58 -11.39 26.03
N VAL B 725 16.17 -10.15 25.80
CA VAL B 725 14.75 -9.88 25.56
C VAL B 725 14.30 -10.50 24.25
N ALA B 726 15.07 -10.30 23.18
CA ALA B 726 14.65 -10.75 21.86
C ALA B 726 14.60 -12.27 21.77
N GLU B 727 15.60 -12.95 22.33
CA GLU B 727 15.61 -14.41 22.30
C GLU B 727 14.42 -14.99 23.04
N ASN B 728 14.10 -14.44 24.22
CA ASN B 728 12.97 -14.94 24.99
C ASN B 728 11.65 -14.66 24.29
N VAL B 729 11.51 -13.47 23.67
CA VAL B 729 10.30 -13.17 22.93
C VAL B 729 10.15 -14.12 21.74
N LEU B 730 11.26 -14.45 21.09
CA LEU B 730 11.20 -15.40 19.98
C LEU B 730 10.84 -16.79 20.48
N HIS B 731 11.31 -17.16 21.68
CA HIS B 731 10.86 -18.41 22.29
C HIS B 731 9.35 -18.43 22.48
N ILE B 732 8.81 -17.31 23.00
CA ILE B 732 7.37 -17.21 23.22
C ILE B 732 6.62 -17.34 21.89
N ILE B 733 7.11 -16.66 20.85
CA ILE B 733 6.44 -16.69 19.56
C ILE B 733 6.49 -18.09 18.95
N ASN B 734 7.63 -18.77 19.08
CA ASN B 734 7.75 -20.13 18.57
C ASN B 734 6.80 -21.07 19.28
N ASN B 735 6.70 -20.97 20.61
CA ASN B 735 5.76 -21.79 21.35
C ASN B 735 4.33 -21.52 20.92
N GLN B 736 3.98 -20.24 20.74
CA GLN B 736 2.63 -19.91 20.31
C GLN B 736 2.34 -20.43 18.91
N GLY B 737 3.35 -20.43 18.04
CA GLY B 737 3.18 -21.02 16.73
C GLY B 737 2.92 -22.51 16.79
N MET B 738 3.64 -23.21 17.67
CA MET B 738 3.35 -24.63 17.88
C MET B 738 1.93 -24.84 18.38
N ILE B 739 1.47 -23.99 19.31
CA ILE B 739 0.11 -24.10 19.84
C ILE B 739 -0.91 -23.89 18.73
N TRP B 740 -0.69 -22.88 17.89
CA TRP B 740 -1.60 -22.61 16.78
C TRP B 740 -1.64 -23.78 15.80
N LEU B 741 -0.47 -24.35 15.50
CA LEU B 741 -0.41 -25.46 14.55
C LEU B 741 -1.12 -26.70 15.09
N GLY B 742 -0.91 -27.03 16.36
CA GLY B 742 -1.39 -28.27 16.91
C GLY B 742 -2.73 -28.23 17.63
N LEU B 743 -3.46 -27.12 17.59
CA LEU B 743 -4.71 -27.04 18.34
C LEU B 743 -5.88 -27.69 17.63
N PHE B 744 -5.76 -27.98 16.33
CA PHE B 744 -6.83 -28.69 15.64
C PHE B 744 -6.86 -30.16 16.02
N PHE B 745 -5.69 -30.78 16.16
CA PHE B 745 -5.61 -32.18 16.55
C PHE B 745 -5.64 -32.37 18.06
N ALA B 746 -5.33 -31.33 18.83
CA ALA B 746 -5.36 -31.38 20.29
C ALA B 746 -6.18 -30.21 20.80
N PRO B 747 -7.49 -30.40 21.04
CA PRO B 747 -8.32 -29.27 21.49
C PRO B 747 -7.87 -28.65 22.80
N LEU B 748 -7.35 -29.44 23.74
CA LEU B 748 -6.92 -28.94 25.03
C LEU B 748 -5.45 -28.57 25.07
N LEU B 749 -4.84 -28.31 23.91
CA LEU B 749 -3.46 -27.81 23.90
C LEU B 749 -3.33 -26.41 24.48
N PRO B 750 -4.17 -25.44 24.12
CA PRO B 750 -4.07 -24.12 24.79
C PRO B 750 -4.30 -24.17 26.29
N ALA B 751 -5.14 -25.09 26.77
CA ALA B 751 -5.36 -25.21 28.21
C ALA B 751 -4.08 -25.59 28.92
N ILE B 752 -3.29 -26.50 28.33
CA ILE B 752 -1.99 -26.85 28.90
C ILE B 752 -1.00 -25.70 28.72
N ASN B 753 -1.07 -25.01 27.58
CA ASN B 753 -0.18 -23.89 27.34
C ASN B 753 -0.40 -22.77 28.34
N ASN B 754 -1.60 -22.64 28.90
CA ASN B 754 -1.83 -21.64 29.95
C ASN B 754 -0.94 -21.91 31.15
N ILE B 755 -0.93 -23.16 31.62
CA ILE B 755 -0.06 -23.55 32.74
C ILE B 755 1.40 -23.36 32.37
N LYS B 756 1.76 -23.72 31.13
CA LYS B 756 3.14 -23.54 30.70
C LYS B 756 3.56 -22.08 30.75
N LEU B 757 2.68 -21.18 30.27
CA LEU B 757 3.00 -19.76 30.26
C LEU B 757 3.08 -19.19 31.67
N ILE B 758 2.20 -19.64 32.57
CA ILE B 758 2.25 -19.17 33.95
C ILE B 758 3.57 -19.60 34.62
N ILE B 759 3.94 -20.87 34.43
CA ILE B 759 5.21 -21.34 34.97
C ILE B 759 6.37 -20.55 34.37
N LEU B 760 6.31 -20.29 33.07
CA LEU B 760 7.37 -19.53 32.40
C LEU B 760 7.49 -18.13 32.98
N MET B 761 6.36 -17.45 33.19
CA MET B 761 6.40 -16.10 33.74
C MET B 761 7.01 -16.10 35.13
N TYR B 762 6.57 -17.02 35.99
CA TYR B 762 7.10 -17.03 37.36
C TYR B 762 8.59 -17.35 37.38
N ILE B 763 9.01 -18.36 36.61
CA ILE B 763 10.41 -18.76 36.64
C ILE B 763 11.29 -17.69 36.01
N ARG B 764 10.82 -17.03 34.95
CA ARG B 764 11.60 -15.96 34.34
C ARG B 764 11.74 -14.77 35.27
N GLY B 765 10.66 -14.41 35.97
CA GLY B 765 10.75 -13.34 36.94
C GLY B 765 11.75 -13.65 38.04
N TRP B 766 11.67 -14.86 38.59
CA TRP B 766 12.63 -15.24 39.64
C TRP B 766 14.06 -15.23 39.12
N ALA B 767 14.28 -15.75 37.91
CA ALA B 767 15.63 -15.81 37.36
C ALA B 767 16.20 -14.41 37.12
N VAL B 768 15.40 -13.51 36.56
CA VAL B 768 15.90 -12.16 36.30
C VAL B 768 16.13 -11.41 37.60
N MET B 769 15.28 -11.64 38.61
CA MET B 769 15.45 -10.93 39.88
C MET B 769 16.66 -11.44 40.66
N THR B 770 16.91 -12.75 40.65
CA THR B 770 17.89 -13.34 41.53
C THR B 770 19.27 -13.51 40.89
N CYS B 771 19.34 -13.78 39.59
CA CYS B 771 20.59 -14.17 38.97
C CYS B 771 21.14 -13.16 37.97
N ASN B 772 20.30 -12.45 37.24
CA ASN B 772 20.76 -11.56 36.19
C ASN B 772 21.18 -10.20 36.74
N VAL B 773 22.07 -9.53 36.00
CA VAL B 773 22.49 -8.17 36.32
C VAL B 773 22.07 -7.27 35.17
N PRO B 774 21.83 -5.98 35.41
CA PRO B 774 21.45 -5.08 34.31
C PRO B 774 22.55 -4.99 33.25
N ALA B 775 22.13 -4.91 31.99
CA ALA B 775 23.08 -4.79 30.90
C ALA B 775 23.72 -3.39 30.92
N ARG B 776 25.02 -3.36 30.62
CA ARG B 776 25.71 -2.07 30.59
C ARG B 776 25.17 -1.17 29.49
N GLU B 777 24.79 -1.76 28.36
CA GLU B 777 24.19 -0.99 27.26
C GLU B 777 23.36 -1.97 26.44
N ILE B 778 22.04 -1.78 26.44
CA ILE B 778 21.11 -2.68 25.77
C ILE B 778 20.53 -1.96 24.56
N PHE B 779 20.61 -2.62 23.40
CA PHE B 779 20.14 -2.07 22.14
C PHE B 779 18.83 -2.75 21.74
N ARG B 780 18.24 -2.26 20.65
CA ARG B 780 17.01 -2.83 20.10
C ARG B 780 17.18 -3.06 18.61
N ALA B 781 16.59 -4.16 18.13
CA ALA B 781 16.71 -4.55 16.74
C ALA B 781 16.05 -3.54 15.81
N SER B 782 14.85 -3.07 16.16
CA SER B 782 14.12 -2.15 15.29
C SER B 782 13.63 -0.91 16.00
N ARG B 783 13.62 -0.90 17.34
CA ARG B 783 13.13 0.25 18.12
C ARG B 783 11.69 0.60 17.76
N SER B 784 10.90 -0.42 17.43
CA SER B 784 9.51 -0.25 17.04
C SER B 784 8.62 -1.08 17.96
N SER B 785 7.43 -0.55 18.23
CA SER B 785 6.51 -1.24 19.14
C SER B 785 5.93 -2.50 18.51
N ASN B 786 5.64 -2.46 17.20
CA ASN B 786 5.00 -3.56 16.51
C ASN B 786 6.00 -4.45 15.78
N PHE B 787 7.21 -4.60 16.31
CA PHE B 787 8.18 -5.49 15.70
C PHE B 787 7.88 -6.95 16.05
N TYR B 788 7.80 -7.24 17.35
CA TYR B 788 7.51 -8.60 17.78
C TYR B 788 6.08 -8.99 17.42
N LEU B 789 5.16 -8.02 17.42
CA LEU B 789 3.79 -8.30 16.99
C LEU B 789 3.75 -8.62 15.49
N GLY B 790 4.58 -7.95 14.70
CA GLY B 790 4.67 -8.29 13.29
C GLY B 790 5.24 -9.67 13.06
N ILE B 791 6.28 -10.03 13.83
CA ILE B 791 6.81 -11.39 13.75
C ILE B 791 5.75 -12.40 14.14
N LEU B 792 4.94 -12.09 15.16
CA LEU B 792 3.88 -12.98 15.60
C LEU B 792 2.82 -13.15 14.50
N LEU B 793 2.46 -12.07 13.81
CA LEU B 793 1.50 -12.17 12.72
C LEU B 793 2.04 -13.01 11.57
N ILE B 794 3.32 -12.83 11.24
CA ILE B 794 3.95 -13.64 10.21
C ILE B 794 3.93 -15.11 10.61
N TRP B 795 4.23 -15.40 11.88
CA TRP B 795 4.19 -16.76 12.36
C TRP B 795 2.78 -17.34 12.30
N LEU B 796 1.78 -16.51 12.60
CA LEU B 796 0.39 -16.98 12.53
C LEU B 796 0.03 -17.36 11.10
N LEU B 797 0.44 -16.56 10.12
CA LEU B 797 0.20 -16.94 8.73
C LEU B 797 0.93 -18.23 8.36
N LEU B 798 2.20 -18.34 8.77
CA LEU B 798 2.97 -19.53 8.48
C LEU B 798 2.34 -20.78 9.09
N CYS B 799 1.72 -20.63 10.26
CA CYS B 799 1.09 -21.76 10.94
C CYS B 799 -0.31 -22.05 10.42
N THR B 800 -1.00 -21.06 9.85
CA THR B 800 -2.28 -21.32 9.21
C THR B 800 -2.15 -21.88 7.81
N LEU B 801 -0.96 -21.80 7.21
CA LEU B 801 -0.75 -22.48 5.92
C LEU B 801 -0.96 -23.99 6.01
N PRO B 802 -0.28 -24.74 6.90
CA PRO B 802 -0.45 -26.20 6.88
C PRO B 802 -1.78 -26.66 7.43
N VAL B 803 -2.38 -25.93 8.37
CA VAL B 803 -3.73 -26.27 8.81
C VAL B 803 -4.71 -26.14 7.66
N GLY B 804 -4.57 -25.07 6.88
CA GLY B 804 -5.41 -24.92 5.70
C GLY B 804 -5.20 -26.03 4.70
N PHE B 805 -3.94 -26.43 4.48
CA PHE B 805 -3.68 -27.54 3.57
C PHE B 805 -4.32 -28.83 4.07
N VAL B 806 -4.21 -29.09 5.37
CA VAL B 806 -4.80 -30.30 5.94
C VAL B 806 -6.32 -30.29 5.76
N ILE B 807 -6.95 -29.15 6.03
CA ILE B 807 -8.40 -29.07 5.92
C ILE B 807 -8.85 -29.22 4.48
N ALA B 808 -8.13 -28.60 3.54
CA ALA B 808 -8.55 -28.62 2.15
C ALA B 808 -8.26 -29.94 1.45
N SER B 809 -7.15 -30.60 1.78
CA SER B 809 -6.66 -31.72 1.00
C SER B 809 -6.81 -33.08 1.70
N MET B 810 -6.30 -33.22 2.92
CA MET B 810 -6.25 -34.52 3.55
C MET B 810 -7.65 -35.00 3.94
N SER B 811 -7.79 -36.32 4.05
CA SER B 811 -9.05 -36.99 4.35
C SER B 811 -9.05 -37.49 5.79
N PRO B 812 -10.18 -37.36 6.49
CA PRO B 812 -10.22 -37.78 7.90
C PRO B 812 -10.11 -39.29 8.04
N SER B 813 -9.68 -39.70 9.22
CA SER B 813 -9.63 -41.12 9.56
C SER B 813 -11.04 -41.68 9.69
N ARG B 814 -11.19 -42.95 9.36
CA ARG B 814 -12.49 -43.62 9.39
C ARG B 814 -12.78 -44.31 10.72
N SER B 815 -11.86 -44.26 11.68
CA SER B 815 -12.05 -44.94 12.95
C SER B 815 -11.90 -44.03 14.16
N CYS B 816 -11.73 -42.72 13.97
CA CYS B 816 -11.54 -41.81 15.09
C CYS B 816 -12.02 -40.43 14.70
N GLY B 817 -12.31 -39.61 15.71
CA GLY B 817 -12.62 -38.22 15.51
C GLY B 817 -14.08 -37.98 15.19
N PRO B 818 -14.46 -36.70 15.06
CA PRO B 818 -15.85 -36.37 14.73
C PRO B 818 -16.13 -36.31 13.23
N PHE B 819 -15.07 -36.29 12.41
CA PHE B 819 -15.20 -36.20 10.97
C PHE B 819 -15.01 -37.55 10.28
N ALA B 820 -15.26 -38.65 10.99
CA ALA B 820 -15.04 -39.97 10.41
C ALA B 820 -16.11 -40.37 9.40
N ARG B 821 -17.21 -39.63 9.31
CA ARG B 821 -18.29 -39.96 8.39
C ARG B 821 -18.19 -39.21 7.06
N TYR B 822 -17.15 -38.40 6.86
CA TYR B 822 -17.02 -37.60 5.67
C TYR B 822 -15.69 -37.89 4.97
N GLN B 823 -15.67 -37.64 3.67
CA GLN B 823 -14.46 -37.83 2.88
C GLN B 823 -13.53 -36.62 2.91
N HIS B 824 -13.95 -35.54 3.59
CA HIS B 824 -13.14 -34.34 3.70
C HIS B 824 -13.48 -33.64 5.01
N PHE B 825 -12.57 -32.78 5.46
CA PHE B 825 -12.79 -32.07 6.72
C PHE B 825 -13.86 -31.00 6.58
N TYR B 826 -13.93 -30.35 5.41
CA TYR B 826 -14.90 -29.27 5.20
C TYR B 826 -16.28 -29.78 4.80
N THR B 827 -16.44 -31.08 4.59
CA THR B 827 -17.71 -31.61 4.11
C THR B 827 -18.84 -31.33 5.09
N VAL B 828 -18.53 -31.25 6.39
CA VAL B 828 -19.56 -30.96 7.38
C VAL B 828 -20.14 -29.57 7.17
N VAL B 829 -19.38 -28.66 6.58
CA VAL B 829 -19.86 -27.30 6.34
C VAL B 829 -20.59 -27.23 4.99
N THR B 830 -19.99 -27.78 3.94
CA THR B 830 -20.61 -27.73 2.62
C THR B 830 -21.94 -28.48 2.60
N ARG B 831 -22.00 -29.64 3.27
CA ARG B 831 -23.24 -30.41 3.32
C ARG B 831 -24.38 -29.63 3.96
N GLU B 832 -24.08 -28.69 4.86
CA GLU B 832 -25.10 -27.82 5.41
C GLU B 832 -25.38 -26.62 4.51
N ILE B 833 -24.35 -26.08 3.86
CA ILE B 833 -24.57 -25.00 2.90
C ILE B 833 -25.42 -25.49 1.73
N GLU B 834 -25.10 -26.68 1.20
CA GLU B 834 -25.88 -27.24 0.10
C GLU B 834 -27.31 -27.60 0.52
N LYS B 835 -27.57 -27.72 1.82
CA LYS B 835 -28.90 -28.04 2.30
C LYS B 835 -29.79 -26.81 2.44
N ARG B 836 -29.24 -25.60 2.21
CA ARG B 836 -30.02 -24.37 2.26
C ARG B 836 -29.86 -23.51 1.02
N VAL B 837 -29.11 -23.96 0.01
CA VAL B 837 -28.86 -23.20 -1.20
C VAL B 837 -29.17 -24.09 -2.39
N ASP B 838 -29.82 -23.49 -3.40
CA ASP B 838 -30.23 -24.26 -4.58
C ASP B 838 -29.00 -24.75 -5.34
N GLN B 839 -29.21 -25.83 -6.11
CA GLN B 839 -28.10 -26.44 -6.82
C GLN B 839 -27.60 -25.59 -7.98
N THR B 840 -28.48 -24.87 -8.66
CA THR B 840 -28.06 -24.06 -9.80
C THR B 840 -27.16 -22.92 -9.37
N VAL B 841 -27.59 -22.15 -8.36
CA VAL B 841 -26.76 -21.07 -7.86
C VAL B 841 -25.47 -21.60 -7.26
N LEU B 842 -25.52 -22.80 -6.66
CA LEU B 842 -24.29 -23.42 -6.15
C LEU B 842 -23.32 -23.73 -7.27
N SER B 843 -23.82 -24.30 -8.38
CA SER B 843 -22.96 -24.58 -9.52
C SER B 843 -22.43 -23.29 -10.13
N TYR B 844 -23.19 -22.21 -10.05
CA TYR B 844 -22.71 -20.93 -10.57
C TYR B 844 -21.63 -20.34 -9.67
N ILE B 845 -21.75 -20.49 -8.36
CA ILE B 845 -20.77 -19.89 -7.46
C ILE B 845 -19.49 -20.73 -7.40
N ARG B 846 -19.59 -22.05 -7.63
CA ARG B 846 -18.38 -22.87 -7.61
C ARG B 846 -17.39 -22.47 -8.70
N HIS B 847 -17.85 -21.84 -9.78
CA HIS B 847 -16.97 -21.51 -10.89
C HIS B 847 -16.06 -20.32 -10.61
N ILE B 848 -16.36 -19.51 -9.60
CA ILE B 848 -15.45 -18.42 -9.24
C ILE B 848 -14.14 -18.98 -8.69
N ALA B 849 -14.18 -20.16 -8.08
CA ALA B 849 -12.98 -20.82 -7.56
C ALA B 849 -12.09 -21.37 -8.67
N SER B 850 -12.37 -21.09 -9.94
CA SER B 850 -11.54 -21.57 -11.03
C SER B 850 -10.16 -20.93 -10.96
N PRO B 851 -9.10 -21.67 -11.34
CA PRO B 851 -7.76 -21.07 -11.36
C PRO B 851 -7.64 -19.87 -12.27
N GLY B 852 -8.33 -19.89 -13.41
CA GLY B 852 -8.27 -18.78 -14.35
C GLY B 852 -9.02 -17.55 -13.90
N VAL B 853 -9.79 -17.64 -12.82
CA VAL B 853 -10.46 -16.48 -12.23
C VAL B 853 -9.68 -16.07 -10.99
N VAL B 854 -9.07 -17.04 -10.32
CA VAL B 854 -8.30 -16.76 -9.11
C VAL B 854 -7.02 -16.01 -9.44
N ILE B 855 -6.32 -16.42 -10.50
CA ILE B 855 -5.06 -15.77 -10.84
C ILE B 855 -5.23 -14.29 -11.15
N PRO B 856 -6.24 -13.84 -11.92
CA PRO B 856 -6.45 -12.39 -12.06
C PRO B 856 -6.72 -11.68 -10.74
N ILE B 857 -7.31 -12.34 -9.75
CA ILE B 857 -7.48 -11.70 -8.45
C ILE B 857 -6.12 -11.46 -7.79
N ILE B 858 -5.22 -12.45 -7.90
CA ILE B 858 -3.86 -12.27 -7.39
C ILE B 858 -3.17 -11.12 -8.13
N LEU B 859 -3.35 -11.05 -9.45
CA LEU B 859 -2.75 -9.97 -10.23
C LEU B 859 -3.30 -8.61 -9.79
N PHE B 860 -4.60 -8.53 -9.54
CA PHE B 860 -5.21 -7.28 -9.09
C PHE B 860 -4.69 -6.87 -7.72
N LEU B 861 -4.52 -7.83 -6.81
CA LEU B 861 -3.97 -7.53 -5.51
C LEU B 861 -2.52 -7.05 -5.62
N ILE B 862 -1.73 -7.68 -6.49
CA ILE B 862 -0.37 -7.24 -6.71
C ILE B 862 -0.34 -5.83 -7.30
N LEU B 863 -1.29 -5.54 -8.20
CA LEU B 863 -1.36 -4.21 -8.79
C LEU B 863 -1.68 -3.14 -7.76
N ILE B 864 -2.65 -3.41 -6.87
CA ILE B 864 -2.97 -2.41 -5.86
C ILE B 864 -1.84 -2.28 -4.84
N ILE B 865 -1.14 -3.38 -4.56
CA ILE B 865 0.06 -3.29 -3.71
C ILE B 865 1.10 -2.39 -4.36
N TYR B 866 1.33 -2.55 -5.68
CA TYR B 866 2.27 -1.71 -6.39
C TYR B 866 1.84 -0.25 -6.37
N PHE B 867 0.54 0.00 -6.53
CA PHE B 867 0.03 1.37 -6.47
C PHE B 867 0.28 2.00 -5.11
N LEU B 868 0.00 1.26 -4.03
CA LEU B 868 0.21 1.79 -2.69
C LEU B 868 1.69 1.99 -2.40
N PHE B 869 2.55 1.08 -2.89
CA PHE B 869 3.99 1.24 -2.70
C PHE B 869 4.50 2.46 -3.43
N SER B 870 4.02 2.69 -4.66
CA SER B 870 4.42 3.89 -5.39
C SER B 870 3.94 5.15 -4.69
N LEU B 871 2.71 5.12 -4.14
CA LEU B 871 2.22 6.26 -3.39
C LEU B 871 3.08 6.54 -2.16
N VAL B 872 3.47 5.48 -1.44
CA VAL B 872 4.32 5.65 -0.26
C VAL B 872 5.67 6.23 -0.65
N ARG B 873 6.25 5.71 -1.74
CA ARG B 873 7.54 6.23 -2.20
C ARG B 873 7.44 7.69 -2.61
N GLY B 874 6.35 8.06 -3.29
CA GLY B 874 6.17 9.44 -3.67
C GLY B 874 5.99 10.36 -2.48
N LEU B 875 5.22 9.93 -1.48
CA LEU B 875 5.06 10.73 -0.27
C LEU B 875 6.38 10.90 0.46
N ARG B 876 7.18 9.82 0.56
CA ARG B 876 8.47 9.92 1.21
C ARG B 876 9.41 10.86 0.44
N GLU B 877 9.42 10.77 -0.88
CA GLU B 877 10.25 11.65 -1.69
C GLU B 877 9.83 13.11 -1.52
N ALA B 878 8.52 13.36 -1.52
CA ALA B 878 8.04 14.73 -1.33
C ALA B 878 8.42 15.26 0.04
N ASN B 879 8.29 14.43 1.08
CA ASN B 879 8.67 14.86 2.42
C ASN B 879 10.16 15.17 2.52
N THR B 880 10.99 14.31 1.92
CA THR B 880 12.43 14.55 1.93
C THR B 880 12.80 15.82 1.17
N ASP B 881 12.16 16.05 0.02
CA ASP B 881 12.43 17.25 -0.75
C ASP B 881 12.00 18.50 0.01
N LEU B 882 10.84 18.45 0.67
CA LEU B 882 10.39 19.59 1.46
C LEU B 882 11.33 19.86 2.63
N GLN B 883 11.80 18.79 3.29
CA GLN B 883 12.74 18.97 4.39
C GLN B 883 14.05 19.56 3.91
N ALA B 884 14.56 19.09 2.77
CA ALA B 884 15.82 19.61 2.25
C ALA B 884 15.69 21.06 1.83
N GLN B 885 14.61 21.41 1.12
CA GLN B 885 14.39 22.79 0.71
C GLN B 885 14.15 23.69 1.92
N LEU B 886 13.37 23.23 2.88
CA LEU B 886 13.07 24.02 4.07
C LEU B 886 13.47 23.27 5.34
N GLY C 18 23.04 21.44 -45.99
CA GLY C 18 23.90 21.47 -44.83
C GLY C 18 24.00 22.85 -44.20
N VAL C 19 22.87 23.32 -43.65
CA VAL C 19 22.87 24.63 -42.99
C VAL C 19 23.76 24.62 -41.76
N PHE C 20 23.68 23.57 -40.96
CA PHE C 20 24.49 23.41 -39.77
C PHE C 20 25.47 22.25 -39.97
N THR C 21 26.68 22.41 -39.45
CA THR C 21 27.68 21.35 -39.50
C THR C 21 27.32 20.25 -38.50
N ARG C 22 28.10 19.17 -38.53
CA ARG C 22 27.88 18.08 -37.57
C ARG C 22 28.10 18.55 -36.15
N GLU C 23 29.14 19.34 -35.91
CA GLU C 23 29.44 19.81 -34.56
C GLU C 23 28.39 20.79 -34.06
N GLN C 24 27.85 21.64 -34.93
CA GLN C 24 26.81 22.58 -34.52
C GLN C 24 25.58 21.83 -34.03
N LEU C 25 25.11 20.85 -34.81
CA LEU C 25 23.96 20.06 -34.40
C LEU C 25 24.27 19.21 -33.17
N ASP C 26 25.51 18.74 -33.04
CA ASP C 26 25.92 17.99 -31.85
C ASP C 26 25.79 18.87 -30.61
N GLU C 27 26.31 20.09 -30.67
CA GLU C 27 26.19 21.01 -29.56
C GLU C 27 24.72 21.35 -29.27
N TYR C 28 23.93 21.55 -30.33
CA TYR C 28 22.51 21.86 -30.14
C TYR C 28 21.79 20.72 -29.44
N GLN C 29 22.10 19.48 -29.81
CA GLN C 29 21.44 18.33 -29.19
C GLN C 29 21.87 18.17 -27.74
N ASP C 30 23.15 18.41 -27.42
CA ASP C 30 23.56 18.35 -26.03
C ASP C 30 22.91 19.45 -25.20
N CYS C 31 22.84 20.67 -25.73
CA CYS C 31 22.31 21.79 -24.94
C CYS C 31 20.78 21.73 -24.81
N THR C 32 20.08 21.43 -25.89
CA THR C 32 18.63 21.49 -25.92
C THR C 32 18.01 20.10 -25.94
N PHE C 33 16.69 20.06 -26.05
CA PHE C 33 15.93 18.82 -26.10
C PHE C 33 15.49 18.47 -27.53
N PHE C 34 16.14 19.05 -28.53
CA PHE C 34 15.69 18.94 -29.91
C PHE C 34 16.63 18.06 -30.72
N THR C 35 16.04 17.20 -31.55
CA THR C 35 16.80 16.38 -32.49
C THR C 35 17.10 17.19 -33.74
N ARG C 36 17.80 16.57 -34.70
CA ARG C 36 18.20 17.27 -35.90
C ARG C 36 17.00 17.74 -36.71
N LYS C 37 15.96 16.91 -36.79
CA LYS C 37 14.75 17.31 -37.50
C LYS C 37 14.10 18.52 -36.85
N ASP C 38 14.04 18.55 -35.52
CA ASP C 38 13.46 19.70 -34.83
C ASP C 38 14.30 20.96 -35.05
N ILE C 39 15.63 20.82 -35.02
CA ILE C 39 16.49 21.97 -35.28
C ILE C 39 16.26 22.51 -36.68
N ILE C 40 16.15 21.61 -37.67
CA ILE C 40 15.92 22.05 -39.05
C ILE C 40 14.57 22.73 -39.18
N ARG C 41 13.53 22.18 -38.55
CA ARG C 41 12.22 22.81 -38.61
C ARG C 41 12.22 24.18 -37.95
N LEU C 42 12.89 24.32 -36.81
CA LEU C 42 12.97 25.61 -36.15
C LEU C 42 13.75 26.62 -36.98
N TYR C 43 14.83 26.17 -37.65
CA TYR C 43 15.55 27.06 -38.56
C TYR C 43 14.67 27.49 -39.72
N LYS C 44 13.87 26.57 -40.25
CA LYS C 44 12.95 26.93 -41.34
C LYS C 44 11.94 27.97 -40.88
N ARG C 45 11.40 27.81 -39.68
CA ARG C 45 10.46 28.80 -39.15
C ARG C 45 11.15 30.15 -38.93
N PHE C 46 12.38 30.12 -38.41
CA PHE C 46 13.13 31.36 -38.19
C PHE C 46 13.39 32.09 -39.49
N TYR C 47 13.76 31.34 -40.54
CA TYR C 47 13.94 31.95 -41.86
C TYR C 47 12.62 32.49 -42.40
N ALA C 48 11.53 31.75 -42.21
CA ALA C 48 10.23 32.21 -42.69
C ALA C 48 9.76 33.46 -41.97
N LEU C 49 10.24 33.70 -40.74
CA LEU C 49 9.87 34.92 -40.03
C LEU C 49 10.34 36.16 -40.78
N ASN C 50 11.57 36.12 -41.30
CA ASN C 50 12.08 37.19 -42.16
C ASN C 50 13.18 36.64 -43.06
N PRO C 51 12.87 36.32 -44.32
CA PRO C 51 13.89 35.75 -45.21
C PRO C 51 15.07 36.67 -45.45
N HIS C 52 14.85 37.98 -45.47
CA HIS C 52 15.94 38.90 -45.80
C HIS C 52 16.97 38.98 -44.68
N LYS C 53 16.52 39.04 -43.43
CA LYS C 53 17.44 39.22 -42.30
C LYS C 53 18.10 37.91 -41.86
N VAL C 54 17.61 36.76 -42.32
CA VAL C 54 18.15 35.47 -41.90
C VAL C 54 18.98 34.92 -43.06
N PRO C 55 20.30 34.81 -42.92
CA PRO C 55 21.11 34.22 -44.01
C PRO C 55 20.82 32.74 -44.18
N THR C 56 20.86 32.30 -45.44
CA THR C 56 20.65 30.88 -45.73
C THR C 56 21.76 30.03 -45.14
N ASN C 57 23.02 30.47 -45.26
CA ASN C 57 24.17 29.76 -44.75
C ASN C 57 24.60 30.38 -43.43
N MET C 58 24.68 29.56 -42.38
CA MET C 58 25.00 30.08 -41.05
C MET C 58 26.01 29.18 -40.32
N GLN C 59 26.89 28.52 -41.06
CA GLN C 59 27.94 27.72 -40.45
C GLN C 59 28.89 28.60 -39.64
N GLY C 60 29.20 28.16 -38.43
CA GLY C 60 30.11 28.91 -37.58
C GLY C 60 29.44 29.64 -36.44
N ASN C 61 29.77 30.92 -36.26
CA ASN C 61 29.20 31.74 -35.20
C ASN C 61 28.06 32.63 -35.70
N ARG C 62 27.58 32.37 -36.91
CA ARG C 62 26.47 33.17 -37.45
C ARG C 62 25.20 33.14 -36.60
N PRO C 63 24.75 32.00 -36.04
CA PRO C 63 23.50 32.03 -35.25
C PRO C 63 23.54 33.01 -34.09
N ALA C 64 24.69 33.19 -33.44
CA ALA C 64 24.77 34.10 -32.30
C ALA C 64 24.65 35.57 -32.72
N ILE C 65 24.88 35.88 -33.98
CA ILE C 65 24.87 37.27 -34.45
C ILE C 65 23.62 37.60 -35.26
N THR C 66 22.84 36.60 -35.69
CA THR C 66 21.61 36.87 -36.42
C THR C 66 20.48 37.15 -35.43
N THR C 67 19.84 38.32 -35.59
CA THR C 67 18.82 38.76 -34.66
C THR C 67 17.58 39.23 -35.42
N LEU C 68 16.43 39.15 -34.74
CA LEU C 68 15.17 39.65 -35.24
C LEU C 68 14.54 40.56 -34.19
N THR C 69 13.76 41.51 -34.65
CA THR C 69 13.08 42.43 -33.73
C THR C 69 12.04 41.68 -32.90
N PHE C 70 11.70 42.26 -31.75
CA PHE C 70 10.73 41.63 -30.86
C PHE C 70 9.36 41.51 -31.53
N GLU C 71 8.95 42.55 -32.26
CA GLU C 71 7.65 42.51 -32.92
C GLU C 71 7.57 41.42 -33.97
N GLU C 72 8.65 41.22 -34.73
CA GLU C 72 8.65 40.19 -35.77
C GLU C 72 8.47 38.80 -35.17
N VAL C 73 9.14 38.53 -34.05
CA VAL C 73 8.97 37.24 -33.39
C VAL C 73 7.58 37.13 -32.77
N GLU C 74 7.09 38.22 -32.19
CA GLU C 74 5.74 38.23 -31.63
C GLU C 74 4.66 38.09 -32.69
N LYS C 75 4.99 38.27 -33.96
CA LYS C 75 4.02 38.11 -35.04
C LYS C 75 3.69 36.66 -35.34
N MET C 76 4.46 35.70 -34.84
CA MET C 76 4.20 34.30 -35.14
C MET C 76 2.92 33.85 -34.45
N PRO C 77 2.21 32.86 -35.03
CA PRO C 77 0.94 32.43 -34.44
C PRO C 77 1.07 31.85 -33.04
N GLU C 78 2.22 31.29 -32.70
CA GLU C 78 2.39 30.67 -31.38
C GLU C 78 2.30 31.71 -30.26
N LEU C 79 2.92 32.87 -30.45
CA LEU C 79 2.96 33.91 -29.44
C LEU C 79 2.02 35.07 -29.75
N LYS C 80 1.18 34.95 -30.78
CA LYS C 80 0.36 36.09 -31.20
C LYS C 80 -0.67 36.47 -30.16
N GLU C 81 -1.34 35.48 -29.55
CA GLU C 81 -2.44 35.73 -28.64
C GLU C 81 -2.03 35.61 -27.17
N ASN C 82 -0.75 35.43 -26.88
CA ASN C 82 -0.29 35.33 -25.50
C ASN C 82 -0.31 36.71 -24.86
N PRO C 83 -0.95 36.88 -23.70
CA PRO C 83 -0.83 38.16 -22.99
C PRO C 83 0.59 38.48 -22.56
N PHE C 84 1.39 37.47 -22.23
CA PHE C 84 2.76 37.65 -21.78
C PHE C 84 3.78 37.37 -22.88
N LYS C 85 3.44 37.67 -24.13
CA LYS C 85 4.39 37.45 -25.23
C LYS C 85 5.62 38.32 -25.07
N ARG C 86 5.42 39.60 -24.71
CA ARG C 86 6.55 40.50 -24.51
C ARG C 86 7.42 40.04 -23.35
N ARG C 87 6.81 39.57 -22.27
CA ARG C 87 7.58 39.08 -21.13
C ARG C 87 8.40 37.84 -21.51
N ILE C 88 7.81 36.94 -22.29
CA ILE C 88 8.54 35.75 -22.73
C ILE C 88 9.73 36.15 -23.60
N CYS C 89 9.50 37.08 -24.54
CA CYS C 89 10.58 37.51 -25.41
C CYS C 89 11.69 38.19 -24.62
N GLU C 90 11.33 39.02 -23.63
CA GLU C 90 12.34 39.69 -22.82
C GLU C 90 13.11 38.69 -21.96
N VAL C 91 12.42 37.71 -21.38
CA VAL C 91 13.08 36.75 -20.51
C VAL C 91 14.06 35.89 -21.30
N PHE C 92 13.66 35.43 -22.48
CA PHE C 92 14.50 34.53 -23.25
C PHE C 92 15.49 35.24 -24.15
N SER C 93 15.50 36.57 -24.16
CA SER C 93 16.44 37.30 -24.99
C SER C 93 17.83 37.31 -24.34
N GLU C 94 18.83 37.67 -25.14
CA GLU C 94 20.19 37.81 -24.66
C GLU C 94 20.37 39.21 -24.07
N ASP C 95 21.62 39.60 -23.82
CA ASP C 95 21.89 40.92 -23.26
C ASP C 95 21.37 42.04 -24.16
N GLY C 96 21.35 41.81 -25.48
CA GLY C 96 20.80 42.80 -26.37
C GLY C 96 19.32 43.03 -26.10
N ARG C 97 18.93 44.30 -26.10
CA ARG C 97 17.55 44.70 -25.82
C ARG C 97 16.82 44.95 -27.13
N GLY C 98 15.63 44.37 -27.26
CA GLY C 98 14.83 44.51 -28.46
C GLY C 98 15.19 43.58 -29.59
N ASN C 99 16.15 42.68 -29.39
CA ASN C 99 16.57 41.74 -30.42
C ASN C 99 16.61 40.33 -29.85
N LEU C 100 16.18 39.37 -30.67
CA LEU C 100 16.14 37.97 -30.30
C LEU C 100 16.92 37.18 -31.34
N SER C 101 17.87 36.35 -30.89
CA SER C 101 18.73 35.62 -31.79
C SER C 101 18.23 34.19 -31.99
N PHE C 102 18.87 33.48 -32.91
CA PHE C 102 18.47 32.11 -33.20
C PHE C 102 18.70 31.21 -31.99
N ASP C 103 19.81 31.41 -31.28
CA ASP C 103 20.07 30.61 -30.07
C ASP C 103 19.02 30.87 -29.00
N ASP C 104 18.65 32.14 -28.80
CA ASP C 104 17.58 32.46 -27.85
C ASP C 104 16.24 31.88 -28.30
N PHE C 105 15.98 31.91 -29.60
CA PHE C 105 14.78 31.29 -30.15
C PHE C 105 14.73 29.79 -29.83
N LEU C 106 15.87 29.12 -30.02
CA LEU C 106 15.97 27.69 -29.71
C LEU C 106 15.77 27.44 -28.23
N ASP C 107 16.38 28.26 -27.37
CA ASP C 107 16.24 28.09 -25.93
C ASP C 107 14.79 28.27 -25.52
N MET C 108 14.13 29.27 -26.09
CA MET C 108 12.73 29.54 -25.77
C MET C 108 11.86 28.35 -26.15
N PHE C 109 12.00 27.86 -27.37
CA PHE C 109 11.11 26.80 -27.80
C PHE C 109 11.54 25.41 -27.34
N SER C 110 12.71 25.31 -26.71
CA SER C 110 13.09 24.08 -26.01
C SER C 110 12.64 24.08 -24.56
N VAL C 111 12.54 25.26 -23.94
CA VAL C 111 12.02 25.33 -22.58
C VAL C 111 10.54 25.00 -22.55
N PHE C 112 9.78 25.49 -23.52
CA PHE C 112 8.34 25.28 -23.58
C PHE C 112 7.95 23.89 -24.07
N SER C 113 8.90 23.10 -24.57
CA SER C 113 8.60 21.79 -25.11
C SER C 113 8.03 20.88 -24.02
N GLU C 114 7.39 19.80 -24.47
CA GLU C 114 6.85 18.81 -23.55
C GLU C 114 7.93 17.95 -22.92
N MET C 115 9.12 17.91 -23.51
CA MET C 115 10.23 17.13 -22.97
C MET C 115 11.00 17.85 -21.89
N ALA C 116 10.76 19.15 -21.70
CA ALA C 116 11.48 19.89 -20.67
C ALA C 116 11.04 19.44 -19.28
N PRO C 117 11.95 19.41 -18.31
CA PRO C 117 11.58 18.99 -16.96
C PRO C 117 10.77 20.06 -16.25
N LEU C 118 10.12 19.64 -15.15
CA LEU C 118 9.27 20.55 -14.40
C LEU C 118 10.06 21.68 -13.77
N GLN C 119 11.30 21.40 -13.33
CA GLN C 119 12.09 22.42 -12.66
C GLN C 119 12.44 23.57 -13.59
N LEU C 120 12.87 23.26 -14.81
CA LEU C 120 13.21 24.31 -15.77
C LEU C 120 11.99 25.16 -16.11
N LYS C 121 10.84 24.51 -16.32
CA LYS C 121 9.62 25.26 -16.59
C LYS C 121 9.24 26.15 -15.43
N LEU C 122 9.39 25.65 -14.19
CA LEU C 122 9.08 26.47 -13.03
C LEU C 122 10.00 27.68 -12.94
N LYS C 123 11.31 27.47 -13.16
CA LYS C 123 12.26 28.57 -13.11
C LYS C 123 11.91 29.64 -14.14
N TYR C 124 11.65 29.23 -15.37
CA TYR C 124 11.38 30.22 -16.40
C TYR C 124 10.01 30.85 -16.26
N ALA C 125 9.03 30.12 -15.73
CA ALA C 125 7.73 30.72 -15.44
C ALA C 125 7.84 31.79 -14.37
N PHE C 126 8.61 31.52 -13.32
CA PHE C 126 8.84 32.53 -12.29
C PHE C 126 9.57 33.73 -12.89
N ARG C 127 10.56 33.51 -13.74
CA ARG C 127 11.27 34.62 -14.36
C ARG C 127 10.35 35.43 -15.28
N ILE C 128 9.38 34.77 -15.92
CA ILE C 128 8.44 35.49 -16.77
C ILE C 128 7.48 36.32 -15.94
N TYR C 129 6.97 35.75 -14.84
CA TYR C 129 5.87 36.37 -14.11
C TYR C 129 6.27 37.61 -13.32
N ASP C 130 7.57 37.87 -13.15
CA ASP C 130 8.02 39.10 -12.54
C ASP C 130 8.44 40.10 -13.62
N TYR C 131 8.36 41.38 -13.28
CA TYR C 131 8.59 42.45 -14.25
C TYR C 131 9.80 43.30 -13.91
N ASP C 132 9.93 43.74 -12.65
CA ASP C 132 11.08 44.53 -12.26
C ASP C 132 12.37 43.73 -12.40
N GLY C 133 12.37 42.47 -12.00
CA GLY C 133 13.53 41.62 -12.14
C GLY C 133 14.35 41.52 -10.87
N ASP C 134 13.68 41.57 -9.72
CA ASP C 134 14.34 41.47 -8.43
C ASP C 134 14.10 40.12 -7.75
N GLU C 135 13.76 39.10 -8.53
CA GLU C 135 13.58 37.74 -8.03
C GLU C 135 12.51 37.64 -6.96
N LEU C 136 11.51 38.52 -7.01
CA LEU C 136 10.42 38.52 -6.04
C LEU C 136 9.13 38.91 -6.74
N LEU C 137 8.04 38.24 -6.37
CA LEU C 137 6.72 38.53 -6.92
C LEU C 137 5.97 39.40 -5.91
N GLY C 138 6.09 40.71 -6.09
CA GLY C 138 5.46 41.66 -5.20
C GLY C 138 4.00 41.90 -5.55
N HIS C 139 3.41 42.86 -4.86
CA HIS C 139 2.02 43.23 -5.12
C HIS C 139 1.88 43.84 -6.52
N ASP C 140 2.82 44.69 -6.92
CA ASP C 140 2.73 45.33 -8.23
C ASP C 140 2.83 44.33 -9.36
N ASP C 141 3.76 43.37 -9.26
CA ASP C 141 3.92 42.37 -10.31
C ASP C 141 2.67 41.50 -10.44
N LEU C 142 2.12 41.07 -9.31
CA LEU C 142 0.91 40.26 -9.35
C LEU C 142 -0.27 41.06 -9.90
N SER C 143 -0.38 42.33 -9.53
CA SER C 143 -1.44 43.17 -10.08
C SER C 143 -1.30 43.32 -11.59
N LYS C 144 -0.07 43.54 -12.06
CA LYS C 144 0.15 43.65 -13.50
C LYS C 144 -0.21 42.35 -14.21
N MET C 145 0.17 41.20 -13.64
CA MET C 145 -0.16 39.92 -14.25
C MET C 145 -1.67 39.71 -14.28
N ILE C 146 -2.37 40.08 -13.22
CA ILE C 146 -3.82 39.92 -13.18
C ILE C 146 -4.48 40.80 -14.25
N ARG C 147 -4.08 42.07 -14.32
CA ARG C 147 -4.68 42.96 -15.32
C ARG C 147 -4.28 42.58 -16.74
N SER C 148 -3.19 41.83 -16.92
CA SER C 148 -2.83 41.35 -18.24
C SER C 148 -3.62 40.11 -18.64
N LEU C 149 -3.72 39.12 -17.73
CA LEU C 149 -4.43 37.90 -18.05
C LEU C 149 -5.94 38.14 -18.15
N THR C 150 -6.49 38.89 -17.20
CA THR C 150 -7.93 39.15 -17.15
C THR C 150 -8.38 40.18 -18.20
N ARG C 151 -7.47 41.02 -18.69
CA ARG C 151 -7.77 42.08 -19.66
C ARG C 151 -8.62 43.18 -19.04
N ASP C 152 -8.28 43.55 -17.80
CA ASP C 152 -8.94 44.66 -17.09
C ASP C 152 -10.46 44.46 -17.03
N GLU C 153 -10.87 43.22 -16.78
CA GLU C 153 -12.28 42.87 -16.64
C GLU C 153 -12.66 42.64 -15.18
N LEU C 154 -11.85 43.10 -14.24
CA LEU C 154 -12.12 42.94 -12.82
C LEU C 154 -12.00 44.30 -12.14
N SER C 155 -12.86 44.53 -11.15
CA SER C 155 -12.83 45.80 -10.43
C SER C 155 -11.57 45.90 -9.57
N ASP C 156 -11.23 47.13 -9.20
CA ASP C 156 -10.03 47.36 -8.42
C ASP C 156 -10.08 46.64 -7.08
N VAL C 157 -11.25 46.67 -6.42
CA VAL C 157 -11.43 45.90 -5.19
C VAL C 157 -11.28 44.41 -5.47
N GLU C 158 -11.86 43.95 -6.59
CA GLU C 158 -11.74 42.55 -6.98
C GLU C 158 -10.27 42.16 -7.13
N VAL C 159 -9.51 42.96 -7.90
CA VAL C 159 -8.10 42.66 -8.12
C VAL C 159 -7.36 42.64 -6.80
N GLU C 160 -7.54 43.70 -5.98
CA GLU C 160 -6.80 43.81 -4.72
C GLU C 160 -7.10 42.63 -3.80
N PHE C 161 -8.36 42.19 -3.76
CA PHE C 161 -8.70 41.00 -2.99
C PHE C 161 -7.93 39.79 -3.52
N ILE C 162 -7.80 39.70 -4.85
CA ILE C 162 -7.07 38.57 -5.44
C ILE C 162 -5.61 38.59 -5.00
N ILE C 163 -4.93 39.75 -5.08
CA ILE C 163 -3.54 39.75 -4.66
C ILE C 163 -3.43 39.51 -3.15
N GLU C 164 -4.39 40.01 -2.37
CA GLU C 164 -4.37 39.73 -0.93
C GLU C 164 -4.39 38.24 -0.67
N ARG C 165 -5.30 37.52 -1.33
CA ARG C 165 -5.36 36.07 -1.17
C ARG C 165 -4.07 35.41 -1.62
N ILE C 166 -3.54 35.83 -2.77
CA ILE C 166 -2.34 35.19 -3.30
C ILE C 166 -1.16 35.37 -2.35
N ILE C 167 -0.98 36.59 -1.82
CA ILE C 167 0.16 36.83 -0.94
C ILE C 167 -0.03 36.13 0.40
N GLU C 168 -1.26 36.11 0.93
CA GLU C 168 -1.43 35.54 2.26
C GLU C 168 -1.39 34.01 2.24
N GLU C 169 -1.79 33.37 1.15
CA GLU C 169 -1.81 31.92 1.08
C GLU C 169 -0.58 31.33 0.39
N ALA C 170 0.38 32.17 -0.03
CA ALA C 170 1.60 31.69 -0.67
C ALA C 170 2.81 32.44 -0.14
N ASP C 171 2.88 32.61 1.18
CA ASP C 171 4.01 33.28 1.81
C ASP C 171 4.35 32.56 3.10
N LEU C 172 5.64 32.31 3.32
CA LEU C 172 6.11 31.65 4.53
C LEU C 172 6.98 32.53 5.42
N ASP C 173 7.68 33.51 4.84
CA ASP C 173 8.53 34.41 5.60
C ASP C 173 7.84 35.70 5.99
N GLY C 174 6.57 35.87 5.60
CA GLY C 174 5.85 37.10 5.92
C GLY C 174 6.46 38.33 5.29
N ASP C 175 7.03 38.18 4.10
CA ASP C 175 7.68 39.27 3.40
C ASP C 175 6.74 40.03 2.47
N SER C 176 5.49 39.59 2.36
CA SER C 176 4.51 40.16 1.43
C SER C 176 4.97 40.02 -0.02
N SER C 177 5.98 39.17 -0.24
CA SER C 177 6.50 38.87 -1.56
C SER C 177 6.81 37.39 -1.65
N ILE C 178 6.66 36.82 -2.84
CA ILE C 178 6.88 35.40 -3.08
C ILE C 178 8.22 35.22 -3.77
N ASN C 179 9.09 34.42 -3.17
CA ASN C 179 10.37 34.09 -3.77
C ASN C 179 10.23 32.88 -4.69
N PHE C 180 11.33 32.47 -5.30
CA PHE C 180 11.28 31.33 -6.22
C PHE C 180 10.92 30.04 -5.49
N ALA C 181 11.48 29.83 -4.30
CA ALA C 181 11.22 28.59 -3.58
C ALA C 181 9.75 28.44 -3.22
N GLU C 182 9.12 29.50 -2.73
CA GLU C 182 7.71 29.44 -2.38
C GLU C 182 6.84 29.26 -3.62
N PHE C 183 7.17 29.97 -4.70
CA PHE C 183 6.42 29.82 -5.94
C PHE C 183 6.48 28.38 -6.45
N GLU C 184 7.67 27.79 -6.45
CA GLU C 184 7.82 26.40 -6.89
C GLU C 184 7.05 25.46 -5.96
N HIS C 185 7.18 25.65 -4.65
CA HIS C 185 6.50 24.75 -3.71
C HIS C 185 4.98 24.85 -3.86
N VAL C 186 4.47 26.01 -4.27
CA VAL C 186 3.03 26.18 -4.37
C VAL C 186 2.50 25.63 -5.70
N VAL C 187 3.10 26.04 -6.82
CA VAL C 187 2.51 25.75 -8.13
C VAL C 187 3.11 24.52 -8.80
N SER C 188 4.05 23.83 -8.16
CA SER C 188 4.52 22.56 -8.72
C SER C 188 3.59 21.40 -8.40
N ARG C 189 2.67 21.57 -7.46
CA ARG C 189 1.69 20.55 -7.14
C ARG C 189 0.40 20.72 -7.92
N SER C 190 0.28 21.78 -8.71
CA SER C 190 -0.87 21.94 -9.59
C SER C 190 -0.71 21.00 -10.79
N PRO C 191 -1.71 20.18 -11.09
CA PRO C 191 -1.61 19.28 -12.25
C PRO C 191 -1.76 19.96 -13.59
N ASP C 192 -2.13 21.24 -13.63
CA ASP C 192 -2.38 21.94 -14.88
C ASP C 192 -1.24 22.87 -15.29
N PHE C 193 -0.16 22.94 -14.52
CA PHE C 193 0.95 23.81 -14.91
C PHE C 193 1.71 23.22 -16.09
N ILE C 194 2.02 21.92 -16.02
CA ILE C 194 2.75 21.27 -17.11
C ILE C 194 1.90 21.26 -18.38
N ARG C 195 0.61 21.00 -18.23
CA ARG C 195 -0.33 20.95 -19.35
C ARG C 195 -0.46 22.30 -20.03
N THR C 196 -0.51 23.38 -19.25
CA THR C 196 -0.70 24.72 -19.80
C THR C 196 0.61 25.35 -20.28
N PHE C 197 1.65 25.30 -19.45
CA PHE C 197 2.94 25.90 -19.79
C PHE C 197 3.63 25.01 -20.82
N HIS C 198 3.16 25.12 -22.05
CA HIS C 198 3.64 24.25 -23.13
C HIS C 198 3.30 24.91 -24.46
N ILE C 199 4.29 24.99 -25.34
CA ILE C 199 4.10 25.51 -26.69
C ILE C 199 4.61 24.46 -27.67
N ARG C 200 3.73 24.01 -28.57
CA ARG C 200 4.08 22.96 -29.51
C ARG C 200 4.63 23.58 -30.78
N ILE C 201 5.79 23.08 -31.23
CA ILE C 201 6.44 23.59 -32.42
C ILE C 201 7.45 22.56 -32.93
N VAL D 18 -25.75 -7.09 -62.65
CA VAL D 18 -26.17 -8.38 -63.19
C VAL D 18 -27.18 -9.06 -62.27
N ALA D 19 -26.68 -9.95 -61.42
CA ALA D 19 -27.54 -10.65 -60.47
C ALA D 19 -28.14 -9.66 -59.47
N PRO D 20 -29.40 -9.87 -59.06
CA PRO D 20 -30.04 -8.90 -58.17
C PRO D 20 -29.62 -9.08 -56.72
N GLY D 21 -29.32 -10.30 -56.31
CA GLY D 21 -28.91 -10.56 -54.95
C GLY D 21 -27.47 -10.99 -54.82
N LEU D 22 -26.82 -11.26 -55.95
CA LEU D 22 -25.44 -11.73 -55.97
C LEU D 22 -24.49 -10.82 -56.73
N ARG D 23 -24.98 -9.77 -57.38
CA ARG D 23 -24.10 -8.83 -58.06
C ARG D 23 -24.45 -7.36 -57.87
N LEU D 24 -25.68 -7.02 -57.50
CA LEU D 24 -26.05 -5.62 -57.37
C LEU D 24 -25.31 -4.97 -56.20
N TRP D 25 -25.10 -5.70 -55.11
CA TRP D 25 -24.47 -5.10 -53.94
C TRP D 25 -23.01 -4.75 -54.19
N MET D 26 -22.30 -5.52 -55.02
CA MET D 26 -20.95 -5.10 -55.40
C MET D 26 -20.97 -3.79 -56.17
N LEU D 27 -21.91 -3.62 -57.09
CA LEU D 27 -21.99 -2.38 -57.84
C LEU D 27 -22.31 -1.19 -56.93
N ILE D 28 -23.27 -1.38 -56.02
CA ILE D 28 -23.62 -0.31 -55.10
C ILE D 28 -22.45 0.03 -54.19
N ALA D 29 -21.75 -0.99 -53.69
CA ALA D 29 -20.60 -0.76 -52.82
C ALA D 29 -19.47 -0.05 -53.58
N LEU D 30 -19.24 -0.43 -54.83
CA LEU D 30 -18.20 0.23 -55.62
C LEU D 30 -18.55 1.70 -55.88
N VAL D 31 -19.82 1.97 -56.21
CA VAL D 31 -20.23 3.34 -56.43
C VAL D 31 -20.07 4.16 -55.15
N GLY D 32 -20.50 3.60 -54.02
CA GLY D 32 -20.33 4.28 -52.75
C GLY D 32 -18.87 4.51 -52.40
N GLY D 33 -18.03 3.53 -52.69
CA GLY D 33 -16.61 3.66 -52.38
C GLY D 33 -15.93 4.73 -53.20
N VAL D 34 -16.22 4.78 -54.51
CA VAL D 34 -15.60 5.81 -55.34
C VAL D 34 -16.14 7.19 -54.97
N LEU D 35 -17.44 7.27 -54.66
CA LEU D 35 -18.00 8.55 -54.23
C LEU D 35 -17.37 9.01 -52.92
N LEU D 36 -17.17 8.09 -51.98
CA LEU D 36 -16.54 8.43 -50.71
C LEU D 36 -15.08 8.84 -50.90
N ILE D 37 -14.38 8.16 -51.82
CA ILE D 37 -12.99 8.54 -52.09
C ILE D 37 -12.93 9.95 -52.67
N MET D 38 -13.83 10.27 -53.61
CA MET D 38 -13.86 11.62 -54.17
C MET D 38 -14.20 12.65 -53.09
N ILE D 39 -15.15 12.33 -52.22
CA ILE D 39 -15.52 13.27 -51.15
C ILE D 39 -14.35 13.49 -50.21
N VAL D 40 -13.64 12.42 -49.84
CA VAL D 40 -12.51 12.55 -48.93
C VAL D 40 -11.38 13.35 -49.58
N ILE D 41 -11.09 13.09 -50.86
CA ILE D 41 -10.04 13.82 -51.55
C ILE D 41 -10.40 15.30 -51.66
N VAL D 42 -11.65 15.60 -52.00
CA VAL D 42 -12.09 16.99 -52.11
C VAL D 42 -12.02 17.69 -50.76
N CYS D 43 -12.47 17.02 -49.70
CA CYS D 43 -12.52 17.61 -48.37
C CYS D 43 -11.14 17.67 -47.73
N CYS D 44 -10.13 17.14 -48.40
CA CYS D 44 -8.77 17.17 -47.90
C CYS D 44 -8.02 18.36 -48.52
N PHE D 45 -8.74 19.17 -49.29
CA PHE D 45 -8.13 20.30 -49.97
C PHE D 45 -8.83 21.62 -49.66
N MET D 46 -9.78 21.57 -48.71
CA MET D 46 -10.52 22.75 -48.32
C MET D 46 -10.77 22.72 -46.82
N ARG D 47 -11.11 23.89 -46.27
CA ARG D 47 -11.05 24.15 -44.84
C ARG D 47 -12.39 24.68 -44.33
N ILE D 48 -13.46 23.95 -44.63
CA ILE D 48 -14.80 24.34 -44.19
C ILE D 48 -14.79 24.67 -42.70
N ARG D 49 -15.51 25.73 -42.33
CA ARG D 49 -15.73 26.10 -40.93
C ARG D 49 -17.19 26.49 -40.81
N ILE D 50 -18.04 25.51 -40.50
CA ILE D 50 -19.49 25.77 -40.44
C ILE D 50 -19.87 26.77 -39.37
N PRO D 51 -19.43 26.64 -38.11
CA PRO D 51 -19.88 27.59 -37.09
C PRO D 51 -19.37 29.00 -37.33
N ARG D 52 -20.11 29.97 -36.81
CA ARG D 52 -19.76 31.37 -36.87
C ARG D 52 -19.29 31.84 -35.50
N THR D 53 -18.42 32.85 -35.52
CA THR D 53 -17.85 33.38 -34.28
C THR D 53 -18.91 34.08 -33.45
N LYS D 54 -18.61 34.25 -32.16
CA LYS D 54 -19.55 34.92 -31.27
C LYS D 54 -19.77 36.37 -31.67
N ARG D 55 -18.77 37.00 -32.29
CA ARG D 55 -18.94 38.37 -32.76
C ARG D 55 -20.01 38.45 -33.85
N GLN D 56 -19.98 37.51 -34.80
CA GLN D 56 -21.00 37.50 -35.85
C GLN D 56 -22.38 37.22 -35.27
N ILE D 57 -22.46 36.31 -34.28
CA ILE D 57 -23.74 36.02 -33.64
C ILE D 57 -24.29 37.26 -32.95
N ASP D 58 -23.44 37.99 -32.22
CA ASP D 58 -23.88 39.20 -31.55
C ASP D 58 -24.29 40.27 -32.56
N LEU D 59 -23.55 40.40 -33.66
CA LEU D 59 -23.90 41.37 -34.68
C LEU D 59 -25.25 41.05 -35.31
N ILE D 60 -25.51 39.77 -35.58
CA ILE D 60 -26.80 39.37 -36.13
C ILE D 60 -27.91 39.63 -35.13
N ALA D 61 -27.67 39.30 -33.86
CA ALA D 61 -28.70 39.51 -32.83
C ALA D 61 -29.03 40.99 -32.67
N ALA D 62 -28.02 41.86 -32.71
CA ALA D 62 -28.27 43.29 -32.60
C ALA D 62 -29.08 43.80 -33.79
N LYS D 63 -28.78 43.34 -34.99
CA LYS D 63 -29.50 43.76 -36.18
C LYS D 63 -30.68 42.84 -36.46
N GLY E 18 -14.44 4.17 53.67
CA GLY E 18 -14.93 5.26 52.84
C GLY E 18 -14.14 6.54 53.00
N VAL E 19 -12.87 6.51 52.59
CA VAL E 19 -12.03 7.71 52.68
C VAL E 19 -12.55 8.81 51.78
N PHE E 20 -12.94 8.46 50.55
CA PHE E 20 -13.50 9.40 49.60
C PHE E 20 -14.97 9.08 49.36
N THR E 21 -15.79 10.11 49.20
CA THR E 21 -17.20 9.92 48.89
C THR E 21 -17.36 9.50 47.43
N ARG E 22 -18.60 9.21 47.04
CA ARG E 22 -18.86 8.84 45.66
C ARG E 22 -18.54 9.99 44.71
N GLU E 23 -18.91 11.21 45.09
CA GLU E 23 -18.67 12.36 44.22
C GLU E 23 -17.19 12.68 44.10
N GLN E 24 -16.42 12.51 45.18
CA GLN E 24 -14.98 12.76 45.12
C GLN E 24 -14.30 11.83 44.11
N LEU E 25 -14.60 10.53 44.21
CA LEU E 25 -14.05 9.56 43.27
C LEU E 25 -14.57 9.78 41.86
N ASP E 26 -15.82 10.23 41.72
CA ASP E 26 -16.37 10.54 40.40
C ASP E 26 -15.58 11.67 39.75
N GLU E 27 -15.33 12.74 40.51
CA GLU E 27 -14.53 13.86 40.00
C GLU E 27 -13.11 13.41 39.68
N TYR E 28 -12.52 12.57 40.54
CA TYR E 28 -11.17 12.08 40.30
C TYR E 28 -11.10 11.28 39.01
N GLN E 29 -12.11 10.43 38.77
CA GLN E 29 -12.11 9.62 37.56
C GLN E 29 -12.31 10.47 36.31
N ASP E 30 -13.16 11.49 36.38
CA ASP E 30 -13.30 12.40 35.24
C ASP E 30 -12.00 13.17 34.97
N CYS E 31 -11.36 13.68 36.02
CA CYS E 31 -10.17 14.50 35.81
C CYS E 31 -8.96 13.69 35.39
N THR E 32 -8.72 12.56 36.05
CA THR E 32 -7.50 11.78 35.87
C THR E 32 -7.79 10.49 35.09
N PHE E 33 -6.75 9.68 34.94
CA PHE E 33 -6.84 8.40 34.24
C PHE E 33 -6.91 7.22 35.21
N PHE E 34 -7.28 7.47 36.46
CA PHE E 34 -7.21 6.46 37.52
C PHE E 34 -8.59 5.99 37.92
N THR E 35 -8.74 4.68 38.09
CA THR E 35 -9.97 4.10 38.61
C THR E 35 -9.96 4.16 40.13
N ARG E 36 -11.04 3.66 40.75
CA ARG E 36 -11.17 3.77 42.20
C ARG E 36 -10.06 2.99 42.91
N LYS E 37 -9.70 1.83 42.39
CA LYS E 37 -8.61 1.06 42.99
C LYS E 37 -7.29 1.83 42.94
N ASP E 38 -7.01 2.48 41.81
CA ASP E 38 -5.79 3.27 41.69
C ASP E 38 -5.80 4.46 42.64
N ILE E 39 -6.95 5.12 42.78
CA ILE E 39 -7.06 6.24 43.71
C ILE E 39 -6.81 5.77 45.14
N ILE E 40 -7.37 4.62 45.51
CA ILE E 40 -7.18 4.09 46.87
C ILE E 40 -5.71 3.73 47.09
N ARG E 41 -5.07 3.10 46.11
CA ARG E 41 -3.67 2.75 46.25
C ARG E 41 -2.79 3.99 46.38
N LEU E 42 -3.08 5.02 45.59
CA LEU E 42 -2.31 6.26 45.67
C LEU E 42 -2.52 6.94 47.02
N TYR E 43 -3.75 6.91 47.54
CA TYR E 43 -4.00 7.46 48.87
C TYR E 43 -3.23 6.68 49.94
N LYS E 44 -3.18 5.35 49.80
CA LYS E 44 -2.42 4.54 50.74
C LYS E 44 -0.94 4.90 50.71
N ARG E 45 -0.38 5.10 49.51
CA ARG E 45 1.01 5.49 49.40
C ARG E 45 1.25 6.87 49.99
N PHE E 46 0.32 7.81 49.74
CA PHE E 46 0.43 9.15 50.29
C PHE E 46 0.41 9.13 51.82
N TYR E 47 -0.48 8.31 52.39
CA TYR E 47 -0.51 8.16 53.85
C TYR E 47 0.78 7.52 54.36
N ALA E 48 1.28 6.51 53.65
CA ALA E 48 2.53 5.85 54.06
C ALA E 48 3.72 6.79 53.99
N LEU E 49 3.67 7.83 53.14
CA LEU E 49 4.77 8.78 53.08
C LEU E 49 4.95 9.50 54.41
N ASN E 50 3.85 9.89 55.05
CA ASN E 50 3.89 10.45 56.40
C ASN E 50 2.55 10.25 57.08
N PRO E 51 2.42 9.23 57.94
CA PRO E 51 1.11 8.98 58.59
C PRO E 51 0.63 10.13 59.45
N HIS E 52 1.53 10.88 60.08
CA HIS E 52 1.11 11.92 61.00
C HIS E 52 0.49 13.10 60.26
N LYS E 53 1.10 13.52 59.16
CA LYS E 53 0.64 14.70 58.44
C LYS E 53 -0.56 14.44 57.54
N VAL E 54 -0.88 13.17 57.26
CA VAL E 54 -1.97 12.82 56.36
C VAL E 54 -3.14 12.33 57.21
N PRO E 55 -4.26 13.06 57.25
CA PRO E 55 -5.41 12.57 58.03
C PRO E 55 -6.03 11.34 57.41
N THR E 56 -6.52 10.44 58.26
CA THR E 56 -7.19 9.24 57.77
C THR E 56 -8.48 9.58 57.03
N ASN E 57 -9.26 10.51 57.57
CA ASN E 57 -10.51 10.93 56.97
C ASN E 57 -10.29 12.25 56.24
N MET E 58 -10.65 12.28 54.95
CA MET E 58 -10.39 13.45 54.13
C MET E 58 -11.57 13.79 53.22
N GLN E 59 -12.79 13.47 53.65
CA GLN E 59 -13.97 13.83 52.88
C GLN E 59 -14.11 15.35 52.80
N GLY E 60 -14.43 15.84 51.61
CA GLY E 60 -14.63 17.27 51.42
C GLY E 60 -13.47 17.95 50.70
N ASN E 61 -13.03 19.09 51.24
CA ASN E 61 -11.94 19.86 50.67
C ASN E 61 -10.60 19.56 51.33
N ARG E 62 -10.53 18.50 52.14
CA ARG E 62 -9.28 18.14 52.80
C ARG E 62 -8.13 17.85 51.85
N PRO E 63 -8.31 17.13 50.73
CA PRO E 63 -7.15 16.86 49.86
C PRO E 63 -6.44 18.10 49.37
N ALA E 64 -7.16 19.19 49.11
CA ALA E 64 -6.52 20.40 48.62
C ALA E 64 -5.68 21.10 49.69
N ILE E 65 -5.91 20.80 50.96
CA ILE E 65 -5.21 21.47 52.05
C ILE E 65 -4.14 20.59 52.70
N THR E 66 -4.13 19.29 52.42
CA THR E 66 -3.10 18.41 52.96
C THR E 66 -1.86 18.46 52.08
N THR E 67 -0.72 18.78 52.68
CA THR E 67 0.52 18.98 51.94
C THR E 67 1.66 18.23 52.61
N LEU E 68 2.66 17.89 51.79
CA LEU E 68 3.89 17.26 52.26
C LEU E 68 5.08 18.03 51.70
N THR E 69 6.18 18.01 52.45
CA THR E 69 7.38 18.69 52.01
C THR E 69 7.95 18.03 50.76
N PHE E 70 8.74 18.81 50.01
CA PHE E 70 9.32 18.29 48.78
C PHE E 70 10.25 17.13 49.05
N GLU E 71 11.05 17.22 50.13
CA GLU E 71 11.99 16.14 50.46
C GLU E 71 11.26 14.84 50.78
N GLU E 72 10.15 14.93 51.52
CA GLU E 72 9.41 13.73 51.89
C GLU E 72 8.86 13.02 50.66
N VAL E 73 8.36 13.76 49.68
CA VAL E 73 7.88 13.14 48.45
C VAL E 73 9.05 12.61 47.63
N GLU E 74 10.17 13.34 47.60
CA GLU E 74 11.35 12.87 46.90
C GLU E 74 11.99 11.64 47.54
N LYS E 75 11.60 11.32 48.78
CA LYS E 75 12.13 10.13 49.45
C LYS E 75 11.54 8.83 48.93
N MET E 76 10.46 8.88 48.15
CA MET E 76 9.84 7.66 47.68
C MET E 76 10.74 6.98 46.64
N PRO E 77 10.67 5.66 46.52
CA PRO E 77 11.56 4.94 45.60
C PRO E 77 11.37 5.34 44.14
N GLU E 78 10.17 5.77 43.76
CA GLU E 78 9.91 6.11 42.36
C GLU E 78 10.74 7.31 41.91
N LEU E 79 10.86 8.33 42.76
CA LEU E 79 11.57 9.55 42.43
C LEU E 79 12.94 9.64 43.11
N LYS E 80 13.38 8.58 43.79
CA LYS E 80 14.60 8.66 44.57
C LYS E 80 15.83 8.86 43.69
N GLU E 81 15.92 8.14 42.58
CA GLU E 81 17.11 8.15 41.74
C GLU E 81 16.95 9.03 40.50
N ASN E 82 15.86 9.77 40.39
CA ASN E 82 15.67 10.63 39.24
C ASN E 82 16.55 11.88 39.37
N PRO E 83 17.36 12.20 38.37
CA PRO E 83 18.10 13.47 38.42
C PRO E 83 17.19 14.69 38.45
N PHE E 84 16.03 14.63 37.79
CA PHE E 84 15.09 15.74 37.74
C PHE E 84 13.92 15.58 38.70
N LYS E 85 14.16 14.95 39.86
CA LYS E 85 13.09 14.79 40.84
C LYS E 85 12.59 16.14 41.35
N ARG E 86 13.52 17.05 41.64
CA ARG E 86 13.15 18.38 42.10
C ARG E 86 12.36 19.14 41.04
N ARG E 87 12.79 19.02 39.77
CA ARG E 87 12.07 19.68 38.70
C ARG E 87 10.67 19.13 38.54
N ILE E 88 10.50 17.82 38.66
CA ILE E 88 9.18 17.22 38.56
C ILE E 88 8.28 17.71 39.69
N CYS E 89 8.83 17.72 40.92
CA CYS E 89 8.05 18.19 42.06
C CYS E 89 7.65 19.65 41.90
N GLU E 90 8.57 20.49 41.43
CA GLU E 90 8.26 21.91 41.23
C GLU E 90 7.22 22.10 40.14
N VAL E 91 7.35 21.36 39.04
CA VAL E 91 6.41 21.51 37.92
C VAL E 91 5.01 21.10 38.33
N PHE E 92 4.88 19.98 39.03
CA PHE E 92 3.56 19.46 39.38
C PHE E 92 3.00 20.04 40.67
N SER E 93 3.74 20.92 41.35
CA SER E 93 3.25 21.52 42.58
C SER E 93 2.23 22.62 42.27
N GLU E 94 1.49 23.01 43.30
CA GLU E 94 0.53 24.09 43.20
C GLU E 94 1.26 25.42 43.41
N ASP E 95 0.50 26.50 43.61
CA ASP E 95 1.10 27.81 43.84
C ASP E 95 2.00 27.81 45.07
N GLY E 96 1.68 26.99 46.07
CA GLY E 96 2.54 26.90 47.23
C GLY E 96 3.91 26.37 46.86
N ARG E 97 4.94 27.00 47.44
CA ARG E 97 6.32 26.62 47.17
C ARG E 97 6.85 25.74 48.28
N GLY E 98 7.47 24.62 47.90
CA GLY E 98 8.01 23.67 48.86
C GLY E 98 7.00 22.68 49.41
N ASN E 99 5.75 22.73 48.96
CA ASN E 99 4.71 21.84 49.44
C ASN E 99 3.99 21.19 48.26
N LEU E 100 3.66 19.91 48.40
CA LEU E 100 2.96 19.15 47.38
C LEU E 100 1.72 18.54 48.00
N SER E 101 0.57 18.74 47.37
CA SER E 101 -0.70 18.29 47.93
C SER E 101 -1.12 16.96 47.30
N PHE E 102 -2.20 16.39 47.82
CA PHE E 102 -2.69 15.12 47.30
C PHE E 102 -3.18 15.25 45.87
N ASP E 103 -3.84 16.36 45.54
CA ASP E 103 -4.30 16.57 44.17
C ASP E 103 -3.12 16.70 43.21
N ASP E 104 -2.08 17.43 43.61
CA ASP E 104 -0.88 17.52 42.77
C ASP E 104 -0.18 16.18 42.65
N PHE E 105 -0.18 15.39 43.73
CA PHE E 105 0.38 14.05 43.69
C PHE E 105 -0.37 13.19 42.67
N LEU E 106 -1.70 13.27 42.68
CA LEU E 106 -2.52 12.52 41.73
C LEU E 106 -2.26 12.98 40.30
N ASP E 107 -2.16 14.29 40.09
CA ASP E 107 -1.89 14.82 38.75
C ASP E 107 -0.53 14.33 38.25
N MET E 108 0.47 14.35 39.13
CA MET E 108 1.80 13.90 38.75
C MET E 108 1.79 12.44 38.34
N PHE E 109 1.20 11.58 39.16
CA PHE E 109 1.26 10.17 38.85
C PHE E 109 0.21 9.72 37.85
N SER E 110 -0.70 10.62 37.45
CA SER E 110 -1.57 10.35 36.30
C SER E 110 -0.96 10.83 35.00
N VAL E 111 -0.12 11.87 35.04
CA VAL E 111 0.56 12.31 33.83
C VAL E 111 1.59 11.28 33.38
N PHE E 112 2.32 10.69 34.33
CA PHE E 112 3.37 9.72 34.03
C PHE E 112 2.82 8.35 33.68
N SER E 113 1.53 8.10 33.87
CA SER E 113 0.96 6.79 33.62
C SER E 113 1.10 6.40 32.16
N GLU E 114 0.94 5.11 31.89
CA GLU E 114 0.98 4.61 30.52
C GLU E 114 -0.29 4.95 29.74
N MET E 115 -1.37 5.30 30.43
CA MET E 115 -2.62 5.66 29.77
C MET E 115 -2.66 7.12 29.34
N ALA E 116 -1.72 7.94 29.79
CA ALA E 116 -1.71 9.34 29.41
C ALA E 116 -1.38 9.49 27.93
N PRO E 117 -1.98 10.46 27.24
CA PRO E 117 -1.69 10.64 25.82
C PRO E 117 -0.30 11.25 25.60
N LEU E 118 0.16 11.16 24.36
CA LEU E 118 1.48 11.66 24.02
C LEU E 118 1.57 13.17 24.18
N GLN E 119 0.49 13.90 23.88
CA GLN E 119 0.53 15.36 23.94
C GLN E 119 0.73 15.85 25.38
N LEU E 120 0.01 15.26 26.32
CA LEU E 120 0.16 15.67 27.73
C LEU E 120 1.56 15.37 28.23
N LYS E 121 2.10 14.21 27.88
CA LYS E 121 3.46 13.86 28.27
C LYS E 121 4.46 14.84 27.68
N LEU E 122 4.27 15.21 26.40
CA LEU E 122 5.17 16.18 25.77
C LEU E 122 5.11 17.54 26.46
N LYS E 123 3.90 18.01 26.76
CA LYS E 123 3.75 19.31 27.42
C LYS E 123 4.45 19.31 28.77
N TYR E 124 4.23 18.27 29.58
CA TYR E 124 4.83 18.27 30.91
C TYR E 124 6.32 17.98 30.87
N ALA E 125 6.80 17.22 29.87
CA ALA E 125 8.24 17.04 29.72
C ALA E 125 8.92 18.35 29.35
N PHE E 126 8.31 19.12 28.46
CA PHE E 126 8.86 20.44 28.13
C PHE E 126 8.85 21.35 29.35
N ARG E 127 7.76 21.32 30.13
CA ARG E 127 7.70 22.15 31.33
C ARG E 127 8.75 21.72 32.36
N ILE E 128 9.06 20.43 32.42
CA ILE E 128 10.09 19.95 33.35
C ILE E 128 11.48 20.39 32.88
N TYR E 129 11.75 20.27 31.58
CA TYR E 129 13.12 20.44 31.08
C TYR E 129 13.61 21.88 31.10
N ASP E 130 12.73 22.86 31.30
CA ASP E 130 13.16 24.24 31.47
C ASP E 130 13.19 24.58 32.96
N TYR E 131 14.03 25.57 33.29
CA TYR E 131 14.26 25.92 34.69
C TYR E 131 13.82 27.33 35.03
N ASP E 132 14.16 28.32 34.20
CA ASP E 132 13.73 29.69 34.46
C ASP E 132 12.21 29.81 34.40
N GLY E 133 11.59 29.15 33.42
CA GLY E 133 10.14 29.17 33.31
C GLY E 133 9.63 30.20 32.32
N ASP E 134 10.40 30.43 31.25
CA ASP E 134 10.02 31.38 30.21
C ASP E 134 9.57 30.69 28.93
N GLU E 135 9.15 29.43 29.02
CA GLU E 135 8.60 28.66 27.90
C GLU E 135 9.61 28.54 26.75
N LEU E 136 10.91 28.54 27.07
CA LEU E 136 11.94 28.42 26.05
C LEU E 136 13.11 27.62 26.63
N LEU E 137 13.67 26.75 25.80
CA LEU E 137 14.82 25.92 26.19
C LEU E 137 16.07 26.60 25.64
N GLY E 138 16.69 27.44 26.46
CA GLY E 138 17.88 28.16 26.07
C GLY E 138 19.14 27.33 26.24
N HIS E 139 20.28 28.00 26.03
CA HIS E 139 21.56 27.34 26.21
C HIS E 139 21.79 26.96 27.68
N ASP E 140 21.43 27.85 28.59
CA ASP E 140 21.65 27.57 30.02
C ASP E 140 20.81 26.39 30.50
N ASP E 141 19.54 26.32 30.08
CA ASP E 141 18.68 25.23 30.51
C ASP E 141 19.18 23.89 29.97
N LEU E 142 19.59 23.86 28.70
CA LEU E 142 20.11 22.63 28.12
C LEU E 142 21.42 22.22 28.80
N SER E 143 22.29 23.20 29.10
CA SER E 143 23.52 22.88 29.80
C SER E 143 23.24 22.32 31.19
N LYS E 144 22.29 22.90 31.91
CA LYS E 144 21.92 22.38 33.22
C LYS E 144 21.37 20.96 33.11
N MET E 145 20.52 20.71 32.12
CA MET E 145 19.98 19.37 31.93
C MET E 145 21.08 18.36 31.61
N ILE E 146 22.04 18.76 30.77
CA ILE E 146 23.14 17.86 30.42
C ILE E 146 23.98 17.55 31.66
N ARG E 147 24.35 18.57 32.42
CA ARG E 147 25.15 18.34 33.61
C ARG E 147 24.39 17.60 34.71
N SER E 148 23.06 17.61 34.66
CA SER E 148 22.26 16.84 35.61
C SER E 148 22.14 15.38 35.20
N LEU E 149 21.85 15.12 33.91
CA LEU E 149 21.69 13.75 33.45
C LEU E 149 23.03 13.02 33.39
N THR E 150 24.05 13.67 32.86
CA THR E 150 25.38 13.09 32.71
C THR E 150 26.13 12.98 34.04
N ARG E 151 25.78 13.82 35.02
CA ARG E 151 26.43 13.87 36.33
C ARG E 151 27.86 14.42 36.22
N ASP E 152 28.01 15.47 35.41
CA ASP E 152 29.29 16.18 35.26
C ASP E 152 30.42 15.22 34.86
N GLU E 153 30.11 14.32 33.93
CA GLU E 153 31.09 13.37 33.40
C GLU E 153 31.51 13.73 31.98
N LEU E 154 31.26 14.96 31.55
CA LEU E 154 31.63 15.41 30.22
C LEU E 154 32.41 16.71 30.34
N SER E 155 33.40 16.88 29.48
CA SER E 155 34.21 18.10 29.49
C SER E 155 33.37 19.28 29.02
N ASP E 156 33.84 20.49 29.37
CA ASP E 156 33.10 21.71 29.01
C ASP E 156 32.99 21.85 27.50
N VAL E 157 34.06 21.55 26.77
CA VAL E 157 33.99 21.57 25.31
C VAL E 157 32.99 20.54 24.82
N GLU E 158 32.99 19.35 25.43
CA GLU E 158 32.03 18.30 25.08
C GLU E 158 30.61 18.78 25.29
N VAL E 159 30.33 19.35 26.47
CA VAL E 159 28.98 19.84 26.77
C VAL E 159 28.57 20.90 25.76
N GLU E 160 29.43 21.90 25.55
CA GLU E 160 29.10 23.01 24.65
C GLU E 160 28.86 22.52 23.23
N PHE E 161 29.64 21.55 22.77
CA PHE E 161 29.41 20.94 21.46
C PHE E 161 28.02 20.31 21.43
N ILE E 162 27.61 19.65 22.54
CA ILE E 162 26.30 19.03 22.58
C ILE E 162 25.19 20.08 22.48
N ILE E 163 25.28 21.16 23.25
CA ILE E 163 24.20 22.16 23.13
C ILE E 163 24.24 22.81 21.76
N GLU E 164 25.43 23.00 21.17
CA GLU E 164 25.49 23.56 19.82
C GLU E 164 24.72 22.68 18.84
N ARG E 165 24.94 21.36 18.90
CA ARG E 165 24.21 20.44 18.03
C ARG E 165 22.71 20.51 18.30
N ILE E 166 22.33 20.50 19.58
CA ILE E 166 20.92 20.48 19.93
C ILE E 166 20.22 21.73 19.40
N ILE E 167 20.82 22.90 19.58
CA ILE E 167 20.18 24.14 19.16
C ILE E 167 20.16 24.24 17.64
N GLU E 168 21.23 23.81 16.96
CA GLU E 168 21.26 24.00 15.51
C GLU E 168 20.38 23.00 14.78
N GLU E 169 20.18 21.80 15.33
CA GLU E 169 19.38 20.80 14.65
C GLU E 169 17.94 20.74 15.14
N ALA E 170 17.55 21.61 16.08
CA ALA E 170 16.19 21.65 16.59
C ALA E 170 15.71 23.08 16.72
N ASP E 171 15.96 23.90 15.71
CA ASP E 171 15.52 25.29 15.70
C ASP E 171 15.06 25.65 14.29
N LEU E 172 13.91 26.31 14.20
CA LEU E 172 13.36 26.73 12.93
C LEU E 172 13.30 28.24 12.76
N ASP E 173 13.18 29.00 13.85
CA ASP E 173 13.11 30.45 13.80
C ASP E 173 14.47 31.12 14.00
N GLY E 174 15.53 30.34 14.20
CA GLY E 174 16.85 30.90 14.42
C GLY E 174 16.93 31.75 15.66
N ASP E 175 16.17 31.39 16.70
CA ASP E 175 16.14 32.12 17.95
C ASP E 175 17.19 31.63 18.95
N SER E 176 17.93 30.58 18.62
CA SER E 176 18.90 29.95 19.51
C SER E 176 18.20 29.40 20.75
N SER E 177 16.87 29.28 20.69
CA SER E 177 16.08 28.71 21.76
C SER E 177 14.97 27.86 21.15
N ILE E 178 14.59 26.80 21.86
CA ILE E 178 13.58 25.86 21.38
C ILE E 178 12.27 26.14 22.11
N ASN E 179 11.21 26.39 21.35
CA ASN E 179 9.89 26.60 21.92
C ASN E 179 9.19 25.24 22.07
N PHE E 180 7.95 25.28 22.57
CA PHE E 180 7.21 24.04 22.78
C PHE E 180 6.91 23.34 21.46
N ALA E 181 6.54 24.10 20.43
CA ALA E 181 6.16 23.49 19.16
C ALA E 181 7.34 22.74 18.54
N GLU E 182 8.53 23.36 18.54
CA GLU E 182 9.69 22.71 17.96
C GLU E 182 10.10 21.48 18.79
N PHE E 183 10.05 21.60 20.11
CA PHE E 183 10.37 20.46 20.98
C PHE E 183 9.45 19.29 20.70
N GLU E 184 8.14 19.55 20.61
CA GLU E 184 7.18 18.50 20.31
C GLU E 184 7.44 17.90 18.92
N HIS E 185 7.65 18.75 17.93
CA HIS E 185 7.87 18.25 16.57
C HIS E 185 9.13 17.40 16.49
N VAL E 186 10.12 17.68 17.33
CA VAL E 186 11.37 16.93 17.26
C VAL E 186 11.28 15.61 18.02
N VAL E 187 10.83 15.66 19.28
CA VAL E 187 10.93 14.49 20.15
C VAL E 187 9.65 13.67 20.20
N SER E 188 8.60 14.06 19.48
CA SER E 188 7.42 13.20 19.41
C SER E 188 7.58 12.07 18.41
N ARG E 189 8.57 12.14 17.53
CA ARG E 189 8.85 11.07 16.59
C ARG E 189 9.87 10.07 17.11
N SER E 190 10.43 10.32 18.30
CA SER E 190 11.30 9.34 18.94
C SER E 190 10.46 8.20 19.51
N PRO E 191 10.77 6.94 19.19
CA PRO E 191 9.99 5.83 19.73
C PRO E 191 10.26 5.53 21.20
N ASP E 192 11.27 6.15 21.80
CA ASP E 192 11.66 5.86 23.17
C ASP E 192 11.18 6.89 24.18
N PHE E 193 10.41 7.90 23.75
CA PHE E 193 9.96 8.92 24.70
C PHE E 193 8.87 8.38 25.61
N ILE E 194 7.83 7.79 25.01
CA ILE E 194 6.72 7.25 25.81
C ILE E 194 7.21 6.08 26.66
N ARG E 195 8.13 5.28 26.12
CA ARG E 195 8.69 4.15 26.84
C ARG E 195 9.46 4.60 28.07
N THR E 196 10.22 5.68 27.95
CA THR E 196 11.03 6.19 29.04
C THR E 196 10.24 7.11 29.98
N PHE E 197 9.51 8.08 29.42
CA PHE E 197 8.73 9.02 30.23
C PHE E 197 7.50 8.29 30.77
N HIS E 198 7.73 7.48 31.79
CA HIS E 198 6.69 6.64 32.36
C HIS E 198 7.11 6.23 33.77
N ILE E 199 6.20 6.39 34.72
CA ILE E 199 6.42 5.96 36.10
C ILE E 199 5.26 5.06 36.49
N ARG E 200 5.57 3.82 36.88
CA ARG E 200 4.55 2.85 37.22
C ARG E 200 4.23 2.94 38.71
N ILE E 201 2.94 3.02 39.02
CA ILE E 201 2.50 3.14 40.40
C ILE E 201 1.03 2.76 40.50
N VAL F 18 6.54 -50.18 45.53
CA VAL F 18 6.12 -51.57 45.34
C VAL F 18 6.71 -52.14 44.05
N ALA F 19 5.95 -52.02 42.95
CA ALA F 19 6.42 -52.51 41.67
C ALA F 19 7.63 -51.72 41.20
N PRO F 20 8.59 -52.39 40.55
CA PRO F 20 9.83 -51.68 40.16
C PRO F 20 9.65 -50.84 38.90
N GLY F 21 8.79 -51.28 38.00
CA GLY F 21 8.56 -50.55 36.77
C GLY F 21 7.18 -49.94 36.67
N LEU F 22 6.31 -50.32 37.61
CA LEU F 22 4.93 -49.85 37.61
C LEU F 22 4.52 -49.08 38.85
N ARG F 23 5.40 -48.98 39.86
CA ARG F 23 5.07 -48.20 41.06
C ARG F 23 6.22 -47.34 41.58
N LEU F 24 7.48 -47.64 41.24
CA LEU F 24 8.59 -46.84 41.78
C LEU F 24 8.54 -45.42 41.24
N TRP F 25 8.14 -45.25 39.98
CA TRP F 25 8.15 -43.92 39.38
C TRP F 25 7.11 -43.01 40.03
N MET F 26 5.96 -43.53 40.46
CA MET F 26 5.03 -42.70 41.22
C MET F 26 5.64 -42.22 42.52
N LEU F 27 6.35 -43.10 43.23
CA LEU F 27 6.98 -42.69 44.48
C LEU F 27 8.05 -41.62 44.23
N ILE F 28 8.87 -41.81 43.21
CA ILE F 28 9.91 -40.83 42.89
C ILE F 28 9.28 -39.50 42.50
N ALA F 29 8.23 -39.54 41.69
CA ALA F 29 7.55 -38.32 41.26
C ALA F 29 6.91 -37.60 42.45
N LEU F 30 6.30 -38.35 43.37
CA LEU F 30 5.69 -37.73 44.54
C LEU F 30 6.74 -37.09 45.44
N VAL F 31 7.88 -37.77 45.63
CA VAL F 31 8.96 -37.20 46.44
C VAL F 31 9.48 -35.92 45.78
N GLY F 32 9.70 -35.97 44.46
CA GLY F 32 10.16 -34.79 43.76
C GLY F 32 9.16 -33.66 43.82
N GLY F 33 7.87 -33.98 43.71
CA GLY F 33 6.85 -32.95 43.75
C GLY F 33 6.75 -32.27 45.11
N VAL F 34 6.79 -33.06 46.20
CA VAL F 34 6.72 -32.45 47.52
C VAL F 34 7.99 -31.66 47.81
N LEU F 35 9.15 -32.16 47.36
CA LEU F 35 10.39 -31.40 47.54
C LEU F 35 10.35 -30.10 46.77
N LEU F 36 9.83 -30.12 45.54
CA LEU F 36 9.74 -28.91 44.74
C LEU F 36 8.73 -27.93 45.33
N ILE F 37 7.63 -28.43 45.88
CA ILE F 37 6.67 -27.55 46.54
C ILE F 37 7.31 -26.88 47.76
N MET F 38 8.05 -27.65 48.55
CA MET F 38 8.75 -27.06 49.70
C MET F 38 9.77 -26.02 49.26
N ILE F 39 10.51 -26.31 48.19
CA ILE F 39 11.51 -25.37 47.69
C ILE F 39 10.84 -24.08 47.21
N VAL F 40 9.73 -24.21 46.47
CA VAL F 40 9.04 -23.05 45.95
C VAL F 40 8.46 -22.21 47.09
N ILE F 41 7.85 -22.86 48.08
CA ILE F 41 7.29 -22.13 49.21
C ILE F 41 8.40 -21.42 49.99
N VAL F 42 9.52 -22.10 50.21
CA VAL F 42 10.63 -21.49 50.94
C VAL F 42 11.22 -20.32 50.14
N CYS F 43 11.38 -20.51 48.84
CA CYS F 43 11.98 -19.47 48.00
C CYS F 43 11.01 -18.34 47.67
N CYS F 44 9.79 -18.43 48.19
CA CYS F 44 8.80 -17.39 47.99
C CYS F 44 8.74 -16.49 49.22
N PHE F 45 9.65 -16.73 50.17
CA PHE F 45 9.65 -15.97 51.43
C PHE F 45 11.00 -15.32 51.67
N MET F 46 11.92 -15.45 50.73
CA MET F 46 13.24 -14.84 50.84
C MET F 46 13.64 -14.25 49.50
N ARG F 47 14.65 -13.38 49.55
CA ARG F 47 14.98 -12.46 48.45
C ARG F 47 16.44 -12.61 48.05
N ILE F 48 16.85 -13.85 47.76
CA ILE F 48 18.23 -14.12 47.34
C ILE F 48 18.64 -13.16 46.23
N ARG F 49 19.88 -12.68 46.32
CA ARG F 49 20.48 -11.84 45.27
C ARG F 49 21.93 -12.32 45.10
N ILE F 50 22.13 -13.26 44.19
CA ILE F 50 23.44 -13.89 44.04
C ILE F 50 24.52 -12.89 43.58
N PRO F 51 24.32 -12.10 42.52
CA PRO F 51 25.40 -11.22 42.07
C PRO F 51 25.71 -10.13 43.08
N ARG F 52 26.95 -9.68 43.04
CA ARG F 52 27.42 -8.58 43.88
C ARG F 52 27.56 -7.32 43.05
N THR F 53 27.39 -6.18 43.72
CA THR F 53 27.42 -4.89 43.04
C THR F 53 28.83 -4.59 42.54
N LYS F 54 28.90 -3.65 41.59
CA LYS F 54 30.19 -3.26 41.02
C LYS F 54 31.10 -2.65 42.08
N ARG F 55 30.52 -1.99 43.09
CA ARG F 55 31.33 -1.43 44.16
C ARG F 55 32.06 -2.51 44.94
N GLN F 56 31.36 -3.62 45.26
CA GLN F 56 32.00 -4.73 45.95
C GLN F 56 33.08 -5.37 45.09
N ILE F 57 32.81 -5.50 43.78
CA ILE F 57 33.80 -6.08 42.88
C ILE F 57 35.06 -5.21 42.85
N ASP F 58 34.89 -3.89 42.75
CA ASP F 58 36.03 -2.99 42.74
C ASP F 58 36.79 -3.02 44.06
N LEU F 59 36.07 -3.08 45.18
CA LEU F 59 36.72 -3.16 46.49
C LEU F 59 37.52 -4.44 46.62
N ILE F 60 36.97 -5.56 46.15
CA ILE F 60 37.70 -6.83 46.20
C ILE F 60 38.93 -6.77 45.30
N ALA F 61 38.79 -6.21 44.10
CA ALA F 61 39.91 -6.12 43.18
C ALA F 61 41.03 -5.25 43.73
N ALA F 62 40.68 -4.14 44.38
CA ALA F 62 41.69 -3.27 44.96
C ALA F 62 42.45 -3.98 46.08
N LYS F 63 41.74 -4.71 46.92
CA LYS F 63 42.36 -5.44 48.03
C LYS F 63 42.76 -6.85 47.59
#